data_2AOA
# 
_entry.id   2AOA 
# 
_audit_conform.dict_name       mmcif_pdbx.dic 
_audit_conform.dict_version    5.387 
_audit_conform.dict_location   http://mmcif.pdb.org/dictionaries/ascii/mmcif_pdbx.dic 
# 
loop_
_database_2.database_id 
_database_2.database_code 
_database_2.pdbx_database_accession 
_database_2.pdbx_DOI 
PDB   2AOA         pdb_00002aoa 10.2210/pdb2aoa/pdb 
RCSB  RCSB034124   ?            ?                   
WWPDB D_1000034124 ?            ?                   
# 
loop_
_pdbx_audit_revision_history.ordinal 
_pdbx_audit_revision_history.data_content_type 
_pdbx_audit_revision_history.major_revision 
_pdbx_audit_revision_history.minor_revision 
_pdbx_audit_revision_history.revision_date 
1 'Structure model' 1 0 2005-10-04 
2 'Structure model' 1 1 2008-04-30 
3 'Structure model' 1 2 2011-07-13 
4 'Structure model' 1 3 2017-10-11 
5 'Structure model' 1 4 2024-02-14 
# 
_pdbx_audit_revision_details.ordinal             1 
_pdbx_audit_revision_details.revision_ordinal    1 
_pdbx_audit_revision_details.data_content_type   'Structure model' 
_pdbx_audit_revision_details.provider            repository 
_pdbx_audit_revision_details.type                'Initial release' 
_pdbx_audit_revision_details.description         ? 
_pdbx_audit_revision_details.details             ? 
# 
loop_
_pdbx_audit_revision_group.ordinal 
_pdbx_audit_revision_group.revision_ordinal 
_pdbx_audit_revision_group.data_content_type 
_pdbx_audit_revision_group.group 
1 2 'Structure model' 'Version format compliance' 
2 3 'Structure model' 'Derived calculations'      
3 3 'Structure model' 'Version format compliance' 
4 4 'Structure model' 'Refinement description'    
5 5 'Structure model' 'Data collection'           
6 5 'Structure model' 'Database references'       
7 5 'Structure model' 'Derived calculations'      
8 5 'Structure model' 'Structure summary'         
# 
loop_
_pdbx_audit_revision_category.ordinal 
_pdbx_audit_revision_category.revision_ordinal 
_pdbx_audit_revision_category.data_content_type 
_pdbx_audit_revision_category.category 
1 4 'Structure model' software       
2 5 'Structure model' chem_comp      
3 5 'Structure model' chem_comp_atom 
4 5 'Structure model' chem_comp_bond 
5 5 'Structure model' database_2     
6 5 'Structure model' struct_site    
# 
loop_
_pdbx_audit_revision_item.ordinal 
_pdbx_audit_revision_item.revision_ordinal 
_pdbx_audit_revision_item.data_content_type 
_pdbx_audit_revision_item.item 
1 4 'Structure model' '_software.classification'            
2 4 'Structure model' '_software.name'                      
3 5 'Structure model' '_chem_comp.pdbx_synonyms'            
4 5 'Structure model' '_database_2.pdbx_DOI'                
5 5 'Structure model' '_database_2.pdbx_database_accession' 
6 5 'Structure model' '_struct_site.pdbx_auth_asym_id'      
7 5 'Structure model' '_struct_site.pdbx_auth_comp_id'      
8 5 'Structure model' '_struct_site.pdbx_auth_seq_id'       
# 
_pdbx_database_status.status_code                     REL 
_pdbx_database_status.entry_id                        2AOA 
_pdbx_database_status.recvd_initial_deposition_date   2005-08-12 
_pdbx_database_status.deposit_site                    RCSB 
_pdbx_database_status.process_site                    RCSB 
_pdbx_database_status.status_code_sf                  REL 
_pdbx_database_status.status_code_mr                  ? 
_pdbx_database_status.SG_entry                        ? 
_pdbx_database_status.pdb_format_compatible           Y 
_pdbx_database_status.status_code_cs                  ? 
_pdbx_database_status.methods_development_category    ? 
_pdbx_database_status.status_code_nmr_data            ? 
# 
loop_
_audit_author.name 
_audit_author.pdbx_ordinal 
'Phan, J.'    1 
'Shi, Z.D.'   2 
'Burke, T.R.' 3 
'Waugh, D.S.' 4 
# 
_citation.id                        primary 
_citation.title                     
'Crystal Structures of a High-affinity Macrocyclic Peptide Mimetic in Complex with the Grb2 SH2 Domain.' 
_citation.journal_abbrev            J.Mol.Biol. 
_citation.journal_volume            353 
_citation.page_first                104 
_citation.page_last                 115 
_citation.year                      2005 
_citation.journal_id_ASTM           JMOBAK 
_citation.country                   UK 
_citation.journal_id_ISSN           0022-2836 
_citation.journal_id_CSD            0070 
_citation.book_publisher            ? 
_citation.pdbx_database_id_PubMed   16165154 
_citation.pdbx_database_id_DOI      10.1016/j.jmb.2005.08.037 
# 
loop_
_citation_author.citation_id 
_citation_author.name 
_citation_author.ordinal 
_citation_author.identifier_ORCID 
primary 'Phan, J.'    1 ? 
primary 'Shi, Z.D.'   2 ? 
primary 'Burke, T.R.' 3 ? 
primary 'Waugh, D.S.' 4 ? 
# 
loop_
_entity.id 
_entity.type 
_entity.src_method 
_entity.pdbx_description 
_entity.formula_weight 
_entity.pdbx_number_of_molecules 
_entity.pdbx_ec 
_entity.pdbx_mutation 
_entity.pdbx_fragment 
_entity.details 
1 polymer     man 'Growth factor receptor-bound protein 2' 11575.156 2   ? ? 'SH2 (residues 55 - 153)' ? 
2 non-polymer syn 
;2-(4-((9S,10S,14S,Z)-18-(2-AMINO-2-OXOETHYL)-9-(CARBOXYMETHYL)-14-(NAPHTHALEN-1-YLMETHYL)-8,17,20-TRIOXO-7,16,19-TRIAZASPIRO[5.14]ICOS-11-EN-10-YL)PHENYL)MALONIC ACID
;
754.825   3   ? ? ?                         ? 
3 non-polymer syn 3,6,9,12,15,18-HEXAOXAICOSANE-1,20-DIOL 326.383   1   ? ? ?                         ? 
4 water       nat water 18.015    103 ? ? ?                         ? 
# 
_entity_name_com.entity_id   1 
_entity_name_com.name        'GRB2 adapter protein, SH2/SH3 adapter GRB2, Ash protein' 
# 
_entity_poly.entity_id                      1 
_entity_poly.type                           'polypeptide(L)' 
_entity_poly.nstd_linkage                   no 
_entity_poly.nstd_monomer                   no 
_entity_poly.pdbx_seq_one_letter_code       
;MKPHPWFFGKIPRAKAEEMLSKQRHDGAFLIRESESAPGDFSLSVKFGNDVQHFKVLRDGAGKYFLWVVKFNSLNELVDY
HRSTSVSRNQQIFLRDIEQ
;
_entity_poly.pdbx_seq_one_letter_code_can   
;MKPHPWFFGKIPRAKAEEMLSKQRHDGAFLIRESESAPGDFSLSVKFGNDVQHFKVLRDGAGKYFLWVVKFNSLNELVDY
HRSTSVSRNQQIFLRDIEQ
;
_entity_poly.pdbx_strand_id                 A,B 
_entity_poly.pdbx_target_identifier         ? 
# 
loop_
_pdbx_entity_nonpoly.entity_id 
_pdbx_entity_nonpoly.name 
_pdbx_entity_nonpoly.comp_id 
2 
;2-(4-((9S,10S,14S,Z)-18-(2-AMINO-2-OXOETHYL)-9-(CARBOXYMETHYL)-14-(NAPHTHALEN-1-YLMETHYL)-8,17,20-TRIOXO-7,16,19-TRIAZASPIRO[5.14]ICOS-11-EN-10-YL)PHENYL)MALONIC ACID
;
S1S 
3 3,6,9,12,15,18-HEXAOXAICOSANE-1,20-DIOL P33 
4 water HOH 
# 
loop_
_entity_poly_seq.entity_id 
_entity_poly_seq.num 
_entity_poly_seq.mon_id 
_entity_poly_seq.hetero 
1 1  MET n 
1 2  LYS n 
1 3  PRO n 
1 4  HIS n 
1 5  PRO n 
1 6  TRP n 
1 7  PHE n 
1 8  PHE n 
1 9  GLY n 
1 10 LYS n 
1 11 ILE n 
1 12 PRO n 
1 13 ARG n 
1 14 ALA n 
1 15 LYS n 
1 16 ALA n 
1 17 GLU n 
1 18 GLU n 
1 19 MET n 
1 20 LEU n 
1 21 SER n 
1 22 LYS n 
1 23 GLN n 
1 24 ARG n 
1 25 HIS n 
1 26 ASP n 
1 27 GLY n 
1 28 ALA n 
1 29 PHE n 
1 30 LEU n 
1 31 ILE n 
1 32 ARG n 
1 33 GLU n 
1 34 SER n 
1 35 GLU n 
1 36 SER n 
1 37 ALA n 
1 38 PRO n 
1 39 GLY n 
1 40 ASP n 
1 41 PHE n 
1 42 SER n 
1 43 LEU n 
1 44 SER n 
1 45 VAL n 
1 46 LYS n 
1 47 PHE n 
1 48 GLY n 
1 49 ASN n 
1 50 ASP n 
1 51 VAL n 
1 52 GLN n 
1 53 HIS n 
1 54 PHE n 
1 55 LYS n 
1 56 VAL n 
1 57 LEU n 
1 58 ARG n 
1 59 ASP n 
1 60 GLY n 
1 61 ALA n 
1 62 GLY n 
1 63 LYS n 
1 64 TYR n 
1 65 PHE n 
1 66 LEU n 
1 67 TRP n 
1 68 VAL n 
1 69 VAL n 
1 70 LYS n 
1 71 PHE n 
1 72 ASN n 
1 73 SER n 
1 74 LEU n 
1 75 ASN n 
1 76 GLU n 
1 77 LEU n 
1 78 VAL n 
1 79 ASP n 
1 80 TYR n 
1 81 HIS n 
1 82 ARG n 
1 83 SER n 
1 84 THR n 
1 85 SER n 
1 86 VAL n 
1 87 SER n 
1 88 ARG n 
1 89 ASN n 
1 90 GLN n 
1 91 GLN n 
1 92 ILE n 
1 93 PHE n 
1 94 LEU n 
1 95 ARG n 
1 96 ASP n 
1 97 ILE n 
1 98 GLU n 
1 99 GLN n 
# 
_entity_src_gen.entity_id                          1 
_entity_src_gen.pdbx_src_id                        1 
_entity_src_gen.pdbx_alt_source_flag               sample 
_entity_src_gen.pdbx_seq_type                      ? 
_entity_src_gen.pdbx_beg_seq_num                   ? 
_entity_src_gen.pdbx_end_seq_num                   ? 
_entity_src_gen.gene_src_common_name               human 
_entity_src_gen.gene_src_genus                     Homo 
_entity_src_gen.pdbx_gene_src_gene                 'GRB2, ASH' 
_entity_src_gen.gene_src_species                   ? 
_entity_src_gen.gene_src_strain                    ? 
_entity_src_gen.gene_src_tissue                    ? 
_entity_src_gen.gene_src_tissue_fraction           ? 
_entity_src_gen.gene_src_details                   ? 
_entity_src_gen.pdbx_gene_src_fragment             ? 
_entity_src_gen.pdbx_gene_src_scientific_name      'Homo sapiens' 
_entity_src_gen.pdbx_gene_src_ncbi_taxonomy_id     9606 
_entity_src_gen.pdbx_gene_src_variant              ? 
_entity_src_gen.pdbx_gene_src_cell_line            ? 
_entity_src_gen.pdbx_gene_src_atcc                 ? 
_entity_src_gen.pdbx_gene_src_organ                ? 
_entity_src_gen.pdbx_gene_src_organelle            ? 
_entity_src_gen.pdbx_gene_src_cell                 ? 
_entity_src_gen.pdbx_gene_src_cellular_location    ? 
_entity_src_gen.host_org_common_name               ? 
_entity_src_gen.pdbx_host_org_scientific_name      'Escherichia coli' 
_entity_src_gen.pdbx_host_org_ncbi_taxonomy_id     562 
_entity_src_gen.host_org_genus                     Escherichia 
_entity_src_gen.pdbx_host_org_gene                 ? 
_entity_src_gen.pdbx_host_org_organ                ? 
_entity_src_gen.host_org_species                   ? 
_entity_src_gen.pdbx_host_org_tissue               ? 
_entity_src_gen.pdbx_host_org_tissue_fraction      ? 
_entity_src_gen.pdbx_host_org_strain               ? 
_entity_src_gen.pdbx_host_org_variant              ? 
_entity_src_gen.pdbx_host_org_cell_line            ? 
_entity_src_gen.pdbx_host_org_atcc                 ? 
_entity_src_gen.pdbx_host_org_culture_collection   ? 
_entity_src_gen.pdbx_host_org_cell                 ? 
_entity_src_gen.pdbx_host_org_organelle            ? 
_entity_src_gen.pdbx_host_org_cellular_location    ? 
_entity_src_gen.pdbx_host_org_vector_type          ? 
_entity_src_gen.pdbx_host_org_vector               ? 
_entity_src_gen.host_org_details                   ? 
_entity_src_gen.expression_system_id               ? 
_entity_src_gen.plasmid_name                       ? 
_entity_src_gen.plasmid_details                    ? 
_entity_src_gen.pdbx_description                   ? 
# 
loop_
_chem_comp.id 
_chem_comp.type 
_chem_comp.mon_nstd_flag 
_chem_comp.name 
_chem_comp.pdbx_synonyms 
_chem_comp.formula 
_chem_comp.formula_weight 
ALA 'L-peptide linking' y ALANINE ?                              'C3 H7 N O2'     89.093  
ARG 'L-peptide linking' y ARGININE ?                              'C6 H15 N4 O2 1' 175.209 
ASN 'L-peptide linking' y ASPARAGINE ?                              'C4 H8 N2 O3'    132.118 
ASP 'L-peptide linking' y 'ASPARTIC ACID' ?                              'C4 H7 N O4'     133.103 
GLN 'L-peptide linking' y GLUTAMINE ?                              'C5 H10 N2 O3'   146.144 
GLU 'L-peptide linking' y 'GLUTAMIC ACID' ?                              'C5 H9 N O4'     147.129 
GLY 'peptide linking'   y GLYCINE ?                              'C2 H5 N O2'     75.067  
HIS 'L-peptide linking' y HISTIDINE ?                              'C6 H10 N3 O2 1' 156.162 
HOH non-polymer         . WATER ?                              'H2 O'           18.015  
ILE 'L-peptide linking' y ISOLEUCINE ?                              'C6 H13 N O2'    131.173 
LEU 'L-peptide linking' y LEUCINE ?                              'C6 H13 N O2'    131.173 
LYS 'L-peptide linking' y LYSINE ?                              'C6 H15 N2 O2 1' 147.195 
MET 'L-peptide linking' y METHIONINE ?                              'C5 H11 N O2 S'  149.211 
P33 non-polymer         . 3,6,9,12,15,18-HEXAOXAICOSANE-1,20-DIOL 'HEPTAETHYLENE GLYCOL; PEG330' 'C14 H30 O8'     326.383 
PHE 'L-peptide linking' y PHENYLALANINE ?                              'C9 H11 N O2'    165.189 
PRO 'L-peptide linking' y PROLINE ?                              'C5 H9 N O2'     115.130 
S1S non-polymer         . 
;2-(4-((9S,10S,14S,Z)-18-(2-AMINO-2-OXOETHYL)-9-(CARBOXYMETHYL)-14-(NAPHTHALEN-1-YLMETHYL)-8,17,20-TRIOXO-7,16,19-TRIAZASPIRO[5.14]ICOS-11-EN-10-YL)PHENYL)MALONIC ACID
;
?                              'C41 H46 N4 O10' 754.825 
SER 'L-peptide linking' y SERINE ?                              'C3 H7 N O3'     105.093 
THR 'L-peptide linking' y THREONINE ?                              'C4 H9 N O3'     119.119 
TRP 'L-peptide linking' y TRYPTOPHAN ?                              'C11 H12 N2 O2'  204.225 
TYR 'L-peptide linking' y TYROSINE ?                              'C9 H11 N O3'    181.189 
VAL 'L-peptide linking' y VALINE ?                              'C5 H11 N O2'    117.146 
# 
loop_
_pdbx_poly_seq_scheme.asym_id 
_pdbx_poly_seq_scheme.entity_id 
_pdbx_poly_seq_scheme.seq_id 
_pdbx_poly_seq_scheme.mon_id 
_pdbx_poly_seq_scheme.ndb_seq_num 
_pdbx_poly_seq_scheme.pdb_seq_num 
_pdbx_poly_seq_scheme.auth_seq_num 
_pdbx_poly_seq_scheme.pdb_mon_id 
_pdbx_poly_seq_scheme.auth_mon_id 
_pdbx_poly_seq_scheme.pdb_strand_id 
_pdbx_poly_seq_scheme.pdb_ins_code 
_pdbx_poly_seq_scheme.hetero 
A 1 1  MET 1  55  ?   ?   ?   A . n 
A 1 2  LYS 2  56  ?   ?   ?   A . n 
A 1 3  PRO 3  57  ?   ?   ?   A . n 
A 1 4  HIS 4  58  58  HIS ALA A . n 
A 1 5  PRO 5  59  59  PRO PRO A . n 
A 1 6  TRP 6  60  60  TRP TRP A . n 
A 1 7  PHE 7  61  61  PHE PHE A . n 
A 1 8  PHE 8  62  62  PHE PHE A . n 
A 1 9  GLY 9  63  63  GLY GLY A . n 
A 1 10 LYS 10 64  64  LYS LYS A . n 
A 1 11 ILE 11 65  65  ILE ILE A . n 
A 1 12 PRO 12 66  66  PRO PRO A . n 
A 1 13 ARG 13 67  67  ARG ARG A . n 
A 1 14 ALA 14 68  68  ALA ALA A . n 
A 1 15 LYS 15 69  69  LYS ALA A . n 
A 1 16 ALA 16 70  70  ALA ALA A . n 
A 1 17 GLU 17 71  71  GLU GLU A . n 
A 1 18 GLU 18 72  72  GLU ALA A . n 
A 1 19 MET 19 73  73  MET GLY A . n 
A 1 20 LEU 20 74  74  LEU LEU A . n 
A 1 21 SER 21 75  75  SER SER A . n 
A 1 22 LYS 22 76  76  LYS ALA A . n 
A 1 23 GLN 23 77  77  GLN GLN A . n 
A 1 24 ARG 24 78  78  ARG ALA A . n 
A 1 25 HIS 25 79  79  HIS ALA A . n 
A 1 26 ASP 26 80  80  ASP ASP A . n 
A 1 27 GLY 27 81  81  GLY GLY A . n 
A 1 28 ALA 28 82  82  ALA ALA A . n 
A 1 29 PHE 29 83  83  PHE PHE A . n 
A 1 30 LEU 30 84  84  LEU LEU A . n 
A 1 31 ILE 31 85  85  ILE ILE A . n 
A 1 32 ARG 32 86  86  ARG ARG A . n 
A 1 33 GLU 33 87  87  GLU GLU A . n 
A 1 34 SER 34 88  88  SER SER A . n 
A 1 35 GLU 35 89  89  GLU GLU A . n 
A 1 36 SER 36 90  90  SER SER A . n 
A 1 37 ALA 37 91  91  ALA ALA A . n 
A 1 38 PRO 38 92  92  PRO PRO A . n 
A 1 39 GLY 39 93  93  GLY GLY A . n 
A 1 40 ASP 40 94  94  ASP ASP A . n 
A 1 41 PHE 41 95  95  PHE PHE A . n 
A 1 42 SER 42 96  96  SER SER A . n 
A 1 43 LEU 43 97  97  LEU LEU A . n 
A 1 44 SER 44 98  98  SER SER A . n 
A 1 45 VAL 45 99  99  VAL VAL A . n 
A 1 46 LYS 46 100 100 LYS LYS A . n 
A 1 47 PHE 47 101 101 PHE PHE A . n 
A 1 48 GLY 48 102 102 GLY GLY A . n 
A 1 49 ASN 49 103 103 ASN ALA A . n 
A 1 50 ASP 50 104 104 ASP ASP A . n 
A 1 51 VAL 51 105 105 VAL VAL A . n 
A 1 52 GLN 52 106 106 GLN GLN A . n 
A 1 53 HIS 53 107 107 HIS HIS A . n 
A 1 54 PHE 54 108 108 PHE PHE A . n 
A 1 55 LYS 55 109 109 LYS LYS A . n 
A 1 56 VAL 56 110 110 VAL VAL A . n 
A 1 57 LEU 57 111 111 LEU LEU A . n 
A 1 58 ARG 58 112 112 ARG ARG A . n 
A 1 59 ASP 59 113 113 ASP ASP A . n 
A 1 60 GLY 60 114 114 GLY GLY A . n 
A 1 61 ALA 61 115 115 ALA ALA A . n 
A 1 62 GLY 62 116 116 GLY GLY A . n 
A 1 63 LYS 63 117 117 LYS LYS A . n 
A 1 64 TYR 64 118 118 TYR TYR A . n 
A 1 65 PHE 65 119 119 PHE PHE A . n 
A 1 66 LEU 66 120 120 LEU LEU A . n 
A 1 67 TRP 67 121 121 TRP TRP A . n 
A 1 68 VAL 68 122 122 VAL VAL A . n 
A 1 69 VAL 69 123 123 VAL VAL A . n 
A 1 70 LYS 70 124 124 LYS LYS A . n 
A 1 71 PHE 71 125 125 PHE PHE A . n 
A 1 72 ASN 72 126 126 ASN ASN A . n 
A 1 73 SER 73 127 127 SER SER A . n 
A 1 74 LEU 74 128 128 LEU LEU A . n 
A 1 75 ASN 75 129 129 ASN ALA A . n 
A 1 76 GLU 76 130 130 GLU GLU A . n 
A 1 77 LEU 77 131 131 LEU LEU A . n 
A 1 78 VAL 78 132 132 VAL VAL A . n 
A 1 79 ASP 79 133 133 ASP ASP A . n 
A 1 80 TYR 80 134 134 TYR TYR A . n 
A 1 81 HIS 81 135 135 HIS HIS A . n 
A 1 82 ARG 82 136 136 ARG ARG A . n 
A 1 83 SER 83 137 137 SER SER A . n 
A 1 84 THR 84 138 138 THR THR A . n 
A 1 85 SER 85 139 139 SER SER A . n 
A 1 86 VAL 86 140 140 VAL VAL A . n 
A 1 87 SER 87 141 141 SER SER A . n 
A 1 88 ARG 88 142 142 ARG ARG A . n 
A 1 89 ASN 89 143 143 ASN ASN A . n 
A 1 90 GLN 90 144 144 GLN GLN A . n 
A 1 91 GLN 91 145 145 GLN GLN A . n 
A 1 92 ILE 92 146 146 ILE ILE A . n 
A 1 93 PHE 93 147 147 PHE ALA A . n 
A 1 94 LEU 94 148 148 LEU ALA A . n 
A 1 95 ARG 95 149 149 ARG ALA A . n 
A 1 96 ASP 96 150 150 ASP ALA A . n 
A 1 97 ILE 97 151 ?   ?   ?   A . n 
A 1 98 GLU 98 152 ?   ?   ?   A . n 
A 1 99 GLN 99 153 ?   ?   ?   A . n 
B 1 1  MET 1  55  ?   ?   ?   B . n 
B 1 2  LYS 2  56  ?   ?   ?   B . n 
B 1 3  PRO 3  57  ?   ?   ?   B . n 
B 1 4  HIS 4  58  ?   ?   ?   B . n 
B 1 5  PRO 5  59  ?   ?   ?   B . n 
B 1 6  TRP 6  60  ?   ?   ?   B . n 
B 1 7  PHE 7  61  ?   ?   ?   B . n 
B 1 8  PHE 8  62  ?   ?   ?   B . n 
B 1 9  GLY 9  63  ?   ?   ?   B . n 
B 1 10 LYS 10 64  ?   ?   ?   B . n 
B 1 11 ILE 11 65  ?   ?   ?   B . n 
B 1 12 PRO 12 66  ?   ?   ?   B . n 
B 1 13 ARG 13 67  ?   ?   ?   B . n 
B 1 14 ALA 14 68  68  ALA ALA B . n 
B 1 15 LYS 15 69  69  LYS ALA B . n 
B 1 16 ALA 16 70  70  ALA ALA B . n 
B 1 17 GLU 17 71  71  GLU GLU B . n 
B 1 18 GLU 18 72  72  GLU ALA B . n 
B 1 19 MET 19 73  73  MET GLY B . n 
B 1 20 LEU 20 74  74  LEU LEU B . n 
B 1 21 SER 21 75  75  SER SER B . n 
B 1 22 LYS 22 76  76  LYS ALA B . n 
B 1 23 GLN 23 77  77  GLN GLN B . n 
B 1 24 ARG 24 78  78  ARG ALA B . n 
B 1 25 HIS 25 79  79  HIS HIS B . n 
B 1 26 ASP 26 80  80  ASP ASP B . n 
B 1 27 GLY 27 81  81  GLY GLY B . n 
B 1 28 ALA 28 82  82  ALA ALA B . n 
B 1 29 PHE 29 83  83  PHE PHE B . n 
B 1 30 LEU 30 84  84  LEU LEU B . n 
B 1 31 ILE 31 85  85  ILE ILE B . n 
B 1 32 ARG 32 86  86  ARG ARG B . n 
B 1 33 GLU 33 87  87  GLU GLU B . n 
B 1 34 SER 34 88  ?   ?   ?   B . n 
B 1 35 GLU 35 89  ?   ?   ?   B . n 
B 1 36 SER 36 90  ?   ?   ?   B . n 
B 1 37 ALA 37 91  ?   ?   ?   B . n 
B 1 38 PRO 38 92  ?   ?   ?   B . n 
B 1 39 GLY 39 93  93  GLY GLY B . n 
B 1 40 ASP 40 94  94  ASP ASP B . n 
B 1 41 PHE 41 95  95  PHE PHE B . n 
B 1 42 SER 42 96  96  SER SER B . n 
B 1 43 LEU 43 97  97  LEU LEU B . n 
B 1 44 SER 44 98  98  SER SER B . n 
B 1 45 VAL 45 99  99  VAL VAL B . n 
B 1 46 LYS 46 100 100 LYS ALA B . n 
B 1 47 PHE 47 101 101 PHE PHE B . n 
B 1 48 GLY 48 102 102 GLY GLY B . n 
B 1 49 ASN 49 103 103 ASN ASN B . n 
B 1 50 ASP 50 104 104 ASP ALA B . n 
B 1 51 VAL 51 105 105 VAL VAL B . n 
B 1 52 GLN 52 106 106 GLN GLN B . n 
B 1 53 HIS 53 107 107 HIS HIS B . n 
B 1 54 PHE 54 108 108 PHE PHE B . n 
B 1 55 LYS 55 109 109 LYS LYS B . n 
B 1 56 VAL 56 110 110 VAL VAL B . n 
B 1 57 LEU 57 111 111 LEU LEU B . n 
B 1 58 ARG 58 112 112 ARG ALA B . n 
B 1 59 ASP 59 113 113 ASP ASP B . n 
B 1 60 GLY 60 114 114 GLY GLY B . n 
B 1 61 ALA 61 115 115 ALA ALA B . n 
B 1 62 GLY 62 116 116 GLY GLY B . n 
B 1 63 LYS 63 117 117 LYS LYS B . n 
B 1 64 TYR 64 118 118 TYR TYR B . n 
B 1 65 PHE 65 119 119 PHE PHE B . n 
B 1 66 LEU 66 120 120 LEU LEU B . n 
B 1 67 TRP 67 121 121 TRP TRP B . n 
B 1 68 VAL 68 122 122 VAL VAL B . n 
B 1 69 VAL 69 123 123 VAL VAL B . n 
B 1 70 LYS 70 124 124 LYS LYS B . n 
B 1 71 PHE 71 125 125 PHE PHE B . n 
B 1 72 ASN 72 126 126 ASN ASN B . n 
B 1 73 SER 73 127 127 SER SER B . n 
B 1 74 LEU 74 128 128 LEU LEU B . n 
B 1 75 ASN 75 129 129 ASN ASN B . n 
B 1 76 GLU 76 130 130 GLU GLU B . n 
B 1 77 LEU 77 131 131 LEU LEU B . n 
B 1 78 VAL 78 132 132 VAL VAL B . n 
B 1 79 ASP 79 133 133 ASP ASP B . n 
B 1 80 TYR 80 134 134 TYR TYR B . n 
B 1 81 HIS 81 135 135 HIS HIS B . n 
B 1 82 ARG 82 136 136 ARG ARG B . n 
B 1 83 SER 83 137 137 SER SER B . n 
B 1 84 THR 84 138 138 THR THR B . n 
B 1 85 SER 85 139 139 SER SER B . n 
B 1 86 VAL 86 140 140 VAL VAL B . n 
B 1 87 SER 87 141 141 SER SER B . n 
B 1 88 ARG 88 142 142 ARG ARG B . n 
B 1 89 ASN 89 143 143 ASN ASN B . n 
B 1 90 GLN 90 144 144 GLN ALA B . n 
B 1 91 GLN 91 145 145 GLN GLN B . n 
B 1 92 ILE 92 146 146 ILE ILE B . n 
B 1 93 PHE 93 147 147 PHE PHE B . n 
B 1 94 LEU 94 148 148 LEU LEU B . n 
B 1 95 ARG 95 149 149 ARG ALA B . n 
B 1 96 ASP 96 150 ?   ?   ?   B . n 
B 1 97 ILE 97 151 ?   ?   ?   B . n 
B 1 98 GLU 98 152 ?   ?   ?   B . n 
B 1 99 GLN 99 153 ?   ?   ?   B . n 
# 
loop_
_pdbx_nonpoly_scheme.asym_id 
_pdbx_nonpoly_scheme.entity_id 
_pdbx_nonpoly_scheme.mon_id 
_pdbx_nonpoly_scheme.ndb_seq_num 
_pdbx_nonpoly_scheme.pdb_seq_num 
_pdbx_nonpoly_scheme.auth_seq_num 
_pdbx_nonpoly_scheme.pdb_mon_id 
_pdbx_nonpoly_scheme.auth_mon_id 
_pdbx_nonpoly_scheme.pdb_strand_id 
_pdbx_nonpoly_scheme.pdb_ins_code 
C 2 S1S 1  201 201 S1S S1S A . 
D 2 S1S 1  401 401 S1S S1S A . 
E 2 S1S 1  301 301 S1S S1S B . 
F 3 P33 1  501 501 P33 2PE B . 
G 4 HOH 1  402 1   HOH WAT A . 
G 4 HOH 2  403 2   HOH WAT A . 
G 4 HOH 3  404 3   HOH WAT A . 
G 4 HOH 4  405 5   HOH WAT A . 
G 4 HOH 5  406 6   HOH WAT A . 
G 4 HOH 6  407 9   HOH WAT A . 
G 4 HOH 7  408 10  HOH WAT A . 
G 4 HOH 8  409 11  HOH WAT A . 
G 4 HOH 9  410 12  HOH WAT A . 
G 4 HOH 10 411 13  HOH WAT A . 
G 4 HOH 11 412 17  HOH WAT A . 
G 4 HOH 12 413 19  HOH WAT A . 
G 4 HOH 13 414 20  HOH WAT A . 
G 4 HOH 14 415 23  HOH WAT A . 
G 4 HOH 15 416 24  HOH WAT A . 
G 4 HOH 16 417 25  HOH WAT A . 
G 4 HOH 17 418 26  HOH WAT A . 
G 4 HOH 18 419 29  HOH WAT A . 
G 4 HOH 19 420 32  HOH WAT A . 
G 4 HOH 20 421 33  HOH WAT A . 
G 4 HOH 21 422 34  HOH WAT A . 
G 4 HOH 22 423 35  HOH WAT A . 
G 4 HOH 23 424 36  HOH WAT A . 
G 4 HOH 24 425 37  HOH WAT A . 
G 4 HOH 25 426 39  HOH WAT A . 
G 4 HOH 26 427 41  HOH WAT A . 
G 4 HOH 27 428 44  HOH WAT A . 
G 4 HOH 28 429 46  HOH WAT A . 
G 4 HOH 29 430 47  HOH WAT A . 
G 4 HOH 30 431 48  HOH WAT A . 
G 4 HOH 31 432 50  HOH WAT A . 
G 4 HOH 32 433 52  HOH WAT A . 
G 4 HOH 33 434 53  HOH WAT A . 
G 4 HOH 34 435 54  HOH WAT A . 
G 4 HOH 35 436 55  HOH WAT A . 
G 4 HOH 36 437 57  HOH WAT A . 
G 4 HOH 37 438 58  HOH WAT A . 
G 4 HOH 38 439 59  HOH WAT A . 
G 4 HOH 39 440 60  HOH WAT A . 
G 4 HOH 40 441 62  HOH WAT A . 
G 4 HOH 41 442 63  HOH WAT A . 
G 4 HOH 42 443 64  HOH WAT A . 
G 4 HOH 43 444 66  HOH WAT A . 
G 4 HOH 44 445 67  HOH WAT A . 
G 4 HOH 45 446 68  HOH WAT A . 
G 4 HOH 46 447 75  HOH WAT A . 
G 4 HOH 47 448 76  HOH WAT A . 
G 4 HOH 48 449 77  HOH WAT A . 
G 4 HOH 49 450 78  HOH WAT A . 
G 4 HOH 50 451 79  HOH WAT A . 
G 4 HOH 51 452 80  HOH WAT A . 
G 4 HOH 52 453 81  HOH WAT A . 
G 4 HOH 53 454 82  HOH WAT A . 
G 4 HOH 54 455 83  HOH WAT A . 
G 4 HOH 55 456 91  HOH WAT A . 
G 4 HOH 56 457 92  HOH WAT A . 
G 4 HOH 57 458 93  HOH WAT A . 
G 4 HOH 58 459 94  HOH WAT A . 
G 4 HOH 59 460 95  HOH WAT A . 
G 4 HOH 60 461 96  HOH WAT A . 
G 4 HOH 61 462 97  HOH WAT A . 
G 4 HOH 62 463 98  HOH WAT A . 
G 4 HOH 63 464 99  HOH WAT A . 
G 4 HOH 64 465 100 HOH WAT A . 
G 4 HOH 65 466 101 HOH WAT A . 
G 4 HOH 66 467 102 HOH WAT A . 
G 4 HOH 67 468 103 HOH WAT A . 
H 4 HOH 1  502 4   HOH WAT B . 
H 4 HOH 2  503 7   HOH WAT B . 
H 4 HOH 3  504 8   HOH WAT B . 
H 4 HOH 4  505 14  HOH WAT B . 
H 4 HOH 5  506 15  HOH WAT B . 
H 4 HOH 6  507 16  HOH WAT B . 
H 4 HOH 7  508 18  HOH WAT B . 
H 4 HOH 8  509 21  HOH WAT B . 
H 4 HOH 9  510 22  HOH WAT B . 
H 4 HOH 10 511 27  HOH WAT B . 
H 4 HOH 11 512 28  HOH WAT B . 
H 4 HOH 12 513 30  HOH WAT B . 
H 4 HOH 13 514 31  HOH WAT B . 
H 4 HOH 14 515 38  HOH WAT B . 
H 4 HOH 15 516 40  HOH WAT B . 
H 4 HOH 16 517 42  HOH WAT B . 
H 4 HOH 17 518 43  HOH WAT B . 
H 4 HOH 18 519 45  HOH WAT B . 
H 4 HOH 19 520 49  HOH WAT B . 
H 4 HOH 20 521 51  HOH WAT B . 
H 4 HOH 21 522 56  HOH WAT B . 
H 4 HOH 22 523 61  HOH WAT B . 
H 4 HOH 23 524 65  HOH WAT B . 
H 4 HOH 24 525 69  HOH WAT B . 
H 4 HOH 25 526 70  HOH WAT B . 
H 4 HOH 26 527 71  HOH WAT B . 
H 4 HOH 27 528 72  HOH WAT B . 
H 4 HOH 28 529 73  HOH WAT B . 
H 4 HOH 29 530 74  HOH WAT B . 
H 4 HOH 30 531 84  HOH WAT B . 
H 4 HOH 31 532 85  HOH WAT B . 
H 4 HOH 32 533 86  HOH WAT B . 
H 4 HOH 33 534 87  HOH WAT B . 
H 4 HOH 34 535 88  HOH WAT B . 
H 4 HOH 35 536 89  HOH WAT B . 
H 4 HOH 36 537 90  HOH WAT B . 
# 
loop_
_pdbx_unobs_or_zero_occ_atoms.id 
_pdbx_unobs_or_zero_occ_atoms.PDB_model_num 
_pdbx_unobs_or_zero_occ_atoms.polymer_flag 
_pdbx_unobs_or_zero_occ_atoms.occupancy_flag 
_pdbx_unobs_or_zero_occ_atoms.auth_asym_id 
_pdbx_unobs_or_zero_occ_atoms.auth_comp_id 
_pdbx_unobs_or_zero_occ_atoms.auth_seq_id 
_pdbx_unobs_or_zero_occ_atoms.PDB_ins_code 
_pdbx_unobs_or_zero_occ_atoms.auth_atom_id 
_pdbx_unobs_or_zero_occ_atoms.label_alt_id 
_pdbx_unobs_or_zero_occ_atoms.label_asym_id 
_pdbx_unobs_or_zero_occ_atoms.label_comp_id 
_pdbx_unobs_or_zero_occ_atoms.label_seq_id 
_pdbx_unobs_or_zero_occ_atoms.label_atom_id 
1   1 Y 1 A HIS 58  ? CG  ? A HIS 4  CG  
2   1 Y 1 A HIS 58  ? ND1 ? A HIS 4  ND1 
3   1 Y 1 A HIS 58  ? CD2 ? A HIS 4  CD2 
4   1 Y 1 A HIS 58  ? CE1 ? A HIS 4  CE1 
5   1 Y 1 A HIS 58  ? NE2 ? A HIS 4  NE2 
6   1 Y 1 A LYS 69  ? CG  ? A LYS 15 CG  
7   1 Y 1 A LYS 69  ? CD  ? A LYS 15 CD  
8   1 Y 1 A LYS 69  ? CE  ? A LYS 15 CE  
9   1 Y 1 A LYS 69  ? NZ  ? A LYS 15 NZ  
10  1 Y 1 A GLU 72  ? CG  ? A GLU 18 CG  
11  1 Y 1 A GLU 72  ? CD  ? A GLU 18 CD  
12  1 Y 1 A GLU 72  ? OE1 ? A GLU 18 OE1 
13  1 Y 1 A GLU 72  ? OE2 ? A GLU 18 OE2 
14  1 Y 1 A MET 73  ? CB  ? A MET 19 CB  
15  1 Y 1 A MET 73  ? CG  ? A MET 19 CG  
16  1 Y 1 A MET 73  ? SD  ? A MET 19 SD  
17  1 Y 1 A MET 73  ? CE  ? A MET 19 CE  
18  1 Y 1 A LYS 76  ? CG  ? A LYS 22 CG  
19  1 Y 1 A LYS 76  ? CD  ? A LYS 22 CD  
20  1 Y 1 A LYS 76  ? CE  ? A LYS 22 CE  
21  1 Y 1 A LYS 76  ? NZ  ? A LYS 22 NZ  
22  1 Y 1 A ARG 78  ? CG  ? A ARG 24 CG  
23  1 Y 1 A ARG 78  ? CD  ? A ARG 24 CD  
24  1 Y 1 A ARG 78  ? NE  ? A ARG 24 NE  
25  1 Y 1 A ARG 78  ? CZ  ? A ARG 24 CZ  
26  1 Y 1 A ARG 78  ? NH1 ? A ARG 24 NH1 
27  1 Y 1 A ARG 78  ? NH2 ? A ARG 24 NH2 
28  1 Y 1 A HIS 79  ? CG  ? A HIS 25 CG  
29  1 Y 1 A HIS 79  ? ND1 ? A HIS 25 ND1 
30  1 Y 1 A HIS 79  ? CD2 ? A HIS 25 CD2 
31  1 Y 1 A HIS 79  ? CE1 ? A HIS 25 CE1 
32  1 Y 1 A HIS 79  ? NE2 ? A HIS 25 NE2 
33  1 Y 1 A ASN 103 ? CG  ? A ASN 49 CG  
34  1 Y 1 A ASN 103 ? OD1 ? A ASN 49 OD1 
35  1 Y 1 A ASN 103 ? ND2 ? A ASN 49 ND2 
36  1 Y 1 A ASN 129 ? CG  ? A ASN 75 CG  
37  1 Y 1 A ASN 129 ? OD1 ? A ASN 75 OD1 
38  1 Y 1 A ASN 129 ? ND2 ? A ASN 75 ND2 
39  1 Y 1 A PHE 147 ? CG  ? A PHE 93 CG  
40  1 Y 1 A PHE 147 ? CD1 ? A PHE 93 CD1 
41  1 Y 1 A PHE 147 ? CD2 ? A PHE 93 CD2 
42  1 Y 1 A PHE 147 ? CE1 ? A PHE 93 CE1 
43  1 Y 1 A PHE 147 ? CE2 ? A PHE 93 CE2 
44  1 Y 1 A PHE 147 ? CZ  ? A PHE 93 CZ  
45  1 Y 1 A LEU 148 ? CG  ? A LEU 94 CG  
46  1 Y 1 A LEU 148 ? CD1 ? A LEU 94 CD1 
47  1 Y 1 A LEU 148 ? CD2 ? A LEU 94 CD2 
48  1 Y 1 A ARG 149 ? CG  ? A ARG 95 CG  
49  1 Y 1 A ARG 149 ? CD  ? A ARG 95 CD  
50  1 Y 1 A ARG 149 ? NE  ? A ARG 95 NE  
51  1 Y 1 A ARG 149 ? CZ  ? A ARG 95 CZ  
52  1 Y 1 A ARG 149 ? NH1 ? A ARG 95 NH1 
53  1 Y 1 A ARG 149 ? NH2 ? A ARG 95 NH2 
54  1 Y 1 A ASP 150 ? CG  ? A ASP 96 CG  
55  1 Y 1 A ASP 150 ? OD1 ? A ASP 96 OD1 
56  1 Y 1 A ASP 150 ? OD2 ? A ASP 96 OD2 
57  1 Y 1 B LYS 69  ? CG  ? B LYS 15 CG  
58  1 Y 1 B LYS 69  ? CD  ? B LYS 15 CD  
59  1 Y 1 B LYS 69  ? CE  ? B LYS 15 CE  
60  1 Y 1 B LYS 69  ? NZ  ? B LYS 15 NZ  
61  1 Y 1 B GLU 72  ? CG  ? B GLU 18 CG  
62  1 Y 1 B GLU 72  ? CD  ? B GLU 18 CD  
63  1 Y 1 B GLU 72  ? OE1 ? B GLU 18 OE1 
64  1 Y 1 B GLU 72  ? OE2 ? B GLU 18 OE2 
65  1 Y 1 B MET 73  ? CB  ? B MET 19 CB  
66  1 Y 1 B MET 73  ? CG  ? B MET 19 CG  
67  1 Y 1 B MET 73  ? SD  ? B MET 19 SD  
68  1 Y 1 B MET 73  ? CE  ? B MET 19 CE  
69  1 Y 1 B LYS 76  ? CG  ? B LYS 22 CG  
70  1 Y 1 B LYS 76  ? CD  ? B LYS 22 CD  
71  1 Y 1 B LYS 76  ? CE  ? B LYS 22 CE  
72  1 Y 1 B LYS 76  ? NZ  ? B LYS 22 NZ  
73  1 Y 1 B ARG 78  ? CG  ? B ARG 24 CG  
74  1 Y 1 B ARG 78  ? CD  ? B ARG 24 CD  
75  1 Y 1 B ARG 78  ? NE  ? B ARG 24 NE  
76  1 Y 1 B ARG 78  ? CZ  ? B ARG 24 CZ  
77  1 Y 1 B ARG 78  ? NH1 ? B ARG 24 NH1 
78  1 Y 1 B ARG 78  ? NH2 ? B ARG 24 NH2 
79  1 Y 1 B LYS 100 ? CG  ? B LYS 46 CG  
80  1 Y 1 B LYS 100 ? CD  ? B LYS 46 CD  
81  1 Y 1 B LYS 100 ? CE  ? B LYS 46 CE  
82  1 Y 1 B LYS 100 ? NZ  ? B LYS 46 NZ  
83  1 Y 1 B ASP 104 ? CG  ? B ASP 50 CG  
84  1 Y 1 B ASP 104 ? OD1 ? B ASP 50 OD1 
85  1 Y 1 B ASP 104 ? OD2 ? B ASP 50 OD2 
86  1 Y 1 B ARG 112 ? CG  ? B ARG 58 CG  
87  1 Y 1 B ARG 112 ? CD  ? B ARG 58 CD  
88  1 Y 1 B ARG 112 ? NE  ? B ARG 58 NE  
89  1 Y 1 B ARG 112 ? CZ  ? B ARG 58 CZ  
90  1 Y 1 B ARG 112 ? NH1 ? B ARG 58 NH1 
91  1 Y 1 B ARG 112 ? NH2 ? B ARG 58 NH2 
92  1 Y 1 B GLN 144 ? CG  ? B GLN 90 CG  
93  1 Y 1 B GLN 144 ? CD  ? B GLN 90 CD  
94  1 Y 1 B GLN 144 ? OE1 ? B GLN 90 OE1 
95  1 Y 1 B GLN 144 ? NE2 ? B GLN 90 NE2 
96  1 Y 1 B ARG 149 ? CG  ? B ARG 95 CG  
97  1 Y 1 B ARG 149 ? CD  ? B ARG 95 CD  
98  1 Y 1 B ARG 149 ? NE  ? B ARG 95 NE  
99  1 Y 1 B ARG 149 ? CZ  ? B ARG 95 CZ  
100 1 Y 1 B ARG 149 ? NH1 ? B ARG 95 NH1 
101 1 Y 1 B ARG 149 ? NH2 ? B ARG 95 NH2 
# 
loop_
_software.name 
_software.classification 
_software.version 
_software.citation_id 
_software.pdbx_ordinal 
REFMAC    refinement        5.1.24 ? 1 
MAR345    'data collection' .      ? 2 
SCALEPACK 'data scaling'    .      ? 3 
AMoRE     phasing           .      ? 4 
# 
_cell.entry_id           2AOA 
_cell.length_a           88.173 
_cell.length_b           102.659 
_cell.length_c           107.240 
_cell.angle_alpha        90.00 
_cell.angle_beta         90.00 
_cell.angle_gamma        90.00 
_cell.Z_PDB              32 
_cell.pdbx_unique_axis   ? 
# 
_symmetry.entry_id                         2AOA 
_symmetry.space_group_name_H-M             'F 2 2 2' 
_symmetry.pdbx_full_space_group_name_H-M   ? 
_symmetry.cell_setting                     ? 
_symmetry.Int_Tables_number                22 
_symmetry.space_group_name_Hall            ? 
# 
_exptl.entry_id          2AOA 
_exptl.method            'X-RAY DIFFRACTION' 
_exptl.crystals_number   1 
# 
_exptl_crystal.id                    1 
_exptl_crystal.density_meas          ? 
_exptl_crystal.density_Matthews      2.6 
_exptl_crystal.density_percent_sol   52.7 
_exptl_crystal.description           ? 
_exptl_crystal.F_000                 ? 
_exptl_crystal.preparation           ? 
# 
_exptl_crystal_grow.crystal_id      1 
_exptl_crystal_grow.method          'VAPOR DIFFUSION' 
_exptl_crystal_grow.temp            298 
_exptl_crystal_grow.temp_details    ? 
_exptl_crystal_grow.pH              5.7 
_exptl_crystal_grow.pdbx_details    'PEG3350, sodium chloride, sodium acetate, pH 5.7, VAPOR DIFFUSION, temperature 298K' 
_exptl_crystal_grow.pdbx_pH_range   . 
# 
_diffrn.id                     1 
_diffrn.ambient_temp           ? 
_diffrn.ambient_temp_details   ? 
_diffrn.crystal_id             1 
# 
_diffrn_detector.diffrn_id              1 
_diffrn_detector.detector               CCD 
_diffrn_detector.type                   MARRESEARCH 
_diffrn_detector.pdbx_collection_date   2004-06-20 
_diffrn_detector.details                ? 
# 
_diffrn_radiation.diffrn_id                        1 
_diffrn_radiation.wavelength_id                    1 
_diffrn_radiation.pdbx_monochromatic_or_laue_m_l   M 
_diffrn_radiation.monochromator                    Crystal 
_diffrn_radiation.pdbx_diffrn_protocol             'SINGLE WAVELENGTH' 
_diffrn_radiation.pdbx_scattering_type             x-ray 
# 
_diffrn_radiation_wavelength.id           1 
_diffrn_radiation_wavelength.wavelength   1 
_diffrn_radiation_wavelength.wt           1.0 
# 
_diffrn_source.diffrn_id                   1 
_diffrn_source.source                      SYNCHROTRON 
_diffrn_source.type                        'APS BEAMLINE 22-ID' 
_diffrn_source.pdbx_synchrotron_site       APS 
_diffrn_source.pdbx_synchrotron_beamline   22-ID 
_diffrn_source.pdbx_wavelength             ? 
_diffrn_source.pdbx_wavelength_list        1 
# 
_reflns.entry_id                     2AOA 
_reflns.observed_criterion_sigma_F   2 
_reflns.observed_criterion_sigma_I   2 
_reflns.d_resolution_high            1.99 
_reflns.d_resolution_low             56.80 
_reflns.number_all                   15744 
_reflns.number_obs                   13733 
_reflns.percent_possible_obs         95 
_reflns.pdbx_Rmerge_I_obs            ? 
_reflns.pdbx_Rsym_value              ? 
_reflns.pdbx_netI_over_sigmaI        17.9 
_reflns.B_iso_Wilson_estimate        37.9 
_reflns.pdbx_redundancy              5 
_reflns.R_free_details               ? 
_reflns.limit_h_max                  ? 
_reflns.limit_h_min                  ? 
_reflns.limit_k_max                  ? 
_reflns.limit_k_min                  ? 
_reflns.limit_l_max                  ? 
_reflns.limit_l_min                  ? 
_reflns.observed_criterion_F_max     ? 
_reflns.observed_criterion_F_min     ? 
_reflns.pdbx_chi_squared             ? 
_reflns.pdbx_scaling_rejects         ? 
_reflns.pdbx_ordinal                 1 
_reflns.pdbx_diffrn_id               1 
# 
_reflns_shell.d_res_high             2 
_reflns_shell.d_res_low              2.07 
_reflns_shell.percent_possible_all   91 
_reflns_shell.Rmerge_I_obs           ? 
_reflns_shell.pdbx_Rsym_value        ? 
_reflns_shell.meanI_over_sigI_obs    ? 
_reflns_shell.pdbx_redundancy        ? 
_reflns_shell.percent_possible_obs   ? 
_reflns_shell.number_unique_all      ? 
_reflns_shell.number_measured_all    ? 
_reflns_shell.number_measured_obs    ? 
_reflns_shell.number_unique_obs      ? 
_reflns_shell.pdbx_chi_squared       ? 
_reflns_shell.pdbx_ordinal           1 
_reflns_shell.pdbx_diffrn_id         1 
# 
_refine.entry_id                                 2AOA 
_refine.ls_number_reflns_obs                     13733 
_refine.ls_number_reflns_all                     15744 
_refine.pdbx_ls_sigma_I                          ? 
_refine.pdbx_ls_sigma_F                          0 
_refine.pdbx_data_cutoff_high_absF               ? 
_refine.pdbx_data_cutoff_low_absF                ? 
_refine.pdbx_data_cutoff_high_rms_absF           ? 
_refine.ls_d_res_low                             56.80 
_refine.ls_d_res_high                            1.99 
_refine.ls_percent_reflns_obs                    94.02 
_refine.ls_R_factor_obs                          0.24862 
_refine.ls_R_factor_all                          ? 
_refine.ls_R_factor_R_work                       0.24555 
_refine.ls_R_factor_R_free                       0.30711 
_refine.ls_R_factor_R_free_error                 ? 
_refine.ls_R_factor_R_free_error_details         ? 
_refine.ls_percent_reflns_R_free                 5.1 
_refine.ls_number_reflns_R_free                  799 
_refine.ls_number_parameters                     ? 
_refine.ls_number_restraints                     ? 
_refine.occupancy_min                            ? 
_refine.occupancy_max                            ? 
_refine.correlation_coeff_Fo_to_Fc               0.930 
_refine.correlation_coeff_Fo_to_Fc_free          0.896 
_refine.B_iso_mean                               40.738 
_refine.aniso_B[1][1]                            -0.79 
_refine.aniso_B[2][2]                            -0.22 
_refine.aniso_B[3][3]                            1.01 
_refine.aniso_B[1][2]                            0.00 
_refine.aniso_B[1][3]                            0.00 
_refine.aniso_B[2][3]                            0.00 
_refine.solvent_model_details                    'BABINET MODEL WITH MASK' 
_refine.solvent_model_param_ksol                 ? 
_refine.solvent_model_param_bsol                 ? 
_refine.pdbx_solvent_vdw_probe_radii             1.40 
_refine.pdbx_solvent_ion_probe_radii             0.80 
_refine.pdbx_solvent_shrinkage_radii             0.80 
_refine.pdbx_ls_cross_valid_method               THROUGHOUT 
_refine.details                                  'HYDROGENS HAVE BEEN ADDED IN THE RIDING POSITIONS' 
_refine.pdbx_starting_model                      ? 
_refine.pdbx_method_to_determine_struct          'MOLECULAR REPLACEMENT' 
_refine.pdbx_isotropic_thermal_model             ? 
_refine.pdbx_stereochemistry_target_values       'MAXIMUM LIKELIHOOD' 
_refine.pdbx_stereochem_target_val_spec_case     ? 
_refine.pdbx_R_Free_selection_details            RANDOM 
_refine.pdbx_overall_ESU_R                       0.220 
_refine.pdbx_overall_ESU_R_Free                  0.208 
_refine.overall_SU_ML                            0.159 
_refine.overall_SU_B                             5.823 
_refine.ls_redundancy_reflns_obs                 ? 
_refine.B_iso_min                                ? 
_refine.B_iso_max                                ? 
_refine.overall_SU_R_Cruickshank_DPI             ? 
_refine.overall_SU_R_free                        ? 
_refine.ls_wR_factor_R_free                      ? 
_refine.ls_wR_factor_R_work                      ? 
_refine.overall_FOM_free_R_set                   ? 
_refine.overall_FOM_work_R_set                   ? 
_refine.pdbx_refine_id                           'X-RAY DIFFRACTION' 
_refine.pdbx_diffrn_id                           1 
_refine.pdbx_TLS_residual_ADP_flag               ? 
_refine.pdbx_overall_phase_error                 ? 
_refine.pdbx_overall_SU_R_free_Cruickshank_DPI   ? 
_refine.pdbx_overall_SU_R_Blow_DPI               ? 
_refine.pdbx_overall_SU_R_free_Blow_DPI          ? 
# 
_refine_hist.pdbx_refine_id                   'X-RAY DIFFRACTION' 
_refine_hist.cycle_id                         LAST 
_refine_hist.pdbx_number_atoms_protein        1302 
_refine_hist.pdbx_number_atoms_nucleic_acid   0 
_refine_hist.pdbx_number_atoms_ligand         187 
_refine_hist.number_atoms_solvent             103 
_refine_hist.number_atoms_total               1592 
_refine_hist.d_res_high                       1.99 
_refine_hist.d_res_low                        56.80 
# 
loop_
_refine_ls_restr.type 
_refine_ls_restr.dev_ideal 
_refine_ls_restr.dev_ideal_target 
_refine_ls_restr.weight 
_refine_ls_restr.number 
_refine_ls_restr.pdbx_refine_id 
_refine_ls_restr.pdbx_restraint_function 
r_bond_refined_d             0.044  0.021 ? 1534 'X-RAY DIFFRACTION' ? 
r_bond_other_d               0.003  0.020 ? 1343 'X-RAY DIFFRACTION' ? 
r_angle_refined_deg          3.755  2.055 ? 2072 'X-RAY DIFFRACTION' ? 
r_angle_other_deg            1.836  3.000 ? 3107 'X-RAY DIFFRACTION' ? 
r_dihedral_angle_1_deg       10.265 5.000 ? 167  'X-RAY DIFFRACTION' ? 
r_dihedral_angle_2_deg       ?      ?     ? ?    'X-RAY DIFFRACTION' ? 
r_dihedral_angle_3_deg       ?      ?     ? ?    'X-RAY DIFFRACTION' ? 
r_dihedral_angle_4_deg       ?      ?     ? ?    'X-RAY DIFFRACTION' ? 
r_chiral_restr               0.658  0.200 ? 211  'X-RAY DIFFRACTION' ? 
r_gen_planes_refined         0.019  0.020 ? 1705 'X-RAY DIFFRACTION' ? 
r_gen_planes_other           0.013  0.020 ? 375  'X-RAY DIFFRACTION' ? 
r_nbd_refined                0.268  0.200 ? 310  'X-RAY DIFFRACTION' ? 
r_nbd_other                  0.287  0.200 ? 1581 'X-RAY DIFFRACTION' ? 
r_nbtor_refined              ?      ?     ? ?    'X-RAY DIFFRACTION' ? 
r_nbtor_other                0.128  0.200 ? 950  'X-RAY DIFFRACTION' ? 
r_xyhbond_nbd_refined        0.347  0.200 ? 84   'X-RAY DIFFRACTION' ? 
r_xyhbond_nbd_other          ?      ?     ? ?    'X-RAY DIFFRACTION' ? 
r_metal_ion_refined          ?      ?     ? ?    'X-RAY DIFFRACTION' ? 
r_metal_ion_other            ?      ?     ? ?    'X-RAY DIFFRACTION' ? 
r_symmetry_vdw_refined       0.073  0.200 ? 3    'X-RAY DIFFRACTION' ? 
r_symmetry_vdw_other         0.249  0.200 ? 36   'X-RAY DIFFRACTION' ? 
r_symmetry_hbond_refined     0.465  0.200 ? 7    'X-RAY DIFFRACTION' ? 
r_symmetry_hbond_other       ?      ?     ? ?    'X-RAY DIFFRACTION' ? 
r_symmetry_metal_ion_refined ?      ?     ? ?    'X-RAY DIFFRACTION' ? 
r_symmetry_metal_ion_other   ?      ?     ? ?    'X-RAY DIFFRACTION' ? 
r_mcbond_it                  2.071  1.500 ? 855  'X-RAY DIFFRACTION' ? 
r_mcbond_other               ?      ?     ? ?    'X-RAY DIFFRACTION' ? 
r_mcangle_it                 3.397  2.000 ? 1340 'X-RAY DIFFRACTION' ? 
r_scbond_it                  4.676  3.000 ? 679  'X-RAY DIFFRACTION' ? 
r_scangle_it                 6.720  4.500 ? 732  'X-RAY DIFFRACTION' ? 
r_rigid_bond_restr           ?      ?     ? ?    'X-RAY DIFFRACTION' ? 
r_sphericity_free            ?      ?     ? ?    'X-RAY DIFFRACTION' ? 
r_sphericity_bonded          ?      ?     ? ?    'X-RAY DIFFRACTION' ? 
# 
_refine_ls_shell.pdbx_total_number_of_bins_used   20 
_refine_ls_shell.d_res_high                       1.995 
_refine_ls_shell.d_res_low                        2.047 
_refine_ls_shell.number_reflns_R_work             693 
_refine_ls_shell.R_factor_R_work                  0.285 
_refine_ls_shell.percent_reflns_obs               ? 
_refine_ls_shell.R_factor_R_free                  0.317 
_refine_ls_shell.R_factor_R_free_error            ? 
_refine_ls_shell.percent_reflns_R_free            ? 
_refine_ls_shell.number_reflns_R_free             27 
_refine_ls_shell.number_reflns_obs                ? 
_refine_ls_shell.redundancy_reflns_obs            ? 
_refine_ls_shell.number_reflns_all                ? 
_refine_ls_shell.pdbx_refine_id                   'X-RAY DIFFRACTION' 
_refine_ls_shell.R_factor_all                     ? 
# 
_struct.entry_id                  2AOA 
_struct.title                     
'Crystal structures of a high-affinity macrocyclic peptide mimetic in complex with the Grb2 SH2 domain' 
_struct.pdbx_model_details        ? 
_struct.pdbx_CASP_flag            ? 
_struct.pdbx_model_type_details   ? 
# 
_struct_keywords.entry_id        2AOA 
_struct_keywords.pdbx_keywords   TRANSFERASE 
_struct_keywords.text            'Grb2 SH2, domain-swapped, peptide mimetic, TRANSFERASE' 
# 
loop_
_struct_asym.id 
_struct_asym.pdbx_blank_PDB_chainid_flag 
_struct_asym.pdbx_modified 
_struct_asym.entity_id 
_struct_asym.details 
A N N 1 ? 
B N N 1 ? 
C N N 2 ? 
D N N 2 ? 
E N N 2 ? 
F N N 3 ? 
G N N 4 ? 
H N N 4 ? 
# 
_struct_ref.id                         1 
_struct_ref.db_name                    UNP 
_struct_ref.db_code                    GRB2_HUMAN 
_struct_ref.pdbx_db_accession          P62993 
_struct_ref.entity_id                  1 
_struct_ref.pdbx_seq_one_letter_code   
;MKPHPWFFGKIPRAKAEEMLSKQRHDGAFLIRESESAPGDFSLSVKFGNDVQHFKVLRDGAGKYFLWVVKFNSLNELVDY
HRSTSVSRNQQIFLRDIEQ
;
_struct_ref.pdbx_align_begin           55 
_struct_ref.pdbx_db_isoform            ? 
# 
loop_
_struct_ref_seq.align_id 
_struct_ref_seq.ref_id 
_struct_ref_seq.pdbx_PDB_id_code 
_struct_ref_seq.pdbx_strand_id 
_struct_ref_seq.seq_align_beg 
_struct_ref_seq.pdbx_seq_align_beg_ins_code 
_struct_ref_seq.seq_align_end 
_struct_ref_seq.pdbx_seq_align_end_ins_code 
_struct_ref_seq.pdbx_db_accession 
_struct_ref_seq.db_align_beg 
_struct_ref_seq.pdbx_db_align_beg_ins_code 
_struct_ref_seq.db_align_end 
_struct_ref_seq.pdbx_db_align_end_ins_code 
_struct_ref_seq.pdbx_auth_seq_align_beg 
_struct_ref_seq.pdbx_auth_seq_align_end 
1 1 2AOA A 1 ? 99 ? P62993 55 ? 153 ? 55 153 
2 1 2AOA B 1 ? 99 ? P62993 55 ? 153 ? 55 153 
# 
loop_
_pdbx_struct_assembly.id 
_pdbx_struct_assembly.details 
_pdbx_struct_assembly.method_details 
_pdbx_struct_assembly.oligomeric_details 
_pdbx_struct_assembly.oligomeric_count 
1 author_defined_assembly   ?        monomeric 1 
2 author_defined_assembly   ?        monomeric 1 
3 software_defined_assembly PISA,PQS dimeric   2 
# 
loop_
_pdbx_struct_assembly_prop.biol_id 
_pdbx_struct_assembly_prop.type 
_pdbx_struct_assembly_prop.value 
_pdbx_struct_assembly_prop.details 
3 'ABSA (A^2)' 6730  ? 
3 MORE         -22   ? 
3 'SSA (A^2)'  10140 ? 
# 
loop_
_pdbx_struct_assembly_gen.assembly_id 
_pdbx_struct_assembly_gen.oper_expression 
_pdbx_struct_assembly_gen.asym_id_list 
1 1 A,C,D,G         
2 1 B,E,F,H         
3 1 A,B,C,D,E,F,G,H 
# 
_pdbx_struct_oper_list.id                   1 
_pdbx_struct_oper_list.type                 'identity operation' 
_pdbx_struct_oper_list.name                 1_555 
_pdbx_struct_oper_list.symmetry_operation   x,y,z 
_pdbx_struct_oper_list.matrix[1][1]         1.0000000000 
_pdbx_struct_oper_list.matrix[1][2]         0.0000000000 
_pdbx_struct_oper_list.matrix[1][3]         0.0000000000 
_pdbx_struct_oper_list.vector[1]            0.0000000000 
_pdbx_struct_oper_list.matrix[2][1]         0.0000000000 
_pdbx_struct_oper_list.matrix[2][2]         1.0000000000 
_pdbx_struct_oper_list.matrix[2][3]         0.0000000000 
_pdbx_struct_oper_list.vector[2]            0.0000000000 
_pdbx_struct_oper_list.matrix[3][1]         0.0000000000 
_pdbx_struct_oper_list.matrix[3][2]         0.0000000000 
_pdbx_struct_oper_list.matrix[3][3]         1.0000000000 
_pdbx_struct_oper_list.vector[3]            0.0000000000 
# 
loop_
_struct_biol.id 
_struct_biol.pdbx_parent_biol_id 
_struct_biol.details 
1 ? ? 
2 ? ? 
# 
loop_
_struct_conf.conf_type_id 
_struct_conf.id 
_struct_conf.pdbx_PDB_helix_id 
_struct_conf.beg_label_comp_id 
_struct_conf.beg_label_asym_id 
_struct_conf.beg_label_seq_id 
_struct_conf.pdbx_beg_PDB_ins_code 
_struct_conf.end_label_comp_id 
_struct_conf.end_label_asym_id 
_struct_conf.end_label_seq_id 
_struct_conf.pdbx_end_PDB_ins_code 
_struct_conf.beg_auth_comp_id 
_struct_conf.beg_auth_asym_id 
_struct_conf.beg_auth_seq_id 
_struct_conf.end_auth_comp_id 
_struct_conf.end_auth_asym_id 
_struct_conf.end_auth_seq_id 
_struct_conf.pdbx_PDB_helix_class 
_struct_conf.details 
_struct_conf.pdbx_PDB_helix_length 
HELX_P HELX_P1 1 PRO A 12 ? LYS A 22 ? PRO A 66  LYS A 76  1 ? 11 
HELX_P HELX_P2 2 SER A 73 ? HIS A 81 ? SER A 127 HIS A 135 1 ? 9  
HELX_P HELX_P3 3 LYS B 15 ? LEU B 20 ? LYS B 69  LEU B 74  1 ? 6  
HELX_P HELX_P4 4 SER B 73 ? HIS B 81 ? SER B 127 HIS B 135 1 ? 9  
# 
_struct_conf_type.id          HELX_P 
_struct_conf_type.criteria    ? 
_struct_conf_type.reference   ? 
# 
loop_
_struct_sheet.id 
_struct_sheet.type 
_struct_sheet.number_strands 
_struct_sheet.details 
A ? 3 ? 
B ? 2 ? 
C ? 3 ? 
D ? 2 ? 
# 
loop_
_struct_sheet_order.sheet_id 
_struct_sheet_order.range_id_1 
_struct_sheet_order.range_id_2 
_struct_sheet_order.offset 
_struct_sheet_order.sense 
A 1 2 ? anti-parallel 
A 2 3 ? anti-parallel 
B 1 2 ? anti-parallel 
C 1 2 ? anti-parallel 
C 2 3 ? anti-parallel 
D 1 2 ? anti-parallel 
# 
loop_
_struct_sheet_range.sheet_id 
_struct_sheet_range.id 
_struct_sheet_range.beg_label_comp_id 
_struct_sheet_range.beg_label_asym_id 
_struct_sheet_range.beg_label_seq_id 
_struct_sheet_range.pdbx_beg_PDB_ins_code 
_struct_sheet_range.end_label_comp_id 
_struct_sheet_range.end_label_asym_id 
_struct_sheet_range.end_label_seq_id 
_struct_sheet_range.pdbx_end_PDB_ins_code 
_struct_sheet_range.beg_auth_comp_id 
_struct_sheet_range.beg_auth_asym_id 
_struct_sheet_range.beg_auth_seq_id 
_struct_sheet_range.end_auth_comp_id 
_struct_sheet_range.end_auth_asym_id 
_struct_sheet_range.end_auth_seq_id 
A 1 PHE A 29 ? GLU A 33 ? PHE A 83  GLU A 87  
A 2 PHE A 41 ? PHE A 47 ? PHE A 95  PHE A 101 
A 3 ASP A 50 ? LYS A 55 ? ASP A 104 LYS A 109 
B 1 LEU A 57 ? ARG A 58 ? LEU A 111 ARG A 112 
B 2 TYR A 64 ? PHE A 65 ? TYR A 118 PHE A 119 
C 1 PHE B 29 ? ARG B 32 ? PHE B 83  ARG B 86  
C 2 SER B 42 ? LYS B 46 ? SER B 96  LYS B 100 
C 3 VAL B 51 ? LYS B 55 ? VAL B 105 LYS B 109 
D 1 LEU B 57 ? ARG B 58 ? LEU B 111 ARG B 112 
D 2 TYR B 64 ? PHE B 65 ? TYR B 118 PHE B 119 
# 
loop_
_pdbx_struct_sheet_hbond.sheet_id 
_pdbx_struct_sheet_hbond.range_id_1 
_pdbx_struct_sheet_hbond.range_id_2 
_pdbx_struct_sheet_hbond.range_1_label_atom_id 
_pdbx_struct_sheet_hbond.range_1_label_comp_id 
_pdbx_struct_sheet_hbond.range_1_label_asym_id 
_pdbx_struct_sheet_hbond.range_1_label_seq_id 
_pdbx_struct_sheet_hbond.range_1_PDB_ins_code 
_pdbx_struct_sheet_hbond.range_1_auth_atom_id 
_pdbx_struct_sheet_hbond.range_1_auth_comp_id 
_pdbx_struct_sheet_hbond.range_1_auth_asym_id 
_pdbx_struct_sheet_hbond.range_1_auth_seq_id 
_pdbx_struct_sheet_hbond.range_2_label_atom_id 
_pdbx_struct_sheet_hbond.range_2_label_comp_id 
_pdbx_struct_sheet_hbond.range_2_label_asym_id 
_pdbx_struct_sheet_hbond.range_2_label_seq_id 
_pdbx_struct_sheet_hbond.range_2_PDB_ins_code 
_pdbx_struct_sheet_hbond.range_2_auth_atom_id 
_pdbx_struct_sheet_hbond.range_2_auth_comp_id 
_pdbx_struct_sheet_hbond.range_2_auth_asym_id 
_pdbx_struct_sheet_hbond.range_2_auth_seq_id 
A 1 2 N ARG A 32 ? N ARG A 86  O SER A 42 ? O SER A 96  
A 2 3 N VAL A 45 ? N VAL A 99  O GLN A 52 ? O GLN A 106 
B 1 2 N LEU A 57 ? N LEU A 111 O PHE A 65 ? O PHE A 119 
C 1 2 N LEU B 30 ? N LEU B 84  O SER B 44 ? O SER B 98  
C 2 3 N LEU B 43 ? N LEU B 97  O PHE B 54 ? O PHE B 108 
D 1 2 N LEU B 57 ? N LEU B 111 O PHE B 65 ? O PHE B 119 
# 
loop_
_struct_site.id 
_struct_site.pdbx_evidence_code 
_struct_site.pdbx_auth_asym_id 
_struct_site.pdbx_auth_comp_id 
_struct_site.pdbx_auth_seq_id 
_struct_site.pdbx_auth_ins_code 
_struct_site.pdbx_num_residues 
_struct_site.details 
AC1 Software A S1S 201 ? 12 'BINDING SITE FOR RESIDUE S1S A 201' 
AC2 Software B S1S 301 ? 17 'BINDING SITE FOR RESIDUE S1S B 301' 
AC3 Software A S1S 401 ? 16 'BINDING SITE FOR RESIDUE S1S A 401' 
AC4 Software B P33 501 ? 3  'BINDING SITE FOR RESIDUE P33 B 501' 
# 
loop_
_struct_site_gen.id 
_struct_site_gen.site_id 
_struct_site_gen.pdbx_num_res 
_struct_site_gen.label_comp_id 
_struct_site_gen.label_asym_id 
_struct_site_gen.label_seq_id 
_struct_site_gen.pdbx_auth_ins_code 
_struct_site_gen.auth_comp_id 
_struct_site_gen.auth_asym_id 
_struct_site_gen.auth_seq_id 
_struct_site_gen.label_atom_id 
_struct_site_gen.label_alt_id 
_struct_site_gen.symmetry 
_struct_site_gen.details 
1  AC1 12 ARG A 13 ? ARG A 67  . ? 1_555 ? 
2  AC1 12 ARG A 32 ? ARG A 86  . ? 1_555 ? 
3  AC1 12 SER A 34 ? SER A 88  . ? 1_555 ? 
4  AC1 12 GLU A 35 ? GLU A 89  . ? 1_555 ? 
5  AC1 12 SER A 36 ? SER A 90  . ? 1_555 ? 
6  AC1 12 SER A 42 ? SER A 96  . ? 1_555 ? 
7  AC1 12 HIS A 53 ? HIS A 107 . ? 1_555 ? 
8  AC1 12 PHE A 54 ? PHE A 108 . ? 1_555 ? 
9  AC1 12 LYS A 55 ? LYS A 109 . ? 1_555 ? 
10 AC1 12 LEU A 57 ? LEU A 111 . ? 1_555 ? 
11 AC1 12 LEU A 66 ? LEU A 120 . ? 1_555 ? 
12 AC1 12 ARG B 88 ? ARG B 142 . ? 4_555 ? 
13 AC2 17 ASN A 89 ? ASN A 143 . ? 3_655 ? 
14 AC2 17 S1S D .  ? S1S A 401 . ? 3_655 ? 
15 AC2 17 S1S D .  ? S1S A 401 . ? 1_555 ? 
16 AC2 17 HOH G .  ? HOH A 402 . ? 1_555 ? 
17 AC2 17 HOH G .  ? HOH A 406 . ? 3_655 ? 
18 AC2 17 HOH G .  ? HOH A 406 . ? 1_555 ? 
19 AC2 17 HOH G .  ? HOH A 417 . ? 1_555 ? 
20 AC2 17 ARG B 32 ? ARG B 86  . ? 1_555 ? 
21 AC2 17 SER B 42 ? SER B 96  . ? 1_555 ? 
22 AC2 17 HIS B 53 ? HIS B 107 . ? 1_555 ? 
23 AC2 17 PHE B 54 ? PHE B 108 . ? 1_555 ? 
24 AC2 17 LYS B 55 ? LYS B 109 . ? 1_555 ? 
25 AC2 17 LEU B 57 ? LEU B 111 . ? 1_555 ? 
26 AC2 17 LEU B 66 ? LEU B 120 . ? 1_555 ? 
27 AC2 17 TRP B 67 ? TRP B 121 . ? 1_555 ? 
28 AC2 17 P33 F .  ? P33 B 501 . ? 1_555 ? 
29 AC2 17 HOH H .  ? HOH B 524 . ? 1_555 ? 
30 AC3 16 ASP A 59 ? ASP A 113 . ? 1_555 ? 
31 AC3 16 LYS A 63 ? LYS A 117 . ? 1_555 ? 
32 AC3 16 ARG A 88 ? ARG A 142 . ? 1_555 ? 
33 AC3 16 HOH G .  ? HOH A 402 . ? 1_555 ? 
34 AC3 16 HOH G .  ? HOH A 404 . ? 1_555 ? 
35 AC3 16 HOH G .  ? HOH A 458 . ? 1_555 ? 
36 AC3 16 ASP B 40 ? ASP B 94  . ? 3_655 ? 
37 AC3 16 LYS B 55 ? LYS B 109 . ? 3_655 ? 
38 AC3 16 LEU B 57 ? LEU B 111 . ? 3_655 ? 
39 AC3 16 TRP B 67 ? TRP B 121 . ? 1_555 ? 
40 AC3 16 VAL B 68 ? VAL B 122 . ? 1_555 ? 
41 AC3 16 LYS B 70 ? LYS B 124 . ? 1_555 ? 
42 AC3 16 GLU B 76 ? GLU B 130 . ? 1_555 ? 
43 AC3 16 S1S E .  ? S1S B 301 . ? 3_655 ? 
44 AC3 16 S1S E .  ? S1S B 301 . ? 1_555 ? 
45 AC3 16 HOH H .  ? HOH B 506 . ? 1_555 ? 
46 AC4 3  ARG B 58 ? ARG B 112 . ? 1_555 ? 
47 AC4 3  S1S E .  ? S1S B 301 . ? 1_555 ? 
48 AC4 3  HOH H .  ? HOH B 517 . ? 1_555 ? 
# 
loop_
_pdbx_validate_close_contact.id 
_pdbx_validate_close_contact.PDB_model_num 
_pdbx_validate_close_contact.auth_atom_id_1 
_pdbx_validate_close_contact.auth_asym_id_1 
_pdbx_validate_close_contact.auth_comp_id_1 
_pdbx_validate_close_contact.auth_seq_id_1 
_pdbx_validate_close_contact.PDB_ins_code_1 
_pdbx_validate_close_contact.label_alt_id_1 
_pdbx_validate_close_contact.auth_atom_id_2 
_pdbx_validate_close_contact.auth_asym_id_2 
_pdbx_validate_close_contact.auth_comp_id_2 
_pdbx_validate_close_contact.auth_seq_id_2 
_pdbx_validate_close_contact.PDB_ins_code_2 
_pdbx_validate_close_contact.label_alt_id_2 
_pdbx_validate_close_contact.dist 
1 1 O   B GLN 77  ? ? O  B HOH 529 ? ? 1.81 
2 1 O   A HOH 426 ? ? O  A HOH 432 ? ? 1.82 
3 1 O   A LEU 148 ? ? O  A HOH 446 ? ? 1.87 
4 1 O   A HOH 418 ? ? O  A HOH 420 ? ? 2.02 
5 1 OG1 A THR 138 ? ? O  A HOH 431 ? ? 2.04 
6 1 NZ  A LYS 117 ? ? CB B LYS 124 ? ? 2.04 
7 1 O   B LYS 76  ? ? O  B HOH 525 ? ? 2.07 
8 1 O   A HOH 467 ? ? O  A HOH 468 ? ? 2.19 
# 
loop_
_pdbx_validate_rmsd_bond.id 
_pdbx_validate_rmsd_bond.PDB_model_num 
_pdbx_validate_rmsd_bond.auth_atom_id_1 
_pdbx_validate_rmsd_bond.auth_asym_id_1 
_pdbx_validate_rmsd_bond.auth_comp_id_1 
_pdbx_validate_rmsd_bond.auth_seq_id_1 
_pdbx_validate_rmsd_bond.PDB_ins_code_1 
_pdbx_validate_rmsd_bond.label_alt_id_1 
_pdbx_validate_rmsd_bond.auth_atom_id_2 
_pdbx_validate_rmsd_bond.auth_asym_id_2 
_pdbx_validate_rmsd_bond.auth_comp_id_2 
_pdbx_validate_rmsd_bond.auth_seq_id_2 
_pdbx_validate_rmsd_bond.PDB_ins_code_2 
_pdbx_validate_rmsd_bond.label_alt_id_2 
_pdbx_validate_rmsd_bond.bond_value 
_pdbx_validate_rmsd_bond.bond_target_value 
_pdbx_validate_rmsd_bond.bond_deviation 
_pdbx_validate_rmsd_bond.bond_standard_deviation 
_pdbx_validate_rmsd_bond.linker_flag 
1  1 CE3 A TRP 60  ? ? CZ3 A TRP 60  ? ? 1.488 1.380 0.108  0.017 N 
2  1 CE1 A PHE 61  ? ? CZ  A PHE 61  ? ? 1.241 1.369 -0.128 0.019 N 
3  1 CA  A ALA 70  ? ? CB  A ALA 70  ? ? 1.651 1.520 0.131  0.021 N 
4  1 CD1 A PHE 108 ? ? CE1 A PHE 108 ? ? 1.252 1.388 -0.136 0.020 N 
5  1 NE  A ARG 112 ? ? CZ  A ARG 112 ? ? 1.218 1.326 -0.108 0.013 N 
6  1 CB  A VAL 123 ? ? CG1 A VAL 123 ? ? 1.334 1.524 -0.190 0.021 N 
7  1 CA  A ASN 129 ? ? CB  A ASN 129 ? ? 1.736 1.527 0.209  0.026 N 
8  1 CD  A GLU 130 ? ? OE1 A GLU 130 ? ? 1.328 1.252 0.076  0.011 N 
9  1 CB  A TYR 134 ? ? CG  A TYR 134 ? ? 1.389 1.512 -0.123 0.015 N 
10 1 CE1 A TYR 134 ? ? CZ  A TYR 134 ? ? 1.279 1.381 -0.102 0.013 N 
11 1 CA  A SER 139 ? ? CB  A SER 139 ? ? 1.429 1.525 -0.096 0.015 N 
12 1 CA  A ILE 146 ? ? CB  A ILE 146 ? ? 1.703 1.544 0.159  0.023 N 
13 1 CA  A PHE 147 ? ? CB  A PHE 147 ? ? 1.698 1.535 0.163  0.022 N 
14 1 CA  A ARG 149 ? ? CB  A ARG 149 ? ? 1.340 1.535 -0.195 0.022 N 
15 1 CA  A ASP 150 ? ? CB  A ASP 150 ? ? 1.688 1.535 0.153  0.022 N 
16 1 CB  B VAL 110 ? ? CG1 B VAL 110 ? ? 1.389 1.524 -0.135 0.021 N 
17 1 CB  B VAL 110 ? ? CG2 B VAL 110 ? ? 1.651 1.524 0.127  0.021 N 
18 1 CD  B GLU 130 ? ? OE1 B GLU 130 ? ? 1.345 1.252 0.093  0.011 N 
19 1 N   B SER 139 ? ? CA  B SER 139 ? ? 1.306 1.459 -0.153 0.020 N 
# 
loop_
_pdbx_validate_rmsd_angle.id 
_pdbx_validate_rmsd_angle.PDB_model_num 
_pdbx_validate_rmsd_angle.auth_atom_id_1 
_pdbx_validate_rmsd_angle.auth_asym_id_1 
_pdbx_validate_rmsd_angle.auth_comp_id_1 
_pdbx_validate_rmsd_angle.auth_seq_id_1 
_pdbx_validate_rmsd_angle.PDB_ins_code_1 
_pdbx_validate_rmsd_angle.label_alt_id_1 
_pdbx_validate_rmsd_angle.auth_atom_id_2 
_pdbx_validate_rmsd_angle.auth_asym_id_2 
_pdbx_validate_rmsd_angle.auth_comp_id_2 
_pdbx_validate_rmsd_angle.auth_seq_id_2 
_pdbx_validate_rmsd_angle.PDB_ins_code_2 
_pdbx_validate_rmsd_angle.label_alt_id_2 
_pdbx_validate_rmsd_angle.auth_atom_id_3 
_pdbx_validate_rmsd_angle.auth_asym_id_3 
_pdbx_validate_rmsd_angle.auth_comp_id_3 
_pdbx_validate_rmsd_angle.auth_seq_id_3 
_pdbx_validate_rmsd_angle.PDB_ins_code_3 
_pdbx_validate_rmsd_angle.label_alt_id_3 
_pdbx_validate_rmsd_angle.angle_value 
_pdbx_validate_rmsd_angle.angle_target_value 
_pdbx_validate_rmsd_angle.angle_deviation 
_pdbx_validate_rmsd_angle.angle_standard_deviation 
_pdbx_validate_rmsd_angle.linker_flag 
1  1 NE  A ARG 67  ? ? CZ A ARG 67  ? ? NH1 A ARG 67  ? ? 124.86 120.30 4.56   0.50 N 
2  1 CB  A ASP 80  ? ? CG A ASP 80  ? ? OD1 A ASP 80  ? ? 112.63 118.30 -5.67  0.90 N 
3  1 CB  A ASP 80  ? ? CG A ASP 80  ? ? OD2 A ASP 80  ? ? 124.05 118.30 5.75   0.90 N 
4  1 CD  A LYS 100 ? ? CE A LYS 100 ? ? NZ  A LYS 100 ? ? 127.83 111.70 16.13  2.30 N 
5  1 CB  A ASP 104 ? ? CG A ASP 104 ? ? OD2 A ASP 104 ? ? 123.84 118.30 5.54   0.90 N 
6  1 CB  A ARG 112 ? ? CA A ARG 112 ? ? C   A ARG 112 ? ? 96.75  110.40 -13.65 2.00 N 
7  1 NE  A ARG 112 ? ? CZ A ARG 112 ? ? NH1 A ARG 112 ? ? 115.24 120.30 -5.06  0.50 N 
8  1 NE  A ARG 112 ? ? CZ A ARG 112 ? ? NH2 A ARG 112 ? ? 124.86 120.30 4.56   0.50 N 
9  1 CB  A ASP 113 ? ? CG A ASP 113 ? ? OD2 A ASP 113 ? ? 125.69 118.30 7.39   0.90 N 
10 1 NE  A ARG 136 ? ? CZ A ARG 136 ? ? NH2 A ARG 136 ? ? 117.09 120.30 -3.21  0.50 N 
11 1 N   A PHE 147 ? ? CA A PHE 147 ? ? C   A PHE 147 ? ? 135.71 111.00 24.71  2.70 N 
12 1 O   A PHE 147 ? ? C  A PHE 147 ? ? N   A LEU 148 ? ? 111.09 122.70 -11.61 1.60 Y 
13 1 N   A ARG 149 ? ? CA A ARG 149 ? ? C   A ARG 149 ? ? 135.61 111.00 24.61  2.70 N 
14 1 CB  B LYS 69  ? ? CA B LYS 69  ? ? C   B LYS 69  ? ? 124.10 110.40 13.70  2.00 N 
15 1 CB  B ASP 80  ? ? CG B ASP 80  ? ? OD2 B ASP 80  ? ? 126.04 118.30 7.74   0.90 N 
16 1 NE  B ARG 86  ? ? CZ B ARG 86  ? ? NH1 B ARG 86  ? ? 123.63 120.30 3.33   0.50 N 
17 1 CB  B ASP 113 ? ? CG B ASP 113 ? ? OD1 B ASP 113 ? ? 126.54 118.30 8.24   0.90 N 
18 1 CG1 B ILE 146 ? ? CB B ILE 146 ? ? CG2 B ILE 146 ? ? 96.69  111.40 -14.71 2.20 N 
# 
loop_
_pdbx_validate_torsion.id 
_pdbx_validate_torsion.PDB_model_num 
_pdbx_validate_torsion.auth_comp_id 
_pdbx_validate_torsion.auth_asym_id 
_pdbx_validate_torsion.auth_seq_id 
_pdbx_validate_torsion.PDB_ins_code 
_pdbx_validate_torsion.label_alt_id 
_pdbx_validate_torsion.phi 
_pdbx_validate_torsion.psi 
1 1 PRO A 59  ? ? -37.83  -31.07 
2 1 LYS A 76  ? ? -88.36  34.09  
3 1 ARG A 78  ? ? -58.08  -79.68 
4 1 PHE A 147 ? ? -102.56 -67.97 
5 1 LEU A 148 ? ? 173.75  169.40 
6 1 SER B 75  ? ? -29.99  -44.51 
# 
_pdbx_validate_peptide_omega.id               1 
_pdbx_validate_peptide_omega.PDB_model_num    1 
_pdbx_validate_peptide_omega.auth_comp_id_1   LEU 
_pdbx_validate_peptide_omega.auth_asym_id_1   A 
_pdbx_validate_peptide_omega.auth_seq_id_1    148 
_pdbx_validate_peptide_omega.PDB_ins_code_1   ? 
_pdbx_validate_peptide_omega.label_alt_id_1   ? 
_pdbx_validate_peptide_omega.auth_comp_id_2   ARG 
_pdbx_validate_peptide_omega.auth_asym_id_2   A 
_pdbx_validate_peptide_omega.auth_seq_id_2    149 
_pdbx_validate_peptide_omega.PDB_ins_code_2   ? 
_pdbx_validate_peptide_omega.label_alt_id_2   ? 
_pdbx_validate_peptide_omega.omega            -124.07 
# 
loop_
_pdbx_validate_chiral.id 
_pdbx_validate_chiral.PDB_model_num 
_pdbx_validate_chiral.auth_atom_id 
_pdbx_validate_chiral.label_alt_id 
_pdbx_validate_chiral.auth_asym_id 
_pdbx_validate_chiral.auth_comp_id 
_pdbx_validate_chiral.auth_seq_id 
_pdbx_validate_chiral.PDB_ins_code 
_pdbx_validate_chiral.details 
_pdbx_validate_chiral.omega 
1 1 C38 ? A S1S 201 ? 'WRONG HAND' . 
2 1 C27 ? A S1S 201 ? PLANAR       . 
3 1 C38 ? A S1S 401 ? PLANAR       . 
4 1 C27 ? A S1S 401 ? PLANAR       . 
5 1 C27 ? B S1S 301 ? PLANAR       . 
# 
loop_
_pdbx_unobs_or_zero_occ_residues.id 
_pdbx_unobs_or_zero_occ_residues.PDB_model_num 
_pdbx_unobs_or_zero_occ_residues.polymer_flag 
_pdbx_unobs_or_zero_occ_residues.occupancy_flag 
_pdbx_unobs_or_zero_occ_residues.auth_asym_id 
_pdbx_unobs_or_zero_occ_residues.auth_comp_id 
_pdbx_unobs_or_zero_occ_residues.auth_seq_id 
_pdbx_unobs_or_zero_occ_residues.PDB_ins_code 
_pdbx_unobs_or_zero_occ_residues.label_asym_id 
_pdbx_unobs_or_zero_occ_residues.label_comp_id 
_pdbx_unobs_or_zero_occ_residues.label_seq_id 
1  1 Y 1 A MET 55  ? A MET 1  
2  1 Y 1 A LYS 56  ? A LYS 2  
3  1 Y 1 A PRO 57  ? A PRO 3  
4  1 Y 1 A ILE 151 ? A ILE 97 
5  1 Y 1 A GLU 152 ? A GLU 98 
6  1 Y 1 A GLN 153 ? A GLN 99 
7  1 Y 1 B MET 55  ? B MET 1  
8  1 Y 1 B LYS 56  ? B LYS 2  
9  1 Y 1 B PRO 57  ? B PRO 3  
10 1 Y 1 B HIS 58  ? B HIS 4  
11 1 Y 1 B PRO 59  ? B PRO 5  
12 1 Y 1 B TRP 60  ? B TRP 6  
13 1 Y 1 B PHE 61  ? B PHE 7  
14 1 Y 1 B PHE 62  ? B PHE 8  
15 1 Y 1 B GLY 63  ? B GLY 9  
16 1 Y 1 B LYS 64  ? B LYS 10 
17 1 Y 1 B ILE 65  ? B ILE 11 
18 1 Y 1 B PRO 66  ? B PRO 12 
19 1 Y 1 B ARG 67  ? B ARG 13 
20 1 Y 1 B SER 88  ? B SER 34 
21 1 Y 1 B GLU 89  ? B GLU 35 
22 1 Y 1 B SER 90  ? B SER 36 
23 1 Y 1 B ALA 91  ? B ALA 37 
24 1 Y 1 B PRO 92  ? B PRO 38 
25 1 Y 1 B ASP 150 ? B ASP 96 
26 1 Y 1 B ILE 151 ? B ILE 97 
27 1 Y 1 B GLU 152 ? B GLU 98 
28 1 Y 1 B GLN 153 ? B GLN 99 
# 
loop_
_chem_comp_atom.comp_id 
_chem_comp_atom.atom_id 
_chem_comp_atom.type_symbol 
_chem_comp_atom.pdbx_aromatic_flag 
_chem_comp_atom.pdbx_stereo_config 
_chem_comp_atom.pdbx_ordinal 
ALA N    N N N 1   
ALA CA   C N S 2   
ALA C    C N N 3   
ALA O    O N N 4   
ALA CB   C N N 5   
ALA OXT  O N N 6   
ALA H    H N N 7   
ALA H2   H N N 8   
ALA HA   H N N 9   
ALA HB1  H N N 10  
ALA HB2  H N N 11  
ALA HB3  H N N 12  
ALA HXT  H N N 13  
ARG N    N N N 14  
ARG CA   C N S 15  
ARG C    C N N 16  
ARG O    O N N 17  
ARG CB   C N N 18  
ARG CG   C N N 19  
ARG CD   C N N 20  
ARG NE   N N N 21  
ARG CZ   C N N 22  
ARG NH1  N N N 23  
ARG NH2  N N N 24  
ARG OXT  O N N 25  
ARG H    H N N 26  
ARG H2   H N N 27  
ARG HA   H N N 28  
ARG HB2  H N N 29  
ARG HB3  H N N 30  
ARG HG2  H N N 31  
ARG HG3  H N N 32  
ARG HD2  H N N 33  
ARG HD3  H N N 34  
ARG HE   H N N 35  
ARG HH11 H N N 36  
ARG HH12 H N N 37  
ARG HH21 H N N 38  
ARG HH22 H N N 39  
ARG HXT  H N N 40  
ASN N    N N N 41  
ASN CA   C N S 42  
ASN C    C N N 43  
ASN O    O N N 44  
ASN CB   C N N 45  
ASN CG   C N N 46  
ASN OD1  O N N 47  
ASN ND2  N N N 48  
ASN OXT  O N N 49  
ASN H    H N N 50  
ASN H2   H N N 51  
ASN HA   H N N 52  
ASN HB2  H N N 53  
ASN HB3  H N N 54  
ASN HD21 H N N 55  
ASN HD22 H N N 56  
ASN HXT  H N N 57  
ASP N    N N N 58  
ASP CA   C N S 59  
ASP C    C N N 60  
ASP O    O N N 61  
ASP CB   C N N 62  
ASP CG   C N N 63  
ASP OD1  O N N 64  
ASP OD2  O N N 65  
ASP OXT  O N N 66  
ASP H    H N N 67  
ASP H2   H N N 68  
ASP HA   H N N 69  
ASP HB2  H N N 70  
ASP HB3  H N N 71  
ASP HD2  H N N 72  
ASP HXT  H N N 73  
GLN N    N N N 74  
GLN CA   C N S 75  
GLN C    C N N 76  
GLN O    O N N 77  
GLN CB   C N N 78  
GLN CG   C N N 79  
GLN CD   C N N 80  
GLN OE1  O N N 81  
GLN NE2  N N N 82  
GLN OXT  O N N 83  
GLN H    H N N 84  
GLN H2   H N N 85  
GLN HA   H N N 86  
GLN HB2  H N N 87  
GLN HB3  H N N 88  
GLN HG2  H N N 89  
GLN HG3  H N N 90  
GLN HE21 H N N 91  
GLN HE22 H N N 92  
GLN HXT  H N N 93  
GLU N    N N N 94  
GLU CA   C N S 95  
GLU C    C N N 96  
GLU O    O N N 97  
GLU CB   C N N 98  
GLU CG   C N N 99  
GLU CD   C N N 100 
GLU OE1  O N N 101 
GLU OE2  O N N 102 
GLU OXT  O N N 103 
GLU H    H N N 104 
GLU H2   H N N 105 
GLU HA   H N N 106 
GLU HB2  H N N 107 
GLU HB3  H N N 108 
GLU HG2  H N N 109 
GLU HG3  H N N 110 
GLU HE2  H N N 111 
GLU HXT  H N N 112 
GLY N    N N N 113 
GLY CA   C N N 114 
GLY C    C N N 115 
GLY O    O N N 116 
GLY OXT  O N N 117 
GLY H    H N N 118 
GLY H2   H N N 119 
GLY HA2  H N N 120 
GLY HA3  H N N 121 
GLY HXT  H N N 122 
HIS N    N N N 123 
HIS CA   C N S 124 
HIS C    C N N 125 
HIS O    O N N 126 
HIS CB   C N N 127 
HIS CG   C Y N 128 
HIS ND1  N Y N 129 
HIS CD2  C Y N 130 
HIS CE1  C Y N 131 
HIS NE2  N Y N 132 
HIS OXT  O N N 133 
HIS H    H N N 134 
HIS H2   H N N 135 
HIS HA   H N N 136 
HIS HB2  H N N 137 
HIS HB3  H N N 138 
HIS HD1  H N N 139 
HIS HD2  H N N 140 
HIS HE1  H N N 141 
HIS HE2  H N N 142 
HIS HXT  H N N 143 
HOH O    O N N 144 
HOH H1   H N N 145 
HOH H2   H N N 146 
ILE N    N N N 147 
ILE CA   C N S 148 
ILE C    C N N 149 
ILE O    O N N 150 
ILE CB   C N S 151 
ILE CG1  C N N 152 
ILE CG2  C N N 153 
ILE CD1  C N N 154 
ILE OXT  O N N 155 
ILE H    H N N 156 
ILE H2   H N N 157 
ILE HA   H N N 158 
ILE HB   H N N 159 
ILE HG12 H N N 160 
ILE HG13 H N N 161 
ILE HG21 H N N 162 
ILE HG22 H N N 163 
ILE HG23 H N N 164 
ILE HD11 H N N 165 
ILE HD12 H N N 166 
ILE HD13 H N N 167 
ILE HXT  H N N 168 
LEU N    N N N 169 
LEU CA   C N S 170 
LEU C    C N N 171 
LEU O    O N N 172 
LEU CB   C N N 173 
LEU CG   C N N 174 
LEU CD1  C N N 175 
LEU CD2  C N N 176 
LEU OXT  O N N 177 
LEU H    H N N 178 
LEU H2   H N N 179 
LEU HA   H N N 180 
LEU HB2  H N N 181 
LEU HB3  H N N 182 
LEU HG   H N N 183 
LEU HD11 H N N 184 
LEU HD12 H N N 185 
LEU HD13 H N N 186 
LEU HD21 H N N 187 
LEU HD22 H N N 188 
LEU HD23 H N N 189 
LEU HXT  H N N 190 
LYS N    N N N 191 
LYS CA   C N S 192 
LYS C    C N N 193 
LYS O    O N N 194 
LYS CB   C N N 195 
LYS CG   C N N 196 
LYS CD   C N N 197 
LYS CE   C N N 198 
LYS NZ   N N N 199 
LYS OXT  O N N 200 
LYS H    H N N 201 
LYS H2   H N N 202 
LYS HA   H N N 203 
LYS HB2  H N N 204 
LYS HB3  H N N 205 
LYS HG2  H N N 206 
LYS HG3  H N N 207 
LYS HD2  H N N 208 
LYS HD3  H N N 209 
LYS HE2  H N N 210 
LYS HE3  H N N 211 
LYS HZ1  H N N 212 
LYS HZ2  H N N 213 
LYS HZ3  H N N 214 
LYS HXT  H N N 215 
MET N    N N N 216 
MET CA   C N S 217 
MET C    C N N 218 
MET O    O N N 219 
MET CB   C N N 220 
MET CG   C N N 221 
MET SD   S N N 222 
MET CE   C N N 223 
MET OXT  O N N 224 
MET H    H N N 225 
MET H2   H N N 226 
MET HA   H N N 227 
MET HB2  H N N 228 
MET HB3  H N N 229 
MET HG2  H N N 230 
MET HG3  H N N 231 
MET HE1  H N N 232 
MET HE2  H N N 233 
MET HE3  H N N 234 
MET HXT  H N N 235 
P33 O22  O N N 236 
P33 C21  C N N 237 
P33 C20  C N N 238 
P33 O19  O N N 239 
P33 C18  C N N 240 
P33 C17  C N N 241 
P33 O16  O N N 242 
P33 C15  C N N 243 
P33 C14  C N N 244 
P33 O13  O N N 245 
P33 C12  C N N 246 
P33 C11  C N N 247 
P33 O10  O N N 248 
P33 C9   C N N 249 
P33 C8   C N N 250 
P33 O7   O N N 251 
P33 C6   C N N 252 
P33 C5   C N N 253 
P33 O4   O N N 254 
P33 C3   C N N 255 
P33 C2   C N N 256 
P33 O1   O N N 257 
P33 H22  H N N 258 
P33 H211 H N N 259 
P33 H212 H N N 260 
P33 H201 H N N 261 
P33 H202 H N N 262 
P33 H181 H N N 263 
P33 H182 H N N 264 
P33 H171 H N N 265 
P33 H172 H N N 266 
P33 H151 H N N 267 
P33 H152 H N N 268 
P33 H141 H N N 269 
P33 H142 H N N 270 
P33 H121 H N N 271 
P33 H122 H N N 272 
P33 H111 H N N 273 
P33 H112 H N N 274 
P33 H91  H N N 275 
P33 H92  H N N 276 
P33 H81  H N N 277 
P33 H82  H N N 278 
P33 H61  H N N 279 
P33 H62  H N N 280 
P33 H51  H N N 281 
P33 H52  H N N 282 
P33 H31  H N N 283 
P33 H32  H N N 284 
P33 H21  H N N 285 
P33 H22A H N N 286 
P33 HO1  H N N 287 
PHE N    N N N 288 
PHE CA   C N S 289 
PHE C    C N N 290 
PHE O    O N N 291 
PHE CB   C N N 292 
PHE CG   C Y N 293 
PHE CD1  C Y N 294 
PHE CD2  C Y N 295 
PHE CE1  C Y N 296 
PHE CE2  C Y N 297 
PHE CZ   C Y N 298 
PHE OXT  O N N 299 
PHE H    H N N 300 
PHE H2   H N N 301 
PHE HA   H N N 302 
PHE HB2  H N N 303 
PHE HB3  H N N 304 
PHE HD1  H N N 305 
PHE HD2  H N N 306 
PHE HE1  H N N 307 
PHE HE2  H N N 308 
PHE HZ   H N N 309 
PHE HXT  H N N 310 
PRO N    N N N 311 
PRO CA   C N S 312 
PRO C    C N N 313 
PRO O    O N N 314 
PRO CB   C N N 315 
PRO CG   C N N 316 
PRO CD   C N N 317 
PRO OXT  O N N 318 
PRO H    H N N 319 
PRO HA   H N N 320 
PRO HB2  H N N 321 
PRO HB3  H N N 322 
PRO HG2  H N N 323 
PRO HG3  H N N 324 
PRO HD2  H N N 325 
PRO HD3  H N N 326 
PRO HXT  H N N 327 
S1S O9   O N N 328 
S1S C40  C N N 329 
S1S O8   O N N 330 
S1S C39  C N N 331 
S1S C38  C N S 332 
S1S C15  C N S 333 
S1S C16  C Y N 334 
S1S C17  C Y N 335 
S1S C18  C Y N 336 
S1S C19  C Y N 337 
S1S C22  C N N 338 
S1S C24  C N N 339 
S1S O3   O N N 340 
S1S O2   O N N 341 
S1S C23  C N N 342 
S1S O1   O N N 343 
S1S O    O N N 344 
S1S C20  C Y N 345 
S1S C21  C Y N 346 
S1S C14  C N N 347 
S1S C13  C N N 348 
S1S C12  C N N 349 
S1S C37  C N N 350 
S1S O7   O N N 351 
S1S N3   N N N 352 
S1S C31  C N N 353 
S1S C32  C N N 354 
S1S C33  C N N 355 
S1S C34  C N N 356 
S1S C35  C N N 357 
S1S C36  C N N 358 
S1S C30  C N N 359 
S1S O6   O N N 360 
S1S N2   N N N 361 
S1S C27  C N R 362 
S1S C28  C N N 363 
S1S C29  C N N 364 
S1S N1   N N N 365 
S1S O5   O N N 366 
S1S C26  C N N 367 
S1S O4   O N N 368 
S1S N    N N N 369 
S1S C25  C N N 370 
S1S C11  C N S 371 
S1S C10  C N N 372 
S1S C    C Y N 373 
S1S C1   C Y N 374 
S1S C2   C Y N 375 
S1S C3   C Y N 376 
S1S C9   C Y N 377 
S1S C8   C Y N 378 
S1S C7   C Y N 379 
S1S C6   C Y N 380 
S1S C5   C Y N 381 
S1S C4   C Y N 382 
S1S HO9  H N N 383 
S1S H391 H N N 384 
S1S H392 H N N 385 
S1S H38  H N N 386 
S1S H15  H N N 387 
S1S H17  H N N 388 
S1S H18  H N N 389 
S1S H22  H N N 390 
S1S HO2  H N N 391 
S1S HO1  H N N 392 
S1S H20  H N N 393 
S1S H21  H N N 394 
S1S H14  H N N 395 
S1S H13  H N N 396 
S1S H121 H N N 397 
S1S H122 H N N 398 
S1S HN3  H N N 399 
S1S H321 H N N 400 
S1S H322 H N N 401 
S1S H331 H N N 402 
S1S H332 H N N 403 
S1S H341 H N N 404 
S1S H342 H N N 405 
S1S H351 H N N 406 
S1S H352 H N N 407 
S1S H361 H N N 408 
S1S H362 H N N 409 
S1S HN2  H N N 410 
S1S H27  H N N 411 
S1S H281 H N N 412 
S1S H282 H N N 413 
S1S HN11 H N N 414 
S1S HN12 H N N 415 
S1S HN   H N N 416 
S1S H251 H N N 417 
S1S H252 H N N 418 
S1S H11  H N N 419 
S1S H101 H N N 420 
S1S H102 H N N 421 
S1S HC1  H N N 422 
S1S HC2  H N N 423 
S1S HC3  H N N 424 
S1S HC7  H N N 425 
S1S HC6  H N N 426 
S1S HC5  H N N 427 
S1S HC4  H N N 428 
SER N    N N N 429 
SER CA   C N S 430 
SER C    C N N 431 
SER O    O N N 432 
SER CB   C N N 433 
SER OG   O N N 434 
SER OXT  O N N 435 
SER H    H N N 436 
SER H2   H N N 437 
SER HA   H N N 438 
SER HB2  H N N 439 
SER HB3  H N N 440 
SER HG   H N N 441 
SER HXT  H N N 442 
THR N    N N N 443 
THR CA   C N S 444 
THR C    C N N 445 
THR O    O N N 446 
THR CB   C N R 447 
THR OG1  O N N 448 
THR CG2  C N N 449 
THR OXT  O N N 450 
THR H    H N N 451 
THR H2   H N N 452 
THR HA   H N N 453 
THR HB   H N N 454 
THR HG1  H N N 455 
THR HG21 H N N 456 
THR HG22 H N N 457 
THR HG23 H N N 458 
THR HXT  H N N 459 
TRP N    N N N 460 
TRP CA   C N S 461 
TRP C    C N N 462 
TRP O    O N N 463 
TRP CB   C N N 464 
TRP CG   C Y N 465 
TRP CD1  C Y N 466 
TRP CD2  C Y N 467 
TRP NE1  N Y N 468 
TRP CE2  C Y N 469 
TRP CE3  C Y N 470 
TRP CZ2  C Y N 471 
TRP CZ3  C Y N 472 
TRP CH2  C Y N 473 
TRP OXT  O N N 474 
TRP H    H N N 475 
TRP H2   H N N 476 
TRP HA   H N N 477 
TRP HB2  H N N 478 
TRP HB3  H N N 479 
TRP HD1  H N N 480 
TRP HE1  H N N 481 
TRP HE3  H N N 482 
TRP HZ2  H N N 483 
TRP HZ3  H N N 484 
TRP HH2  H N N 485 
TRP HXT  H N N 486 
TYR N    N N N 487 
TYR CA   C N S 488 
TYR C    C N N 489 
TYR O    O N N 490 
TYR CB   C N N 491 
TYR CG   C Y N 492 
TYR CD1  C Y N 493 
TYR CD2  C Y N 494 
TYR CE1  C Y N 495 
TYR CE2  C Y N 496 
TYR CZ   C Y N 497 
TYR OH   O N N 498 
TYR OXT  O N N 499 
TYR H    H N N 500 
TYR H2   H N N 501 
TYR HA   H N N 502 
TYR HB2  H N N 503 
TYR HB3  H N N 504 
TYR HD1  H N N 505 
TYR HD2  H N N 506 
TYR HE1  H N N 507 
TYR HE2  H N N 508 
TYR HH   H N N 509 
TYR HXT  H N N 510 
VAL N    N N N 511 
VAL CA   C N S 512 
VAL C    C N N 513 
VAL O    O N N 514 
VAL CB   C N N 515 
VAL CG1  C N N 516 
VAL CG2  C N N 517 
VAL OXT  O N N 518 
VAL H    H N N 519 
VAL H2   H N N 520 
VAL HA   H N N 521 
VAL HB   H N N 522 
VAL HG11 H N N 523 
VAL HG12 H N N 524 
VAL HG13 H N N 525 
VAL HG21 H N N 526 
VAL HG22 H N N 527 
VAL HG23 H N N 528 
VAL HXT  H N N 529 
# 
loop_
_chem_comp_bond.comp_id 
_chem_comp_bond.atom_id_1 
_chem_comp_bond.atom_id_2 
_chem_comp_bond.value_order 
_chem_comp_bond.pdbx_aromatic_flag 
_chem_comp_bond.pdbx_stereo_config 
_chem_comp_bond.pdbx_ordinal 
ALA N   CA   sing N N 1   
ALA N   H    sing N N 2   
ALA N   H2   sing N N 3   
ALA CA  C    sing N N 4   
ALA CA  CB   sing N N 5   
ALA CA  HA   sing N N 6   
ALA C   O    doub N N 7   
ALA C   OXT  sing N N 8   
ALA CB  HB1  sing N N 9   
ALA CB  HB2  sing N N 10  
ALA CB  HB3  sing N N 11  
ALA OXT HXT  sing N N 12  
ARG N   CA   sing N N 13  
ARG N   H    sing N N 14  
ARG N   H2   sing N N 15  
ARG CA  C    sing N N 16  
ARG CA  CB   sing N N 17  
ARG CA  HA   sing N N 18  
ARG C   O    doub N N 19  
ARG C   OXT  sing N N 20  
ARG CB  CG   sing N N 21  
ARG CB  HB2  sing N N 22  
ARG CB  HB3  sing N N 23  
ARG CG  CD   sing N N 24  
ARG CG  HG2  sing N N 25  
ARG CG  HG3  sing N N 26  
ARG CD  NE   sing N N 27  
ARG CD  HD2  sing N N 28  
ARG CD  HD3  sing N N 29  
ARG NE  CZ   sing N N 30  
ARG NE  HE   sing N N 31  
ARG CZ  NH1  sing N N 32  
ARG CZ  NH2  doub N N 33  
ARG NH1 HH11 sing N N 34  
ARG NH1 HH12 sing N N 35  
ARG NH2 HH21 sing N N 36  
ARG NH2 HH22 sing N N 37  
ARG OXT HXT  sing N N 38  
ASN N   CA   sing N N 39  
ASN N   H    sing N N 40  
ASN N   H2   sing N N 41  
ASN CA  C    sing N N 42  
ASN CA  CB   sing N N 43  
ASN CA  HA   sing N N 44  
ASN C   O    doub N N 45  
ASN C   OXT  sing N N 46  
ASN CB  CG   sing N N 47  
ASN CB  HB2  sing N N 48  
ASN CB  HB3  sing N N 49  
ASN CG  OD1  doub N N 50  
ASN CG  ND2  sing N N 51  
ASN ND2 HD21 sing N N 52  
ASN ND2 HD22 sing N N 53  
ASN OXT HXT  sing N N 54  
ASP N   CA   sing N N 55  
ASP N   H    sing N N 56  
ASP N   H2   sing N N 57  
ASP CA  C    sing N N 58  
ASP CA  CB   sing N N 59  
ASP CA  HA   sing N N 60  
ASP C   O    doub N N 61  
ASP C   OXT  sing N N 62  
ASP CB  CG   sing N N 63  
ASP CB  HB2  sing N N 64  
ASP CB  HB3  sing N N 65  
ASP CG  OD1  doub N N 66  
ASP CG  OD2  sing N N 67  
ASP OD2 HD2  sing N N 68  
ASP OXT HXT  sing N N 69  
GLN N   CA   sing N N 70  
GLN N   H    sing N N 71  
GLN N   H2   sing N N 72  
GLN CA  C    sing N N 73  
GLN CA  CB   sing N N 74  
GLN CA  HA   sing N N 75  
GLN C   O    doub N N 76  
GLN C   OXT  sing N N 77  
GLN CB  CG   sing N N 78  
GLN CB  HB2  sing N N 79  
GLN CB  HB3  sing N N 80  
GLN CG  CD   sing N N 81  
GLN CG  HG2  sing N N 82  
GLN CG  HG3  sing N N 83  
GLN CD  OE1  doub N N 84  
GLN CD  NE2  sing N N 85  
GLN NE2 HE21 sing N N 86  
GLN NE2 HE22 sing N N 87  
GLN OXT HXT  sing N N 88  
GLU N   CA   sing N N 89  
GLU N   H    sing N N 90  
GLU N   H2   sing N N 91  
GLU CA  C    sing N N 92  
GLU CA  CB   sing N N 93  
GLU CA  HA   sing N N 94  
GLU C   O    doub N N 95  
GLU C   OXT  sing N N 96  
GLU CB  CG   sing N N 97  
GLU CB  HB2  sing N N 98  
GLU CB  HB3  sing N N 99  
GLU CG  CD   sing N N 100 
GLU CG  HG2  sing N N 101 
GLU CG  HG3  sing N N 102 
GLU CD  OE1  doub N N 103 
GLU CD  OE2  sing N N 104 
GLU OE2 HE2  sing N N 105 
GLU OXT HXT  sing N N 106 
GLY N   CA   sing N N 107 
GLY N   H    sing N N 108 
GLY N   H2   sing N N 109 
GLY CA  C    sing N N 110 
GLY CA  HA2  sing N N 111 
GLY CA  HA3  sing N N 112 
GLY C   O    doub N N 113 
GLY C   OXT  sing N N 114 
GLY OXT HXT  sing N N 115 
HIS N   CA   sing N N 116 
HIS N   H    sing N N 117 
HIS N   H2   sing N N 118 
HIS CA  C    sing N N 119 
HIS CA  CB   sing N N 120 
HIS CA  HA   sing N N 121 
HIS C   O    doub N N 122 
HIS C   OXT  sing N N 123 
HIS CB  CG   sing N N 124 
HIS CB  HB2  sing N N 125 
HIS CB  HB3  sing N N 126 
HIS CG  ND1  sing Y N 127 
HIS CG  CD2  doub Y N 128 
HIS ND1 CE1  doub Y N 129 
HIS ND1 HD1  sing N N 130 
HIS CD2 NE2  sing Y N 131 
HIS CD2 HD2  sing N N 132 
HIS CE1 NE2  sing Y N 133 
HIS CE1 HE1  sing N N 134 
HIS NE2 HE2  sing N N 135 
HIS OXT HXT  sing N N 136 
HOH O   H1   sing N N 137 
HOH O   H2   sing N N 138 
ILE N   CA   sing N N 139 
ILE N   H    sing N N 140 
ILE N   H2   sing N N 141 
ILE CA  C    sing N N 142 
ILE CA  CB   sing N N 143 
ILE CA  HA   sing N N 144 
ILE C   O    doub N N 145 
ILE C   OXT  sing N N 146 
ILE CB  CG1  sing N N 147 
ILE CB  CG2  sing N N 148 
ILE CB  HB   sing N N 149 
ILE CG1 CD1  sing N N 150 
ILE CG1 HG12 sing N N 151 
ILE CG1 HG13 sing N N 152 
ILE CG2 HG21 sing N N 153 
ILE CG2 HG22 sing N N 154 
ILE CG2 HG23 sing N N 155 
ILE CD1 HD11 sing N N 156 
ILE CD1 HD12 sing N N 157 
ILE CD1 HD13 sing N N 158 
ILE OXT HXT  sing N N 159 
LEU N   CA   sing N N 160 
LEU N   H    sing N N 161 
LEU N   H2   sing N N 162 
LEU CA  C    sing N N 163 
LEU CA  CB   sing N N 164 
LEU CA  HA   sing N N 165 
LEU C   O    doub N N 166 
LEU C   OXT  sing N N 167 
LEU CB  CG   sing N N 168 
LEU CB  HB2  sing N N 169 
LEU CB  HB3  sing N N 170 
LEU CG  CD1  sing N N 171 
LEU CG  CD2  sing N N 172 
LEU CG  HG   sing N N 173 
LEU CD1 HD11 sing N N 174 
LEU CD1 HD12 sing N N 175 
LEU CD1 HD13 sing N N 176 
LEU CD2 HD21 sing N N 177 
LEU CD2 HD22 sing N N 178 
LEU CD2 HD23 sing N N 179 
LEU OXT HXT  sing N N 180 
LYS N   CA   sing N N 181 
LYS N   H    sing N N 182 
LYS N   H2   sing N N 183 
LYS CA  C    sing N N 184 
LYS CA  CB   sing N N 185 
LYS CA  HA   sing N N 186 
LYS C   O    doub N N 187 
LYS C   OXT  sing N N 188 
LYS CB  CG   sing N N 189 
LYS CB  HB2  sing N N 190 
LYS CB  HB3  sing N N 191 
LYS CG  CD   sing N N 192 
LYS CG  HG2  sing N N 193 
LYS CG  HG3  sing N N 194 
LYS CD  CE   sing N N 195 
LYS CD  HD2  sing N N 196 
LYS CD  HD3  sing N N 197 
LYS CE  NZ   sing N N 198 
LYS CE  HE2  sing N N 199 
LYS CE  HE3  sing N N 200 
LYS NZ  HZ1  sing N N 201 
LYS NZ  HZ2  sing N N 202 
LYS NZ  HZ3  sing N N 203 
LYS OXT HXT  sing N N 204 
MET N   CA   sing N N 205 
MET N   H    sing N N 206 
MET N   H2   sing N N 207 
MET CA  C    sing N N 208 
MET CA  CB   sing N N 209 
MET CA  HA   sing N N 210 
MET C   O    doub N N 211 
MET C   OXT  sing N N 212 
MET CB  CG   sing N N 213 
MET CB  HB2  sing N N 214 
MET CB  HB3  sing N N 215 
MET CG  SD   sing N N 216 
MET CG  HG2  sing N N 217 
MET CG  HG3  sing N N 218 
MET SD  CE   sing N N 219 
MET CE  HE1  sing N N 220 
MET CE  HE2  sing N N 221 
MET CE  HE3  sing N N 222 
MET OXT HXT  sing N N 223 
P33 O22 C21  sing N N 224 
P33 O22 H22  sing N N 225 
P33 C21 C20  sing N N 226 
P33 C21 H211 sing N N 227 
P33 C21 H212 sing N N 228 
P33 C20 O19  sing N N 229 
P33 C20 H201 sing N N 230 
P33 C20 H202 sing N N 231 
P33 O19 C18  sing N N 232 
P33 C18 C17  sing N N 233 
P33 C18 H181 sing N N 234 
P33 C18 H182 sing N N 235 
P33 C17 O16  sing N N 236 
P33 C17 H171 sing N N 237 
P33 C17 H172 sing N N 238 
P33 O16 C15  sing N N 239 
P33 C15 C14  sing N N 240 
P33 C15 H151 sing N N 241 
P33 C15 H152 sing N N 242 
P33 C14 O13  sing N N 243 
P33 C14 H141 sing N N 244 
P33 C14 H142 sing N N 245 
P33 O13 C12  sing N N 246 
P33 C12 C11  sing N N 247 
P33 C12 H121 sing N N 248 
P33 C12 H122 sing N N 249 
P33 C11 O10  sing N N 250 
P33 C11 H111 sing N N 251 
P33 C11 H112 sing N N 252 
P33 O10 C9   sing N N 253 
P33 C9  C8   sing N N 254 
P33 C9  H91  sing N N 255 
P33 C9  H92  sing N N 256 
P33 C8  O7   sing N N 257 
P33 C8  H81  sing N N 258 
P33 C8  H82  sing N N 259 
P33 O7  C6   sing N N 260 
P33 C6  C5   sing N N 261 
P33 C6  H61  sing N N 262 
P33 C6  H62  sing N N 263 
P33 C5  O4   sing N N 264 
P33 C5  H51  sing N N 265 
P33 C5  H52  sing N N 266 
P33 O4  C3   sing N N 267 
P33 C3  C2   sing N N 268 
P33 C3  H31  sing N N 269 
P33 C3  H32  sing N N 270 
P33 C2  O1   sing N N 271 
P33 C2  H21  sing N N 272 
P33 C2  H22A sing N N 273 
P33 O1  HO1  sing N N 274 
PHE N   CA   sing N N 275 
PHE N   H    sing N N 276 
PHE N   H2   sing N N 277 
PHE CA  C    sing N N 278 
PHE CA  CB   sing N N 279 
PHE CA  HA   sing N N 280 
PHE C   O    doub N N 281 
PHE C   OXT  sing N N 282 
PHE CB  CG   sing N N 283 
PHE CB  HB2  sing N N 284 
PHE CB  HB3  sing N N 285 
PHE CG  CD1  doub Y N 286 
PHE CG  CD2  sing Y N 287 
PHE CD1 CE1  sing Y N 288 
PHE CD1 HD1  sing N N 289 
PHE CD2 CE2  doub Y N 290 
PHE CD2 HD2  sing N N 291 
PHE CE1 CZ   doub Y N 292 
PHE CE1 HE1  sing N N 293 
PHE CE2 CZ   sing Y N 294 
PHE CE2 HE2  sing N N 295 
PHE CZ  HZ   sing N N 296 
PHE OXT HXT  sing N N 297 
PRO N   CA   sing N N 298 
PRO N   CD   sing N N 299 
PRO N   H    sing N N 300 
PRO CA  C    sing N N 301 
PRO CA  CB   sing N N 302 
PRO CA  HA   sing N N 303 
PRO C   O    doub N N 304 
PRO C   OXT  sing N N 305 
PRO CB  CG   sing N N 306 
PRO CB  HB2  sing N N 307 
PRO CB  HB3  sing N N 308 
PRO CG  CD   sing N N 309 
PRO CG  HG2  sing N N 310 
PRO CG  HG3  sing N N 311 
PRO CD  HD2  sing N N 312 
PRO CD  HD3  sing N N 313 
PRO OXT HXT  sing N N 314 
S1S O9  C40  sing N N 315 
S1S O9  HO9  sing N N 316 
S1S C40 O8   doub N N 317 
S1S C40 C39  sing N N 318 
S1S C39 C38  sing N N 319 
S1S C39 H391 sing N N 320 
S1S C39 H392 sing N N 321 
S1S C38 C15  sing N N 322 
S1S C38 C37  sing N N 323 
S1S C38 H38  sing N N 324 
S1S C15 C16  sing N N 325 
S1S C15 C14  sing N N 326 
S1S C15 H15  sing N N 327 
S1S C16 C17  sing Y N 328 
S1S C16 C21  doub Y N 329 
S1S C17 C18  doub Y N 330 
S1S C17 H17  sing N N 331 
S1S C18 C19  sing Y N 332 
S1S C18 H18  sing N N 333 
S1S C19 C22  sing N N 334 
S1S C19 C20  doub Y N 335 
S1S C22 C24  sing N N 336 
S1S C22 C23  sing N N 337 
S1S C22 H22  sing N N 338 
S1S C24 O3   doub N N 339 
S1S C24 O2   sing N N 340 
S1S O2  HO2  sing N N 341 
S1S C23 O1   sing N N 342 
S1S C23 O    doub N N 343 
S1S O1  HO1  sing N N 344 
S1S C20 C21  sing Y N 345 
S1S C20 H20  sing N N 346 
S1S C21 H21  sing N N 347 
S1S C14 C13  doub N E 348 
S1S C14 H14  sing N N 349 
S1S C13 C12  sing N N 350 
S1S C13 H13  sing N N 351 
S1S C12 C11  sing N N 352 
S1S C12 H121 sing N N 353 
S1S C12 H122 sing N N 354 
S1S C37 O7   doub N N 355 
S1S C37 N3   sing N N 356 
S1S N3  C31  sing N N 357 
S1S N3  HN3  sing N N 358 
S1S C31 C32  sing N N 359 
S1S C31 C36  sing N N 360 
S1S C31 C30  sing N N 361 
S1S C32 C33  sing N N 362 
S1S C32 H321 sing N N 363 
S1S C32 H322 sing N N 364 
S1S C33 C34  sing N N 365 
S1S C33 H331 sing N N 366 
S1S C33 H332 sing N N 367 
S1S C34 C35  sing N N 368 
S1S C34 H341 sing N N 369 
S1S C34 H342 sing N N 370 
S1S C35 C36  sing N N 371 
S1S C35 H351 sing N N 372 
S1S C35 H352 sing N N 373 
S1S C36 H361 sing N N 374 
S1S C36 H362 sing N N 375 
S1S C30 O6   doub N N 376 
S1S C30 N2   sing N N 377 
S1S N2  C27  sing N N 378 
S1S N2  HN2  sing N N 379 
S1S C27 C28  sing N N 380 
S1S C27 C26  sing N N 381 
S1S C27 H27  sing N N 382 
S1S C28 C29  sing N N 383 
S1S C28 H281 sing N N 384 
S1S C28 H282 sing N N 385 
S1S C29 N1   sing N N 386 
S1S C29 O5   doub N N 387 
S1S N1  HN11 sing N N 388 
S1S N1  HN12 sing N N 389 
S1S C26 O4   doub N N 390 
S1S C26 N    sing N N 391 
S1S N   C25  sing N N 392 
S1S N   HN   sing N N 393 
S1S C25 C11  sing N N 394 
S1S C25 H251 sing N N 395 
S1S C25 H252 sing N N 396 
S1S C11 C10  sing N N 397 
S1S C11 H11  sing N N 398 
S1S C10 C    sing N N 399 
S1S C10 H101 sing N N 400 
S1S C10 H102 sing N N 401 
S1S C   C1   sing Y N 402 
S1S C   C8   doub Y N 403 
S1S C1  C2   doub Y N 404 
S1S C1  HC1  sing N N 405 
S1S C2  C3   sing Y N 406 
S1S C2  HC2  sing N N 407 
S1S C3  C9   doub Y N 408 
S1S C3  HC3  sing N N 409 
S1S C9  C8   sing Y N 410 
S1S C9  C4   sing Y N 411 
S1S C8  C7   sing Y N 412 
S1S C7  C6   doub Y N 413 
S1S C7  HC7  sing N N 414 
S1S C6  C5   sing Y N 415 
S1S C6  HC6  sing N N 416 
S1S C5  C4   doub Y N 417 
S1S C5  HC5  sing N N 418 
S1S C4  HC4  sing N N 419 
SER N   CA   sing N N 420 
SER N   H    sing N N 421 
SER N   H2   sing N N 422 
SER CA  C    sing N N 423 
SER CA  CB   sing N N 424 
SER CA  HA   sing N N 425 
SER C   O    doub N N 426 
SER C   OXT  sing N N 427 
SER CB  OG   sing N N 428 
SER CB  HB2  sing N N 429 
SER CB  HB3  sing N N 430 
SER OG  HG   sing N N 431 
SER OXT HXT  sing N N 432 
THR N   CA   sing N N 433 
THR N   H    sing N N 434 
THR N   H2   sing N N 435 
THR CA  C    sing N N 436 
THR CA  CB   sing N N 437 
THR CA  HA   sing N N 438 
THR C   O    doub N N 439 
THR C   OXT  sing N N 440 
THR CB  OG1  sing N N 441 
THR CB  CG2  sing N N 442 
THR CB  HB   sing N N 443 
THR OG1 HG1  sing N N 444 
THR CG2 HG21 sing N N 445 
THR CG2 HG22 sing N N 446 
THR CG2 HG23 sing N N 447 
THR OXT HXT  sing N N 448 
TRP N   CA   sing N N 449 
TRP N   H    sing N N 450 
TRP N   H2   sing N N 451 
TRP CA  C    sing N N 452 
TRP CA  CB   sing N N 453 
TRP CA  HA   sing N N 454 
TRP C   O    doub N N 455 
TRP C   OXT  sing N N 456 
TRP CB  CG   sing N N 457 
TRP CB  HB2  sing N N 458 
TRP CB  HB3  sing N N 459 
TRP CG  CD1  doub Y N 460 
TRP CG  CD2  sing Y N 461 
TRP CD1 NE1  sing Y N 462 
TRP CD1 HD1  sing N N 463 
TRP CD2 CE2  doub Y N 464 
TRP CD2 CE3  sing Y N 465 
TRP NE1 CE2  sing Y N 466 
TRP NE1 HE1  sing N N 467 
TRP CE2 CZ2  sing Y N 468 
TRP CE3 CZ3  doub Y N 469 
TRP CE3 HE3  sing N N 470 
TRP CZ2 CH2  doub Y N 471 
TRP CZ2 HZ2  sing N N 472 
TRP CZ3 CH2  sing Y N 473 
TRP CZ3 HZ3  sing N N 474 
TRP CH2 HH2  sing N N 475 
TRP OXT HXT  sing N N 476 
TYR N   CA   sing N N 477 
TYR N   H    sing N N 478 
TYR N   H2   sing N N 479 
TYR CA  C    sing N N 480 
TYR CA  CB   sing N N 481 
TYR CA  HA   sing N N 482 
TYR C   O    doub N N 483 
TYR C   OXT  sing N N 484 
TYR CB  CG   sing N N 485 
TYR CB  HB2  sing N N 486 
TYR CB  HB3  sing N N 487 
TYR CG  CD1  doub Y N 488 
TYR CG  CD2  sing Y N 489 
TYR CD1 CE1  sing Y N 490 
TYR CD1 HD1  sing N N 491 
TYR CD2 CE2  doub Y N 492 
TYR CD2 HD2  sing N N 493 
TYR CE1 CZ   doub Y N 494 
TYR CE1 HE1  sing N N 495 
TYR CE2 CZ   sing Y N 496 
TYR CE2 HE2  sing N N 497 
TYR CZ  OH   sing N N 498 
TYR OH  HH   sing N N 499 
TYR OXT HXT  sing N N 500 
VAL N   CA   sing N N 501 
VAL N   H    sing N N 502 
VAL N   H2   sing N N 503 
VAL CA  C    sing N N 504 
VAL CA  CB   sing N N 505 
VAL CA  HA   sing N N 506 
VAL C   O    doub N N 507 
VAL C   OXT  sing N N 508 
VAL CB  CG1  sing N N 509 
VAL CB  CG2  sing N N 510 
VAL CB  HB   sing N N 511 
VAL CG1 HG11 sing N N 512 
VAL CG1 HG12 sing N N 513 
VAL CG1 HG13 sing N N 514 
VAL CG2 HG21 sing N N 515 
VAL CG2 HG22 sing N N 516 
VAL CG2 HG23 sing N N 517 
VAL OXT HXT  sing N N 518 
# 
_atom_sites.entry_id                    2AOA 
_atom_sites.fract_transf_matrix[1][1]   0.00954343 
_atom_sites.fract_transf_matrix[1][2]   0.00358544 
_atom_sites.fract_transf_matrix[1][3]   0.00496848 
_atom_sites.fract_transf_matrix[2][1]   0.00420471 
_atom_sites.fract_transf_matrix[2][2]   -0.00858269 
_atom_sites.fract_transf_matrix[2][3]   -0.00188278 
_atom_sites.fract_transf_matrix[3][1]   0.00302967 
_atom_sites.fract_transf_matrix[3][2]   0.00328011 
_atom_sites.fract_transf_matrix[3][3]   -0.00818643 
_atom_sites.fract_transf_vector[1]      0.706748 
_atom_sites.fract_transf_vector[2]      0.147881 
_atom_sites.fract_transf_vector[3]      -0.022602 
# 
loop_
_atom_type.symbol 
C 
N 
O 
# 
loop_
_atom_site.group_PDB 
_atom_site.id 
_atom_site.type_symbol 
_atom_site.label_atom_id 
_atom_site.label_alt_id 
_atom_site.label_comp_id 
_atom_site.label_asym_id 
_atom_site.label_entity_id 
_atom_site.label_seq_id 
_atom_site.pdbx_PDB_ins_code 
_atom_site.Cartn_x 
_atom_site.Cartn_y 
_atom_site.Cartn_z 
_atom_site.occupancy 
_atom_site.B_iso_or_equiv 
_atom_site.pdbx_formal_charge 
_atom_site.auth_seq_id 
_atom_site.auth_comp_id 
_atom_site.auth_asym_id 
_atom_site.auth_atom_id 
_atom_site.pdbx_PDB_model_num 
ATOM   1    N N   . HIS A 1 4  ? -7.629  -2.615  18.420  1.00 56.98 ? 58  HIS A N   1 
ATOM   2    C CA  . HIS A 1 4  ? -6.938  -3.900  18.949  1.00 57.81 ? 58  HIS A CA  1 
ATOM   3    C C   . HIS A 1 4  ? -5.635  -3.695  19.897  1.00 56.49 ? 58  HIS A C   1 
ATOM   4    O O   . HIS A 1 4  ? -5.412  -2.626  20.376  1.00 53.49 ? 58  HIS A O   1 
ATOM   5    C CB  . HIS A 1 4  ? -6.680  -4.832  17.753  1.00 59.03 ? 58  HIS A CB  1 
ATOM   6    N N   . PRO A 1 5  ? -4.914  -4.732  20.294  1.00 56.21 ? 59  PRO A N   1 
ATOM   7    C CA  . PRO A 1 5  ? -3.561  -4.588  20.927  1.00 55.16 ? 59  PRO A CA  1 
ATOM   8    C C   . PRO A 1 5  ? -2.616  -3.511  20.411  1.00 53.15 ? 59  PRO A C   1 
ATOM   9    O O   . PRO A 1 5  ? -1.960  -2.984  21.329  1.00 52.52 ? 59  PRO A O   1 
ATOM   10   C CB  . PRO A 1 5  ? -2.957  -6.002  20.853  1.00 55.00 ? 59  PRO A CB  1 
ATOM   11   C CG  . PRO A 1 5  ? -4.418  -6.931  21.217  1.00 57.62 ? 59  PRO A CG  1 
ATOM   12   C CD  . PRO A 1 5  ? -5.447  -6.137  20.388  1.00 59.05 ? 59  PRO A CD  1 
ATOM   13   N N   . TRP A 1 6  ? -2.601  -3.089  19.114  1.00 49.38 ? 60  TRP A N   1 
ATOM   14   C CA  . TRP A 1 6  ? -1.829  -1.904  18.706  1.00 45.35 ? 60  TRP A CA  1 
ATOM   15   C C   . TRP A 1 6  ? -2.497  -0.605  19.118  1.00 42.29 ? 60  TRP A C   1 
ATOM   16   O O   . TRP A 1 6  ? -1.954  0.506   18.935  1.00 41.08 ? 60  TRP A O   1 
ATOM   17   C CB  . TRP A 1 6  ? -1.603  -1.871  17.194  1.00 47.81 ? 60  TRP A CB  1 
ATOM   18   C CG  . TRP A 1 6  ? -2.778  -2.407  16.421  1.00 44.66 ? 60  TRP A CG  1 
ATOM   19   C CD1 . TRP A 1 6  ? -2.940  -3.662  15.970  1.00 41.54 ? 60  TRP A CD1 1 
ATOM   20   C CD2 . TRP A 1 6  ? -4.024  -1.722  16.199  1.00 44.36 ? 60  TRP A CD2 1 
ATOM   21   N NE1 . TRP A 1 6  ? -4.182  -3.800  15.403  1.00 45.70 ? 60  TRP A NE1 1 
ATOM   22   C CE2 . TRP A 1 6  ? -4.859  -2.606  15.481  1.00 44.99 ? 60  TRP A CE2 1 
ATOM   23   C CE3 . TRP A 1 6  ? -4.435  -0.439  16.388  1.00 44.27 ? 60  TRP A CE3 1 
ATOM   24   C CZ2 . TRP A 1 6  ? -6.131  -2.276  15.042  1.00 42.88 ? 60  TRP A CZ2 1 
ATOM   25   C CZ3 . TRP A 1 6  ? -5.797  -0.048  15.933  1.00 48.78 ? 60  TRP A CZ3 1 
ATOM   26   C CH2 . TRP A 1 6  ? -6.582  -0.989  15.230  1.00 42.94 ? 60  TRP A CH2 1 
ATOM   27   N N   . PHE A 1 7  ? -3.717  -0.709  19.599  1.00 40.73 ? 61  PHE A N   1 
ATOM   28   C CA  . PHE A 1 7  ? -4.424  0.513   19.963  1.00 40.93 ? 61  PHE A CA  1 
ATOM   29   C C   . PHE A 1 7  ? -4.223  1.040   21.454  1.00 41.11 ? 61  PHE A C   1 
ATOM   30   O O   . PHE A 1 7  ? -4.580  0.377   22.415  1.00 40.86 ? 61  PHE A O   1 
ATOM   31   C CB  . PHE A 1 7  ? -5.925  0.369   19.597  1.00 40.62 ? 61  PHE A CB  1 
ATOM   32   C CG  . PHE A 1 7  ? -6.677  1.628   19.818  1.00 36.48 ? 61  PHE A CG  1 
ATOM   33   C CD1 . PHE A 1 7  ? -6.596  2.585   18.937  1.00 34.53 ? 61  PHE A CD1 1 
ATOM   34   C CD2 . PHE A 1 7  ? -7.419  1.851   20.938  1.00 39.24 ? 61  PHE A CD2 1 
ATOM   35   C CE1 . PHE A 1 7  ? -7.078  3.792   19.169  1.00 37.63 ? 61  PHE A CE1 1 
ATOM   36   C CE2 . PHE A 1 7  ? -8.051  3.034   21.061  1.00 43.06 ? 61  PHE A CE2 1 
ATOM   37   C CZ  . PHE A 1 7  ? -7.834  4.016   20.127  1.00 38.63 ? 61  PHE A CZ  1 
ATOM   38   N N   . PHE A 1 8  ? -3.760  2.255   21.607  1.00 40.34 ? 62  PHE A N   1 
ATOM   39   C CA  . PHE A 1 8  ? -3.253  2.777   22.875  1.00 41.29 ? 62  PHE A CA  1 
ATOM   40   C C   . PHE A 1 8  ? -3.980  4.043   23.282  1.00 40.68 ? 62  PHE A C   1 
ATOM   41   O O   . PHE A 1 8  ? -3.373  4.864   23.996  1.00 42.14 ? 62  PHE A O   1 
ATOM   42   C CB  . PHE A 1 8  ? -1.748  3.134   22.669  1.00 41.65 ? 62  PHE A CB  1 
ATOM   43   C CG  . PHE A 1 8  ? -0.855  1.975   22.844  1.00 46.95 ? 62  PHE A CG  1 
ATOM   44   C CD1 . PHE A 1 8  ? 0.067   1.940   23.924  1.00 51.09 ? 62  PHE A CD1 1 
ATOM   45   C CD2 . PHE A 1 8  ? -1.077  0.838   22.121  1.00 49.89 ? 62  PHE A CD2 1 
ATOM   46   C CE1 . PHE A 1 8  ? 0.809   0.821   24.126  1.00 52.39 ? 62  PHE A CE1 1 
ATOM   47   C CE2 . PHE A 1 8  ? -0.382  -0.233  22.356  1.00 49.81 ? 62  PHE A CE2 1 
ATOM   48   C CZ  . PHE A 1 8  ? 0.560   -0.267  23.376  1.00 52.44 ? 62  PHE A CZ  1 
ATOM   49   N N   . GLY A 1 9  ? -5.209  4.259   22.736  1.00 39.03 ? 63  GLY A N   1 
ATOM   50   C CA  . GLY A 1 9  ? -6.054  5.373   23.075  1.00 37.55 ? 63  GLY A CA  1 
ATOM   51   C C   . GLY A 1 9  ? -5.459  6.742   23.305  1.00 40.34 ? 63  GLY A C   1 
ATOM   52   O O   . GLY A 1 9  ? -4.967  7.440   22.336  1.00 38.15 ? 63  GLY A O   1 
ATOM   53   N N   . LYS A 1 10 ? -5.550  7.271   24.538  1.00 39.57 ? 64  LYS A N   1 
ATOM   54   C CA  . LYS A 1 10 ? -5.117  8.653   24.685  1.00 42.47 ? 64  LYS A CA  1 
ATOM   55   C C   . LYS A 1 10 ? -3.604  8.871   25.011  1.00 42.94 ? 64  LYS A C   1 
ATOM   56   O O   . LYS A 1 10 ? -3.178  9.976   25.453  1.00 44.89 ? 64  LYS A O   1 
ATOM   57   C CB  . LYS A 1 10 ? -6.073  9.522   25.580  1.00 43.69 ? 64  LYS A CB  1 
ATOM   58   C CG  . LYS A 1 10 ? -7.543  9.149   25.473  1.00 48.80 ? 64  LYS A CG  1 
ATOM   59   C CD  . LYS A 1 10 ? -8.415  10.187  26.099  1.00 54.73 ? 64  LYS A CD  1 
ATOM   60   C CE  . LYS A 1 10 ? -8.760  10.000  27.604  1.00 64.17 ? 64  LYS A CE  1 
ATOM   61   N NZ  . LYS A 1 10 ? -8.817  8.534   28.106  1.00 63.54 ? 64  LYS A NZ  1 
ATOM   62   N N   . ILE A 1 11 ? -2.762  7.896   24.742  1.00 45.04 ? 65  ILE A N   1 
ATOM   63   C CA  . ILE A 1 11 ? -1.355  8.023   25.089  1.00 44.84 ? 65  ILE A CA  1 
ATOM   64   C C   . ILE A 1 11 ? -0.919  9.337   24.350  1.00 47.08 ? 65  ILE A C   1 
ATOM   65   O O   . ILE A 1 11 ? -1.108  9.428   23.194  1.00 46.86 ? 65  ILE A O   1 
ATOM   66   C CB  . ILE A 1 11 ? -0.629  6.754   24.713  1.00 45.33 ? 65  ILE A CB  1 
ATOM   67   C CG1 . ILE A 1 11 ? 0.903   6.734   25.087  1.00 50.51 ? 65  ILE A CG1 1 
ATOM   68   C CG2 . ILE A 1 11 ? -0.713  6.458   23.248  1.00 39.24 ? 65  ILE A CG2 1 
ATOM   69   C CD1 . ILE A 1 11 ? 1.215   7.719   26.178  1.00 57.50 ? 65  ILE A CD1 1 
ATOM   70   N N   . PRO A 1 12 ? -0.380  10.365  25.013  1.00 47.38 ? 66  PRO A N   1 
ATOM   71   C CA  . PRO A 1 12 ? 0.186   11.525  24.275  1.00 47.61 ? 66  PRO A CA  1 
ATOM   72   C C   . PRO A 1 12 ? 1.304   11.113  23.299  1.00 45.59 ? 66  PRO A C   1 
ATOM   73   O O   . PRO A 1 12 ? 2.076   10.103  23.353  1.00 48.54 ? 66  PRO A O   1 
ATOM   74   C CB  . PRO A 1 12 ? 0.755   12.449  25.405  1.00 47.74 ? 66  PRO A CB  1 
ATOM   75   C CG  . PRO A 1 12 ? -0.073  11.873  26.681  1.00 49.94 ? 66  PRO A CG  1 
ATOM   76   C CD  . PRO A 1 12 ? -0.159  10.454  26.482  1.00 48.06 ? 66  PRO A CD  1 
ATOM   77   N N   . ARG A 1 13 ? 1.377   11.974  22.281  1.00 46.53 ? 67  ARG A N   1 
ATOM   78   C CA  . ARG A 1 13 ? 2.433   11.881  21.209  1.00 42.86 ? 67  ARG A CA  1 
ATOM   79   C C   . ARG A 1 13 ? 3.825   11.627  21.743  1.00 42.84 ? 67  ARG A C   1 
ATOM   80   O O   . ARG A 1 13 ? 4.555   10.727  21.295  1.00 41.77 ? 67  ARG A O   1 
ATOM   81   C CB  . ARG A 1 13 ? 2.321   13.108  20.320  1.00 40.71 ? 67  ARG A CB  1 
ATOM   82   C CG  . ARG A 1 13 ? 3.396   13.311  19.309  1.00 39.82 ? 67  ARG A CG  1 
ATOM   83   C CD  . ARG A 1 13 ? 3.285   14.672  18.671  1.00 37.01 ? 67  ARG A CD  1 
ATOM   84   N NE  . ARG A 1 13 ? 4.311   14.747  17.677  1.00 40.39 ? 67  ARG A NE  1 
ATOM   85   C CZ  . ARG A 1 13 ? 4.172   14.901  16.315  1.00 47.70 ? 67  ARG A CZ  1 
ATOM   86   N NH1 . ARG A 1 13 ? 3.007   14.968  15.671  1.00 42.00 ? 67  ARG A NH1 1 
ATOM   87   N NH2 . ARG A 1 13 ? 5.265   14.869  15.589  1.00 49.59 ? 67  ARG A NH2 1 
ATOM   88   N N   . ALA A 1 14 ? 4.139   12.348  22.827  1.00 47.02 ? 68  ALA A N   1 
ATOM   89   C CA  . ALA A 1 14 ? 5.484   12.369  23.431  1.00 47.72 ? 68  ALA A CA  1 
ATOM   90   C C   . ALA A 1 14 ? 5.821   11.115  24.050  1.00 47.16 ? 68  ALA A C   1 
ATOM   91   O O   . ALA A 1 14 ? 6.945   10.589  23.826  1.00 50.89 ? 68  ALA A O   1 
ATOM   92   C CB  . ALA A 1 14 ? 5.582   13.552  24.436  1.00 47.13 ? 68  ALA A CB  1 
ATOM   93   N N   . LYS A 1 15 ? 4.847   10.550  24.752  1.00 46.81 ? 69  LYS A N   1 
ATOM   94   C CA  . LYS A 1 15 ? 4.975   9.288   25.432  1.00 46.64 ? 69  LYS A CA  1 
ATOM   95   C C   . LYS A 1 15 ? 4.870   8.155   24.532  1.00 49.18 ? 69  LYS A C   1 
ATOM   96   O O   . LYS A 1 15 ? 5.302   7.017   24.844  1.00 50.13 ? 69  LYS A O   1 
ATOM   97   C CB  . LYS A 1 15 ? 3.792   9.127   26.446  1.00 48.73 ? 69  LYS A CB  1 
ATOM   98   N N   . ALA A 1 16 ? 4.111   8.371   23.424  1.00 49.06 ? 70  ALA A N   1 
ATOM   99   C CA  . ALA A 1 16 ? 4.193   7.406   22.319  1.00 45.79 ? 70  ALA A CA  1 
ATOM   100  C C   . ALA A 1 16 ? 5.619   7.368   21.750  1.00 42.54 ? 70  ALA A C   1 
ATOM   101  O O   . ALA A 1 16 ? 6.171   6.300   21.534  1.00 41.13 ? 70  ALA A O   1 
ATOM   102  C CB  . ALA A 1 16 ? 3.028   7.749   21.200  1.00 43.90 ? 70  ALA A CB  1 
ATOM   103  N N   . GLU A 1 17 ? 6.254   8.477   21.546  1.00 43.39 ? 71  GLU A N   1 
ATOM   104  C CA  . GLU A 1 17 ? 7.617   8.409   21.003  1.00 47.56 ? 71  GLU A CA  1 
ATOM   105  C C   . GLU A 1 17 ? 8.706   7.821   21.968  1.00 50.27 ? 71  GLU A C   1 
ATOM   106  O O   . GLU A 1 17 ? 9.484   6.940   21.614  1.00 45.57 ? 71  GLU A O   1 
ATOM   107  C CB  . GLU A 1 17 ? 8.107   9.752   20.714  1.00 49.69 ? 71  GLU A CB  1 
ATOM   108  C CG  . GLU A 1 17 ? 7.492   10.339  19.498  1.00 53.99 ? 71  GLU A CG  1 
ATOM   109  C CD  . GLU A 1 17 ? 7.782   11.790  19.395  1.00 52.81 ? 71  GLU A CD  1 
ATOM   110  O OE1 . GLU A 1 17 ? 8.023   12.326  20.429  1.00 55.99 ? 71  GLU A OE1 1 
ATOM   111  O OE2 . GLU A 1 17 ? 7.784   12.396  18.301  1.00 55.85 ? 71  GLU A OE2 1 
ATOM   112  N N   . GLU A 1 18 ? 8.596   8.279   23.227  1.00 55.49 ? 72  GLU A N   1 
ATOM   113  C CA  . GLU A 1 18 ? 9.255   7.628   24.385  1.00 56.87 ? 72  GLU A CA  1 
ATOM   114  C C   . GLU A 1 18 ? 9.209   6.076   24.306  1.00 58.30 ? 72  GLU A C   1 
ATOM   115  O O   . GLU A 1 18 ? 10.297  5.402   24.356  1.00 59.73 ? 72  GLU A O   1 
ATOM   116  C CB  . GLU A 1 18 ? 8.634   8.132   25.680  1.00 57.25 ? 72  GLU A CB  1 
ATOM   117  N N   . MET A 1 19 ? 8.000   5.524   24.102  1.00 58.30 ? 73  MET A N   1 
ATOM   118  C CA  . MET A 1 19 ? 7.740   4.066   24.144  1.00 58.06 ? 73  MET A CA  1 
ATOM   119  C C   . MET A 1 19 ? 8.276   3.243   22.959  1.00 58.97 ? 73  MET A C   1 
ATOM   120  O O   . MET A 1 19 ? 8.890   2.146   23.053  1.00 59.69 ? 73  MET A O   1 
ATOM   121  N N   . LEU A 1 20 ? 8.042   3.775   21.777  1.00 58.58 ? 74  LEU A N   1 
ATOM   122  C CA  . LEU A 1 20 ? 8.495   3.121   20.532  1.00 56.96 ? 74  LEU A CA  1 
ATOM   123  C C   . LEU A 1 20 ? 9.974   3.271   20.408  1.00 58.23 ? 74  LEU A C   1 
ATOM   124  O O   . LEU A 1 20 ? 10.635  2.376   19.872  1.00 57.70 ? 74  LEU A O   1 
ATOM   125  C CB  . LEU A 1 20 ? 7.806   3.752   19.256  1.00 56.03 ? 74  LEU A CB  1 
ATOM   126  C CG  . LEU A 1 20 ? 6.268   3.581   19.249  1.00 47.64 ? 74  LEU A CG  1 
ATOM   127  C CD1 . LEU A 1 20 ? 5.460   4.381   18.332  1.00 49.43 ? 74  LEU A CD1 1 
ATOM   128  C CD2 . LEU A 1 20 ? 5.979   2.116   19.105  1.00 47.98 ? 74  LEU A CD2 1 
ATOM   129  N N   . SER A 1 21 ? 10.489  4.420   20.831  1.00 60.84 ? 75  SER A N   1 
ATOM   130  C CA  . SER A 1 21 ? 11.959  4.581   20.891  1.00 63.60 ? 75  SER A CA  1 
ATOM   131  C C   . SER A 1 21 ? 12.681  3.449   21.685  1.00 63.71 ? 75  SER A C   1 
ATOM   132  O O   . SER A 1 21 ? 13.763  3.014   21.280  1.00 64.10 ? 75  SER A O   1 
ATOM   133  C CB  . SER A 1 21 ? 12.408  5.990   21.333  1.00 63.89 ? 75  SER A CB  1 
ATOM   134  O OG  . SER A 1 21 ? 13.374  6.434   20.378  1.00 64.69 ? 75  SER A OG  1 
ATOM   135  N N   . LYS A 1 22 ? 12.062  2.924   22.747  1.00 64.92 ? 76  LYS A N   1 
ATOM   136  C CA  . LYS A 1 22 ? 12.684  1.813   23.518  1.00 65.57 ? 76  LYS A CA  1 
ATOM   137  C C   . LYS A 1 22 ? 12.328  0.473   22.970  1.00 65.77 ? 76  LYS A C   1 
ATOM   138  O O   . LYS A 1 22 ? 12.135  -0.429  23.808  1.00 68.74 ? 76  LYS A O   1 
ATOM   139  C CB  . LYS A 1 22 ? 12.281  1.843   25.029  1.00 65.08 ? 76  LYS A CB  1 
ATOM   140  N N   . GLN A 1 23 ? 12.163  0.333   21.632  1.00 65.30 ? 77  GLN A N   1 
ATOM   141  C CA  . GLN A 1 23 ? 11.692  -0.944  20.968  1.00 64.24 ? 77  GLN A CA  1 
ATOM   142  C C   . GLN A 1 23 ? 12.760  -1.423  19.989  1.00 62.83 ? 77  GLN A C   1 
ATOM   143  O O   . GLN A 1 23 ? 13.383  -0.602  19.342  1.00 60.98 ? 77  GLN A O   1 
ATOM   144  C CB  . GLN A 1 23 ? 10.335  -0.820  20.140  1.00 63.23 ? 77  GLN A CB  1 
ATOM   145  C CG  . GLN A 1 23 ? 9.150   -1.538  20.757  1.00 61.00 ? 77  GLN A CG  1 
ATOM   146  C CD  . GLN A 1 23 ? 8.898   -3.023  20.298  1.00 62.77 ? 77  GLN A CD  1 
ATOM   147  O OE1 . GLN A 1 23 ? 7.920   -3.630  20.750  1.00 60.65 ? 77  GLN A OE1 1 
ATOM   148  N NE2 . GLN A 1 23 ? 9.733   -3.581  19.415  1.00 63.41 ? 77  GLN A NE2 1 
ATOM   149  N N   . ARG A 1 24 ? 12.875  -2.721  19.806  1.00 62.27 ? 78  ARG A N   1 
ATOM   150  C CA  . ARG A 1 24 ? 13.843  -3.226  18.844  1.00 64.49 ? 78  ARG A CA  1 
ATOM   151  C C   . ARG A 1 24 ? 13.652  -2.697  17.353  1.00 66.15 ? 78  ARG A C   1 
ATOM   152  O O   . ARG A 1 24 ? 14.347  -1.768  16.876  1.00 67.25 ? 78  ARG A O   1 
ATOM   153  C CB  . ARG A 1 24 ? 13.847  -4.759  18.882  1.00 63.57 ? 78  ARG A CB  1 
ATOM   154  N N   . HIS A 1 25 ? 12.708  -3.294  16.629  1.00 66.18 ? 79  HIS A N   1 
ATOM   155  C CA  . HIS A 1 25 ? 12.780  -3.263  15.180  1.00 65.50 ? 79  HIS A CA  1 
ATOM   156  C C   . HIS A 1 25 ? 11.968  -2.167  14.585  1.00 64.37 ? 79  HIS A C   1 
ATOM   157  O O   . HIS A 1 25 ? 10.962  -1.629  15.183  1.00 63.72 ? 79  HIS A O   1 
ATOM   158  C CB  . HIS A 1 25 ? 12.313  -4.635  14.575  1.00 67.27 ? 79  HIS A CB  1 
ATOM   159  N N   . ASP A 1 26 ? 12.425  -1.836  13.385  1.00 62.45 ? 80  ASP A N   1 
ATOM   160  C CA  . ASP A 1 26 ? 11.752  -0.884  12.575  1.00 60.28 ? 80  ASP A CA  1 
ATOM   161  C C   . ASP A 1 26 ? 10.342  -1.334  12.237  1.00 56.59 ? 80  ASP A C   1 
ATOM   162  O O   . ASP A 1 26 ? 10.108  -2.513  11.975  1.00 50.89 ? 80  ASP A O   1 
ATOM   163  C CB  . ASP A 1 26 ? 12.550  -0.676  11.302  1.00 62.69 ? 80  ASP A CB  1 
ATOM   164  C CG  . ASP A 1 26 ? 13.773  0.134   11.555  1.00 64.25 ? 80  ASP A CG  1 
ATOM   165  O OD1 . ASP A 1 26 ? 13.913  0.431   12.766  1.00 68.59 ? 80  ASP A OD1 1 
ATOM   166  O OD2 . ASP A 1 26 ? 14.580  0.500   10.653  1.00 66.47 ? 80  ASP A OD2 1 
ATOM   167  N N   . GLY A 1 27 ? 9.406   -0.373  12.309  1.00 53.56 ? 81  GLY A N   1 
ATOM   168  C CA  . GLY A 1 27 ? 8.046   -0.707  12.022  1.00 52.83 ? 81  GLY A CA  1 
ATOM   169  C C   . GLY A 1 27 ? 7.223   -1.058  13.180  1.00 51.22 ? 81  GLY A C   1 
ATOM   170  O O   . GLY A 1 27 ? 6.047   -1.402  12.981  1.00 52.39 ? 81  GLY A O   1 
ATOM   171  N N   . ALA A 1 28 ? 7.848   -1.094  14.387  1.00 50.49 ? 82  ALA A N   1 
ATOM   172  C CA  . ALA A 1 28 ? 7.125   -1.155  15.695  1.00 46.17 ? 82  ALA A CA  1 
ATOM   173  C C   . ALA A 1 28 ? 6.205   0.022   15.690  1.00 41.94 ? 82  ALA A C   1 
ATOM   174  O O   . ALA A 1 28 ? 6.648   1.117   15.448  1.00 42.50 ? 82  ALA A O   1 
ATOM   175  C CB  . ALA A 1 28 ? 8.109   -1.015  16.941  1.00 48.04 ? 82  ALA A CB  1 
ATOM   176  N N   . PHE A 1 29 ? 4.947   -0.217  15.995  1.00 41.36 ? 83  PHE A N   1 
ATOM   177  C CA  . PHE A 1 29 ? 3.912   0.843   15.920  1.00 39.67 ? 83  PHE A CA  1 
ATOM   178  C C   . PHE A 1 29 ? 2.825   0.740   16.902  1.00 39.12 ? 83  PHE A C   1 
ATOM   179  O O   . PHE A 1 29 ? 2.497   -0.321  17.490  1.00 40.48 ? 83  PHE A O   1 
ATOM   180  C CB  . PHE A 1 29 ? 3.243   0.772   14.437  1.00 34.66 ? 83  PHE A CB  1 
ATOM   181  C CG  . PHE A 1 29 ? 2.196   -0.188  14.331  1.00 33.80 ? 83  PHE A CG  1 
ATOM   182  C CD1 . PHE A 1 29 ? 0.863   0.173   14.485  1.00 35.24 ? 83  PHE A CD1 1 
ATOM   183  C CD2 . PHE A 1 29 ? 2.515   -1.543  14.126  1.00 35.66 ? 83  PHE A CD2 1 
ATOM   184  C CE1 . PHE A 1 29 ? -0.145  -0.734  14.380  1.00 32.61 ? 83  PHE A CE1 1 
ATOM   185  C CE2 . PHE A 1 29 ? 1.532   -2.457  14.143  1.00 35.91 ? 83  PHE A CE2 1 
ATOM   186  C CZ  . PHE A 1 29 ? 0.181   -2.086  14.299  1.00 37.36 ? 83  PHE A CZ  1 
ATOM   187  N N   . LEU A 1 30 ? 2.109   1.868   16.983  1.00 40.65 ? 84  LEU A N   1 
ATOM   188  C CA  . LEU A 1 30 ? 0.785   1.828   17.614  1.00 38.08 ? 84  LEU A CA  1 
ATOM   189  C C   . LEU A 1 30 ? -0.128  2.939   16.923  1.00 35.50 ? 84  LEU A C   1 
ATOM   190  O O   . LEU A 1 30 ? 0.359   3.868   16.296  1.00 32.94 ? 84  LEU A O   1 
ATOM   191  C CB  . LEU A 1 30 ? 0.927   2.169   19.071  1.00 37.11 ? 84  LEU A CB  1 
ATOM   192  C CG  . LEU A 1 30 ? 1.563   3.566   19.327  1.00 35.72 ? 84  LEU A CG  1 
ATOM   193  C CD1 . LEU A 1 30 ? 0.587   4.648   19.445  1.00 37.97 ? 84  LEU A CD1 1 
ATOM   194  C CD2 . LEU A 1 30 ? 2.352   3.413   20.738  1.00 38.47 ? 84  LEU A CD2 1 
ATOM   195  N N   . ILE A 1 31 ? -1.413  2.843   17.175  1.00 36.95 ? 85  ILE A N   1 
ATOM   196  C CA  . ILE A 1 31 ? -2.372  3.840   16.785  1.00 34.86 ? 85  ILE A CA  1 
ATOM   197  C C   . ILE A 1 31 ? -2.928  4.490   18.109  1.00 33.26 ? 85  ILE A C   1 
ATOM   198  O O   . ILE A 1 31 ? -3.196  3.829   19.108  1.00 37.26 ? 85  ILE A O   1 
ATOM   199  C CB  . ILE A 1 31 ? -3.468  3.212   15.880  1.00 35.17 ? 85  ILE A CB  1 
ATOM   200  C CG1 . ILE A 1 31 ? -2.846  2.818   14.583  1.00 39.04 ? 85  ILE A CG1 1 
ATOM   201  C CG2 . ILE A 1 31 ? -4.552  4.394   15.543  1.00 36.05 ? 85  ILE A CG2 1 
ATOM   202  C CD1 . ILE A 1 31 ? -3.710  1.990   13.556  1.00 40.37 ? 85  ILE A CD1 1 
ATOM   203  N N   . ARG A 1 32 ? -3.152  5.754   18.073  1.00 31.82 ? 86  ARG A N   1 
ATOM   204  C CA  . ARG A 1 32 ? -3.675  6.515   19.187  1.00 33.64 ? 86  ARG A CA  1 
ATOM   205  C C   . ARG A 1 32 ? -4.584  7.545   18.711  1.00 36.61 ? 86  ARG A C   1 
ATOM   206  O O   . ARG A 1 32 ? -4.563  7.902   17.539  1.00 34.31 ? 86  ARG A O   1 
ATOM   207  C CB  . ARG A 1 32 ? -2.519  7.220   19.901  1.00 34.52 ? 86  ARG A CB  1 
ATOM   208  C CG  . ARG A 1 32 ? -1.470  7.846   19.056  1.00 33.83 ? 86  ARG A CG  1 
ATOM   209  C CD  . ARG A 1 32 ? -0.353  8.589   19.794  1.00 35.86 ? 86  ARG A CD  1 
ATOM   210  N NE  . ARG A 1 32 ? 0.433   9.229   18.788  1.00 39.38 ? 86  ARG A NE  1 
ATOM   211  C CZ  . ARG A 1 32 ? 0.258   10.469  18.350  1.00 33.30 ? 86  ARG A CZ  1 
ATOM   212  N NH1 . ARG A 1 32 ? -0.676  11.280  18.847  1.00 39.92 ? 86  ARG A NH1 1 
ATOM   213  N NH2 . ARG A 1 32 ? 1.016   10.929  17.375  1.00 39.82 ? 86  ARG A NH2 1 
ATOM   214  N N   . GLU A 1 33 ? -5.412  8.121   19.591  1.00 39.13 ? 87  GLU A N   1 
ATOM   215  C CA  . GLU A 1 33 ? -6.194  9.287   19.172  1.00 40.04 ? 87  GLU A CA  1 
ATOM   216  C C   . GLU A 1 33 ? -5.300  10.504  18.774  1.00 41.42 ? 87  GLU A C   1 
ATOM   217  O O   . GLU A 1 33 ? -4.194  10.665  19.203  1.00 44.69 ? 87  GLU A O   1 
ATOM   218  C CB  . GLU A 1 33 ? -7.104  9.836   20.249  1.00 41.86 ? 87  GLU A CB  1 
ATOM   219  C CG  . GLU A 1 33 ? -8.265  9.000   20.709  1.00 48.62 ? 87  GLU A CG  1 
ATOM   220  C CD  . GLU A 1 33 ? -9.010  9.710   21.881  1.00 60.42 ? 87  GLU A CD  1 
ATOM   221  O OE1 . GLU A 1 33 ? -8.767  10.949  22.210  1.00 70.76 ? 87  GLU A OE1 1 
ATOM   222  O OE2 . GLU A 1 33 ? -9.868  9.044   22.480  1.00 65.25 ? 87  GLU A OE2 1 
ATOM   223  N N   . SER A 1 34 ? -5.788  11.305  17.874  1.00 40.16 ? 88  SER A N   1 
ATOM   224  C CA  . SER A 1 34 ? -5.061  12.409  17.410  1.00 41.79 ? 88  SER A CA  1 
ATOM   225  C C   . SER A 1 34 ? -4.973  13.426  18.539  1.00 44.63 ? 88  SER A C   1 
ATOM   226  O O   . SER A 1 34 ? -5.935  13.631  19.256  1.00 38.30 ? 88  SER A O   1 
ATOM   227  C CB  . SER A 1 34 ? -5.773  13.016  16.223  1.00 41.60 ? 88  SER A CB  1 
ATOM   228  O OG  . SER A 1 34 ? -5.432  14.339  16.046  1.00 39.65 ? 88  SER A OG  1 
ATOM   229  N N   . GLU A 1 35 ? -3.869  14.184  18.524  1.00 48.04 ? 89  GLU A N   1 
ATOM   230  C CA  . GLU A 1 35 ? -3.569  15.150  19.614  1.00 51.54 ? 89  GLU A CA  1 
ATOM   231  C C   . GLU A 1 35 ? -4.461  16.351  19.374  1.00 53.24 ? 89  GLU A C   1 
ATOM   232  O O   . GLU A 1 35 ? -4.980  16.957  20.291  1.00 54.00 ? 89  GLU A O   1 
ATOM   233  C CB  . GLU A 1 35 ? -2.037  15.537  19.656  1.00 51.65 ? 89  GLU A CB  1 
ATOM   234  C CG  . GLU A 1 35 ? -1.657  16.785  18.872  1.00 56.44 ? 89  GLU A CG  1 
ATOM   235  C CD  . GLU A 1 35 ? -0.175  16.955  18.404  1.00 67.25 ? 89  GLU A CD  1 
ATOM   236  O OE1 . GLU A 1 35 ? 0.639   17.354  19.310  1.00 71.10 ? 89  GLU A OE1 1 
ATOM   237  O OE2 . GLU A 1 35 ? 0.194   16.754  17.156  1.00 61.02 ? 89  GLU A OE2 1 
ATOM   238  N N   . SER A 1 36 ? -4.722  16.660  18.114  1.00 54.68 ? 90  SER A N   1 
ATOM   239  C CA  . SER A 1 36 ? -5.462  17.850  17.818  1.00 54.14 ? 90  SER A CA  1 
ATOM   240  C C   . SER A 1 36 ? -6.867  17.575  17.362  1.00 56.23 ? 90  SER A C   1 
ATOM   241  O O   . SER A 1 36 ? -7.758  18.440  17.410  1.00 56.83 ? 90  SER A O   1 
ATOM   242  C CB  . SER A 1 36 ? -4.689  18.545  16.756  1.00 54.39 ? 90  SER A CB  1 
ATOM   243  O OG  . SER A 1 36 ? -4.309  17.655  15.665  1.00 49.11 ? 90  SER A OG  1 
ATOM   244  N N   . ALA A 1 37 ? -7.147  16.385  16.870  1.00 58.49 ? 91  ALA A N   1 
ATOM   245  C CA  . ALA A 1 37 ? -8.405  16.242  16.110  1.00 58.45 ? 91  ALA A CA  1 
ATOM   246  C C   . ALA A 1 37 ? -9.350  15.196  16.699  1.00 58.38 ? 91  ALA A C   1 
ATOM   247  O O   . ALA A 1 37 ? -9.105  13.987  16.755  1.00 55.02 ? 91  ALA A O   1 
ATOM   248  C CB  . ALA A 1 37 ? -8.160  16.100  14.519  1.00 58.82 ? 91  ALA A CB  1 
ATOM   249  N N   . PRO A 1 38 ? -10.471 15.756  17.158  1.00 59.06 ? 92  PRO A N   1 
ATOM   250  C CA  . PRO A 1 38 ? -11.452 14.985  17.894  1.00 58.00 ? 92  PRO A CA  1 
ATOM   251  C C   . PRO A 1 38 ? -11.950 13.907  17.000  1.00 56.83 ? 92  PRO A C   1 
ATOM   252  O O   . PRO A 1 38 ? -12.444 14.268  15.917  1.00 59.53 ? 92  PRO A O   1 
ATOM   253  C CB  . PRO A 1 38 ? -12.551 16.028  18.217  1.00 58.75 ? 92  PRO A CB  1 
ATOM   254  C CG  . PRO A 1 38 ? -12.007 17.482  17.896  1.00 58.94 ? 92  PRO A CG  1 
ATOM   255  C CD  . PRO A 1 38 ? -10.845 17.205  17.059  1.00 59.75 ? 92  PRO A CD  1 
ATOM   256  N N   . GLY A 1 39 ? -11.852 12.631  17.399  1.00 53.70 ? 93  GLY A N   1 
ATOM   257  C CA  . GLY A 1 39 ? -12.430 11.553  16.597  1.00 50.27 ? 93  GLY A CA  1 
ATOM   258  C C   . GLY A 1 39 ? -11.490 10.982  15.543  1.00 47.03 ? 93  GLY A C   1 
ATOM   259  O O   . GLY A 1 39 ? -11.800 9.997   14.863  1.00 46.62 ? 93  GLY A O   1 
ATOM   260  N N   . ASP A 1 40 ? -10.284 11.517  15.509  1.00 44.13 ? 94  ASP A N   1 
ATOM   261  C CA  . ASP A 1 40 ? -9.262  11.170  14.525  1.00 41.10 ? 94  ASP A CA  1 
ATOM   262  C C   . ASP A 1 40 ? -8.225  10.362  15.236  1.00 37.94 ? 94  ASP A C   1 
ATOM   263  O O   . ASP A 1 40 ? -8.225  10.322  16.482  1.00 33.42 ? 94  ASP A O   1 
ATOM   264  C CB  . ASP A 1 40 ? -8.643  12.388  13.883  1.00 41.63 ? 94  ASP A CB  1 
ATOM   265  C CG  . ASP A 1 40 ? -9.500  12.915  12.640  1.00 49.70 ? 94  ASP A CG  1 
ATOM   266  O OD1 . ASP A 1 40 ? -10.105 12.081  11.838  1.00 50.93 ? 94  ASP A OD1 1 
ATOM   267  O OD2 . ASP A 1 40 ? -9.588  14.151  12.413  1.00 56.37 ? 94  ASP A OD2 1 
ATOM   268  N N   . PHE A 1 41 ? -7.415  9.673   14.437  1.00 33.67 ? 95  PHE A N   1 
ATOM   269  C CA  . PHE A 1 41 ? -6.402  8.724   14.890  1.00 33.94 ? 95  PHE A CA  1 
ATOM   270  C C   . PHE A 1 41 ? -5.063  9.109   14.247  1.00 34.06 ? 95  PHE A C   1 
ATOM   271  O O   . PHE A 1 41 ? -5.008  9.727   13.204  1.00 33.34 ? 95  PHE A O   1 
ATOM   272  C CB  . PHE A 1 41 ? -6.766  7.258   14.471  1.00 33.87 ? 95  PHE A CB  1 
ATOM   273  C CG  . PHE A 1 41 ? -8.121  6.753   15.015  1.00 38.13 ? 95  PHE A CG  1 
ATOM   274  C CD1 . PHE A 1 41 ? -8.252  6.301   16.309  1.00 38.56 ? 95  PHE A CD1 1 
ATOM   275  C CD2 . PHE A 1 41 ? -9.249  6.719   14.205  1.00 35.01 ? 95  PHE A CD2 1 
ATOM   276  C CE1 . PHE A 1 41 ? -9.446  5.878   16.806  1.00 43.86 ? 95  PHE A CE1 1 
ATOM   277  C CE2 . PHE A 1 41 ? -10.529 6.341   14.724  1.00 42.20 ? 95  PHE A CE2 1 
ATOM   278  C CZ  . PHE A 1 41 ? -10.637 5.885   16.015  1.00 41.17 ? 95  PHE A CZ  1 
ATOM   279  N N   . SER A 1 42 ? -3.972  8.736   14.919  1.00 34.66 ? 96  SER A N   1 
ATOM   280  C CA  . SER A 1 42 ? -2.551  8.936   14.490  1.00 34.70 ? 96  SER A CA  1 
ATOM   281  C C   . SER A 1 42 ? -1.864  7.628   14.587  1.00 33.63 ? 96  SER A C   1 
ATOM   282  O O   . SER A 1 42 ? -2.129  6.870   15.504  1.00 32.89 ? 96  SER A O   1 
ATOM   283  C CB  . SER A 1 42 ? -1.787  9.989   15.309  1.00 34.46 ? 96  SER A CB  1 
ATOM   284  O OG  . SER A 1 42 ? -2.393  11.234  15.212  1.00 33.58 ? 96  SER A OG  1 
ATOM   285  N N   . LEU A 1 43 ? -1.026  7.336   13.593  1.00 31.87 ? 97  LEU A N   1 
ATOM   286  C CA  . LEU A 1 43 ? -0.246  6.162   13.657  1.00 33.99 ? 97  LEU A CA  1 
ATOM   287  C C   . LEU A 1 43 ? 1.251   6.653   13.923  1.00 35.85 ? 97  LEU A C   1 
ATOM   288  O O   . LEU A 1 43 ? 1.700   7.616   13.308  1.00 36.15 ? 97  LEU A O   1 
ATOM   289  C CB  . LEU A 1 43 ? -0.295  5.393   12.324  1.00 34.09 ? 97  LEU A CB  1 
ATOM   290  C CG  . LEU A 1 43 ? 0.704   4.312   12.016  1.00 37.04 ? 97  LEU A CG  1 
ATOM   291  C CD1 . LEU A 1 43 ? 0.287   3.132   12.597  1.00 37.03 ? 97  LEU A CD1 1 
ATOM   292  C CD2 . LEU A 1 43 ? 0.541   3.986   10.409  1.00 47.53 ? 97  LEU A CD2 1 
ATOM   293  N N   . SER A 1 44 ? 1.884   6.027   14.893  1.00 31.96 ? 98  SER A N   1 
ATOM   294  C CA  . SER A 1 44 ? 3.252   6.427   15.368  1.00 35.43 ? 98  SER A CA  1 
ATOM   295  C C   . SER A 1 44 ? 4.090   5.198   15.050  1.00 34.38 ? 98  SER A C   1 
ATOM   296  O O   . SER A 1 44 ? 3.700   4.056   15.330  1.00 37.40 ? 98  SER A O   1 
ATOM   297  C CB  . SER A 1 44 ? 3.233   6.899   16.881  1.00 34.31 ? 98  SER A CB  1 
ATOM   298  O OG  . SER A 1 44 ? 2.463   8.089   17.076  1.00 35.56 ? 98  SER A OG  1 
ATOM   299  N N   . VAL A 1 45 ? 5.191   5.378   14.313  1.00 38.97 ? 99  VAL A N   1 
ATOM   300  C CA  . VAL A 1 45 ? 5.992   4.188   13.900  1.00 41.46 ? 99  VAL A CA  1 
ATOM   301  C C   . VAL A 1 45 ? 7.469   4.384   14.104  1.00 41.81 ? 99  VAL A C   1 
ATOM   302  O O   . VAL A 1 45 ? 8.001   5.416   13.791  1.00 39.83 ? 99  VAL A O   1 
ATOM   303  C CB  . VAL A 1 45 ? 5.683   3.756   12.450  1.00 41.65 ? 99  VAL A CB  1 
ATOM   304  C CG1 . VAL A 1 45 ? 5.884   4.852   11.588  1.00 39.72 ? 99  VAL A CG1 1 
ATOM   305  C CG2 . VAL A 1 45 ? 6.428   2.490   12.128  1.00 40.55 ? 99  VAL A CG2 1 
ATOM   306  N N   . LYS A 1 46 ? 8.039   3.399   14.774  1.00 45.54 ? 100 LYS A N   1 
ATOM   307  C CA  . LYS A 1 46 ? 9.478   3.432   15.086  1.00 47.88 ? 100 LYS A CA  1 
ATOM   308  C C   . LYS A 1 46 ? 10.190  3.068   13.798  1.00 48.03 ? 100 LYS A C   1 
ATOM   309  O O   . LYS A 1 46 ? 9.982   2.001   13.301  1.00 49.99 ? 100 LYS A O   1 
ATOM   310  C CB  . LYS A 1 46 ? 9.899   2.357   16.135  1.00 46.63 ? 100 LYS A CB  1 
ATOM   311  C CG  . LYS A 1 46 ? 11.494  2.157   16.156  1.00 49.66 ? 100 LYS A CG  1 
ATOM   312  C CD  . LYS A 1 46 ? 12.089  1.474   17.396  1.00 51.79 ? 100 LYS A CD  1 
ATOM   313  C CE  . LYS A 1 46 ? 13.539  0.783   17.181  1.00 56.83 ? 100 LYS A CE  1 
ATOM   314  N NZ  . LYS A 1 46 ? 14.685  1.250   16.253  1.00 51.32 ? 100 LYS A NZ  1 
ATOM   315  N N   . PHE A 1 47 ? 11.060  3.931   13.312  1.00 49.79 ? 101 PHE A N   1 
ATOM   316  C CA  . PHE A 1 47 ? 11.882  3.628   12.151  1.00 51.47 ? 101 PHE A CA  1 
ATOM   317  C C   . PHE A 1 47 ? 13.301  4.139   12.285  1.00 52.53 ? 101 PHE A C   1 
ATOM   318  O O   . PHE A 1 47 ? 13.537  5.345   12.206  1.00 55.02 ? 101 PHE A O   1 
ATOM   319  C CB  . PHE A 1 47 ? 11.271  4.183   10.892  1.00 52.17 ? 101 PHE A CB  1 
ATOM   320  C CG  . PHE A 1 47 ? 12.065  3.911   9.693   1.00 46.55 ? 101 PHE A CG  1 
ATOM   321  C CD1 . PHE A 1 47 ? 12.117  2.654   9.173   1.00 49.32 ? 101 PHE A CD1 1 
ATOM   322  C CD2 . PHE A 1 47 ? 12.745  4.889   9.123   1.00 50.49 ? 101 PHE A CD2 1 
ATOM   323  C CE1 . PHE A 1 47 ? 12.767  2.391   8.080   1.00 49.94 ? 101 PHE A CE1 1 
ATOM   324  C CE2 . PHE A 1 47 ? 13.468  4.622   8.006   1.00 52.73 ? 101 PHE A CE2 1 
ATOM   325  C CZ  . PHE A 1 47 ? 13.477  3.373   7.492   1.00 47.56 ? 101 PHE A CZ  1 
ATOM   326  N N   . GLY A 1 48 ? 14.208  3.193   12.515  1.00 56.05 ? 102 GLY A N   1 
ATOM   327  C CA  . GLY A 1 48 ? 15.601  3.466   12.899  1.00 58.29 ? 102 GLY A CA  1 
ATOM   328  C C   . GLY A 1 48 ? 15.725  4.472   14.017  1.00 58.03 ? 102 GLY A C   1 
ATOM   329  O O   . GLY A 1 48 ? 15.406  4.073   15.136  1.00 61.07 ? 102 GLY A O   1 
ATOM   330  N N   . ASN A 1 49 ? 16.134  5.721   13.755  1.00 58.72 ? 103 ASN A N   1 
ATOM   331  C CA  . ASN A 1 49 ? 16.394  6.755   14.852  1.00 60.76 ? 103 ASN A CA  1 
ATOM   332  C C   . ASN A 1 49 ? 15.260  7.711   15.373  1.00 62.51 ? 103 ASN A C   1 
ATOM   333  O O   . ASN A 1 49 ? 15.422  8.397   16.452  1.00 64.63 ? 103 ASN A O   1 
ATOM   334  C CB  . ASN A 1 49 ? 17.487  7.671   14.387  1.00 61.97 ? 103 ASN A CB  1 
ATOM   335  N N   . ASP A 1 50 ? 14.196  7.882   14.560  1.00 61.72 ? 104 ASP A N   1 
ATOM   336  C CA  . ASP A 1 50 ? 13.000  8.687   14.925  1.00 59.99 ? 104 ASP A CA  1 
ATOM   337  C C   . ASP A 1 50 ? 11.681  7.819   15.047  1.00 55.64 ? 104 ASP A C   1 
ATOM   338  O O   . ASP A 1 50 ? 11.720  6.538   15.131  1.00 49.61 ? 104 ASP A O   1 
ATOM   339  C CB  . ASP A 1 50 ? 12.852  9.970   14.053  1.00 62.33 ? 104 ASP A CB  1 
ATOM   340  C CG  . ASP A 1 50 ? 13.660  9.929   12.758  1.00 67.44 ? 104 ASP A CG  1 
ATOM   341  O OD1 . ASP A 1 50 ? 13.255  9.119   11.859  1.00 78.75 ? 104 ASP A OD1 1 
ATOM   342  O OD2 . ASP A 1 50 ? 14.621  10.697  12.507  1.00 70.83 ? 104 ASP A OD2 1 
ATOM   343  N N   . VAL A 1 51 ? 10.595  8.535   15.323  1.00 52.99 ? 105 VAL A N   1 
ATOM   344  C CA  . VAL A 1 51 ? 9.230   7.980   15.322  1.00 51.92 ? 105 VAL A CA  1 
ATOM   345  C C   . VAL A 1 51 ? 8.518   8.851   14.340  1.00 49.31 ? 105 VAL A C   1 
ATOM   346  O O   . VAL A 1 51 ? 8.640   10.090  14.392  1.00 52.58 ? 105 VAL A O   1 
ATOM   347  C CB  . VAL A 1 51 ? 8.538   7.925   16.692  1.00 52.60 ? 105 VAL A CB  1 
ATOM   348  C CG1 . VAL A 1 51 ? 7.259   8.716   16.744  1.00 54.34 ? 105 VAL A CG1 1 
ATOM   349  C CG2 . VAL A 1 51 ? 8.207   6.495   17.047  1.00 55.83 ? 105 VAL A CG2 1 
ATOM   350  N N   . GLN A 1 52 ? 7.929   8.203   13.352  1.00 44.83 ? 106 GLN A N   1 
ATOM   351  C CA  . GLN A 1 52 ? 7.112   8.871   12.413  1.00 45.12 ? 106 GLN A CA  1 
ATOM   352  C C   . GLN A 1 52 ? 5.697   8.863   12.873  1.00 42.42 ? 106 GLN A C   1 
ATOM   353  O O   . GLN A 1 52 ? 5.211   7.886   13.535  1.00 39.17 ? 106 GLN A O   1 
ATOM   354  C CB  . GLN A 1 52 ? 7.250   8.172   11.059  1.00 45.86 ? 106 GLN A CB  1 
ATOM   355  C CG  . GLN A 1 52 ? 8.774   8.297   10.612  1.00 45.82 ? 106 GLN A CG  1 
ATOM   356  C CD  . GLN A 1 52 ? 8.937   8.054   9.119   1.00 54.14 ? 106 GLN A CD  1 
ATOM   357  O OE1 . GLN A 1 52 ? 9.958   8.475   8.503   1.00 60.30 ? 106 GLN A OE1 1 
ATOM   358  N NE2 . GLN A 1 52 ? 7.957   7.399   8.518   1.00 51.15 ? 106 GLN A NE2 1 
ATOM   359  N N   . HIS A 1 53 ? 5.087   10.009  12.621  1.00 40.45 ? 107 HIS A N   1 
ATOM   360  C CA  . HIS A 1 53 ? 3.662   10.101  12.832  1.00 41.55 ? 107 HIS A CA  1 
ATOM   361  C C   . HIS A 1 53 ? 2.846   10.377  11.574  1.00 39.49 ? 107 HIS A C   1 
ATOM   362  O O   . HIS A 1 53 ? 3.149   11.294  10.858  1.00 38.39 ? 107 HIS A O   1 
ATOM   363  C CB  . HIS A 1 53 ? 3.340   11.206  13.846  1.00 41.69 ? 107 HIS A CB  1 
ATOM   364  C CG  . HIS A 1 53 ? 4.158   11.094  15.106  1.00 42.39 ? 107 HIS A CG  1 
ATOM   365  N ND1 . HIS A 1 53 ? 3.788   10.279  16.145  1.00 37.51 ? 107 HIS A ND1 1 
ATOM   366  C CD2 . HIS A 1 53 ? 5.273   11.733  15.489  1.00 43.58 ? 107 HIS A CD2 1 
ATOM   367  C CE1 . HIS A 1 53 ? 4.687   10.392  17.102  1.00 51.51 ? 107 HIS A CE1 1 
ATOM   368  N NE2 . HIS A 1 53 ? 5.597   11.266  16.730  1.00 48.15 ? 107 HIS A NE2 1 
ATOM   369  N N   . PHE A 1 54 ? 1.857   9.515   11.327  1.00 40.01 ? 108 PHE A N   1 
ATOM   370  C CA  . PHE A 1 54 ? 0.900   9.653   10.191  1.00 39.66 ? 108 PHE A CA  1 
ATOM   371  C C   . PHE A 1 54 ? -0.453  9.975   10.745  1.00 35.76 ? 108 PHE A C   1 
ATOM   372  O O   . PHE A 1 54 ? -0.932  9.313   11.692  1.00 38.65 ? 108 PHE A O   1 
ATOM   373  C CB  . PHE A 1 54 ? 0.833   8.316   9.386   1.00 38.72 ? 108 PHE A CB  1 
ATOM   374  C CG  . PHE A 1 54 ? 2.145   7.954   8.691   1.00 41.42 ? 108 PHE A CG  1 
ATOM   375  C CD1 . PHE A 1 54 ? 2.325   8.210   7.350   1.00 41.02 ? 108 PHE A CD1 1 
ATOM   376  C CD2 . PHE A 1 54 ? 3.134   7.318   9.375   1.00 43.89 ? 108 PHE A CD2 1 
ATOM   377  C CE1 . PHE A 1 54 ? 3.365   7.846   6.758   1.00 39.69 ? 108 PHE A CE1 1 
ATOM   378  C CE2 . PHE A 1 54 ? 4.269   6.940   8.773   1.00 45.34 ? 108 PHE A CE2 1 
ATOM   379  C CZ  . PHE A 1 54 ? 4.374   7.211   7.411   1.00 41.11 ? 108 PHE A CZ  1 
ATOM   380  N N   . LYS A 1 55 ? -1.142  10.866  10.104  1.00 35.41 ? 109 LYS A N   1 
ATOM   381  C CA  . LYS A 1 55 ? -2.595  11.079  10.325  1.00 35.64 ? 109 LYS A CA  1 
ATOM   382  C C   . LYS A 1 55 ? -3.436  9.957   9.634   1.00 33.78 ? 109 LYS A C   1 
ATOM   383  O O   . LYS A 1 55 ? -3.187  9.681   8.530   1.00 35.79 ? 109 LYS A O   1 
ATOM   384  C CB  . LYS A 1 55 ? -3.045  12.422  9.719   1.00 36.34 ? 109 LYS A CB  1 
ATOM   385  C CG  . LYS A 1 55 ? -2.784  13.557  10.671  1.00 40.23 ? 109 LYS A CG  1 
ATOM   386  C CD  . LYS A 1 55 ? -3.478  14.917  10.303  1.00 40.80 ? 109 LYS A CD  1 
ATOM   387  C CE  . LYS A 1 55 ? -2.797  16.079  11.099  1.00 44.78 ? 109 LYS A CE  1 
ATOM   388  N NZ  . LYS A 1 55 ? -3.128  15.976  12.512  1.00 40.33 ? 109 LYS A NZ  1 
ATOM   389  N N   . VAL A 1 56 ? -4.354  9.285   10.296  1.00 32.69 ? 110 VAL A N   1 
ATOM   390  C CA  . VAL A 1 56 ? -5.119  8.225   9.624   1.00 33.29 ? 110 VAL A CA  1 
ATOM   391  C C   . VAL A 1 56 ? -6.196  9.050   8.826   1.00 32.92 ? 110 VAL A C   1 
ATOM   392  O O   . VAL A 1 56 ? -7.109  9.543   9.446   1.00 30.16 ? 110 VAL A O   1 
ATOM   393  C CB  . VAL A 1 56 ? -5.681  7.169   10.599  1.00 31.67 ? 110 VAL A CB  1 
ATOM   394  C CG1 . VAL A 1 56 ? -6.626  6.197   9.899   1.00 29.51 ? 110 VAL A CG1 1 
ATOM   395  C CG2 . VAL A 1 56 ? -4.540  6.417   11.219  1.00 33.47 ? 110 VAL A CG2 1 
ATOM   396  N N   . LEU A 1 57 ? -6.020  9.160   7.487   1.00 29.63 ? 111 LEU A N   1 
ATOM   397  C CA  . LEU A 1 57 ? -7.060  9.916   6.680   1.00 30.67 ? 111 LEU A CA  1 
ATOM   398  C C   . LEU A 1 57 ? -8.354  9.216   6.521   1.00 31.38 ? 111 LEU A C   1 
ATOM   399  O O   . LEU A 1 57 ? -8.470  7.949   6.504   1.00 30.67 ? 111 LEU A O   1 
ATOM   400  C CB  . LEU A 1 57 ? -6.406  10.216  5.294   1.00 30.60 ? 111 LEU A CB  1 
ATOM   401  C CG  . LEU A 1 57 ? -5.072  10.938  5.331   1.00 35.04 ? 111 LEU A CG  1 
ATOM   402  C CD1 . LEU A 1 57 ? -4.346  10.945  4.044   1.00 37.03 ? 111 LEU A CD1 1 
ATOM   403  C CD2 . LEU A 1 57 ? -5.224  12.432  6.018   1.00 43.15 ? 111 LEU A CD2 1 
ATOM   404  N N   . ARG A 1 58 ? -9.399  9.999   6.380   1.00 33.48 ? 112 ARG A N   1 
ATOM   405  C CA  . ARG A 1 58 ? -10.742 9.505   6.021   1.00 30.31 ? 112 ARG A CA  1 
ATOM   406  C C   . ARG A 1 58 ? -11.274 10.165  4.737   1.00 30.05 ? 112 ARG A C   1 
ATOM   407  O O   . ARG A 1 58 ? -10.930 11.294  4.425   1.00 31.20 ? 112 ARG A O   1 
ATOM   408  C CB  . ARG A 1 58 ? -11.725 10.125  6.957   1.00 31.22 ? 112 ARG A CB  1 
ATOM   409  C CG  . ARG A 1 58 ? -11.663 9.647   8.527   1.00 37.39 ? 112 ARG A CG  1 
ATOM   410  C CD  . ARG A 1 58 ? -11.440 8.213   8.777   1.00 36.77 ? 112 ARG A CD  1 
ATOM   411  N NE  . ARG A 1 58 ? -12.560 7.380   8.617   1.00 35.54 ? 112 ARG A NE  1 
ATOM   412  C CZ  . ARG A 1 58 ? -13.435 7.273   9.457   1.00 33.53 ? 112 ARG A CZ  1 
ATOM   413  N NH1 . ARG A 1 58 ? -13.245 7.940   10.528  1.00 42.82 ? 112 ARG A NH1 1 
ATOM   414  N NH2 . ARG A 1 58 ? -14.483 6.519   9.344   1.00 32.21 ? 112 ARG A NH2 1 
ATOM   415  N N   . ASP A 1 59 ? -12.108 9.484   3.983   1.00 32.20 ? 113 ASP A N   1 
ATOM   416  C CA  . ASP A 1 59 ? -12.736 10.147  2.884   1.00 31.81 ? 113 ASP A CA  1 
ATOM   417  C C   . ASP A 1 59 ? -14.231 10.367  3.248   1.00 31.87 ? 113 ASP A C   1 
ATOM   418  O O   . ASP A 1 59 ? -14.722 10.082  4.348   1.00 29.47 ? 113 ASP A O   1 
ATOM   419  C CB  . ASP A 1 59 ? -12.464 9.410   1.534   1.00 31.08 ? 113 ASP A CB  1 
ATOM   420  C CG  . ASP A 1 59 ? -13.084 8.052   1.460   1.00 30.82 ? 113 ASP A CG  1 
ATOM   421  O OD1 . ASP A 1 59 ? -13.887 7.731   2.378   1.00 25.51 ? 113 ASP A OD1 1 
ATOM   422  O OD2 . ASP A 1 59 ? -12.927 7.239   0.547   1.00 32.48 ? 113 ASP A OD2 1 
ATOM   423  N N   . GLY A 1 60 ? -14.954 10.825  2.257   1.00 30.99 ? 114 GLY A N   1 
ATOM   424  C CA  . GLY A 1 60 ? -16.367 11.040  2.377   1.00 36.29 ? 114 GLY A CA  1 
ATOM   425  C C   . GLY A 1 60 ? -17.246 9.820   2.633   1.00 35.23 ? 114 GLY A C   1 
ATOM   426  O O   . GLY A 1 60 ? -18.303 9.917   3.223   1.00 32.09 ? 114 GLY A O   1 
ATOM   427  N N   . ALA A 1 61 ? -16.788 8.644   2.250   1.00 37.03 ? 115 ALA A N   1 
ATOM   428  C CA  . ALA A 1 61 ? -17.522 7.479   2.585   1.00 36.13 ? 115 ALA A CA  1 
ATOM   429  C C   . ALA A 1 61 ? -17.052 6.911   3.822   1.00 35.37 ? 115 ALA A C   1 
ATOM   430  O O   . ALA A 1 61 ? -17.515 5.880   4.197   1.00 34.72 ? 115 ALA A O   1 
ATOM   431  C CB  . ALA A 1 61 ? -17.552 6.493   1.525   1.00 37.01 ? 115 ALA A CB  1 
ATOM   432  N N   . GLY A 1 62 ? -16.146 7.556   4.512   1.00 33.42 ? 116 GLY A N   1 
ATOM   433  C CA  . GLY A 1 62 ? -15.800 7.049   5.900   1.00 34.08 ? 116 GLY A CA  1 
ATOM   434  C C   . GLY A 1 62 ? -14.736 5.975   5.844   1.00 33.93 ? 116 GLY A C   1 
ATOM   435  O O   . GLY A 1 62 ? -14.486 5.295   6.806   1.00 35.20 ? 116 GLY A O   1 
ATOM   436  N N   . LYS A 1 63 ? -14.081 5.747   4.721   1.00 30.73 ? 117 LYS A N   1 
ATOM   437  C CA  . LYS A 1 63 ? -13.014 4.754   4.703   1.00 30.93 ? 117 LYS A CA  1 
ATOM   438  C C   . LYS A 1 63 ? -11.721 5.307   5.246   1.00 32.83 ? 117 LYS A C   1 
ATOM   439  O O   . LYS A 1 63 ? -11.489 6.524   5.306   1.00 30.79 ? 117 LYS A O   1 
ATOM   440  C CB  . LYS A 1 63 ? -12.775 4.259   3.252   1.00 33.22 ? 117 LYS A CB  1 
ATOM   441  C CG  . LYS A 1 63 ? -14.000 3.271   2.819   1.00 36.91 ? 117 LYS A CG  1 
ATOM   442  C CD  . LYS A 1 63 ? -13.740 2.904   1.539   1.00 50.12 ? 117 LYS A CD  1 
ATOM   443  C CE  . LYS A 1 63 ? -12.299 2.244   1.320   1.00 56.87 ? 117 LYS A CE  1 
ATOM   444  N NZ  . LYS A 1 63 ? -11.498 3.012   0.192   1.00 56.09 ? 117 LYS A NZ  1 
ATOM   445  N N   . TYR A 1 64 ? -10.804 4.404   5.599   1.00 31.24 ? 118 TYR A N   1 
ATOM   446  C CA  . TYR A 1 64 ? -9.517  4.811   6.126   1.00 31.61 ? 118 TYR A CA  1 
ATOM   447  C C   . TYR A 1 64 ? -8.363  4.524   5.190   1.00 31.29 ? 118 TYR A C   1 
ATOM   448  O O   . TYR A 1 64 ? -8.305  3.450   4.501   1.00 31.76 ? 118 TYR A O   1 
ATOM   449  C CB  . TYR A 1 64 ? -9.299  3.983   7.359   1.00 32.05 ? 118 TYR A CB  1 
ATOM   450  C CG  . TYR A 1 64 ? -10.330 4.066   8.505   1.00 33.65 ? 118 TYR A CG  1 
ATOM   451  C CD1 . TYR A 1 64 ? -10.164 4.944   9.603   1.00 29.48 ? 118 TYR A CD1 1 
ATOM   452  C CD2 . TYR A 1 64 ? -11.431 3.320   8.508   1.00 39.32 ? 118 TYR A CD2 1 
ATOM   453  C CE1 . TYR A 1 64 ? -11.077 5.029   10.543  1.00 29.76 ? 118 TYR A CE1 1 
ATOM   454  C CE2 . TYR A 1 64 ? -12.382 3.451   9.457   1.00 33.61 ? 118 TYR A CE2 1 
ATOM   455  C CZ  . TYR A 1 64 ? -12.107 4.193   10.568  1.00 34.29 ? 118 TYR A CZ  1 
ATOM   456  O OH  . TYR A 1 64 ? -13.050 4.359   11.626  1.00 34.90 ? 118 TYR A OH  1 
ATOM   457  N N   . PHE A 1 65 ? -7.387  5.417   5.218   1.00 27.55 ? 119 PHE A N   1 
ATOM   458  C CA  . PHE A 1 65 ? -6.221  5.294   4.449   1.00 28.84 ? 119 PHE A CA  1 
ATOM   459  C C   . PHE A 1 65 ? -5.116  6.181   4.950   1.00 31.73 ? 119 PHE A C   1 
ATOM   460  O O   . PHE A 1 65 ? -5.342  7.120   5.636   1.00 30.38 ? 119 PHE A O   1 
ATOM   461  C CB  . PHE A 1 65 ? -6.486  5.571   2.939   1.00 31.89 ? 119 PHE A CB  1 
ATOM   462  C CG  . PHE A 1 65 ? -7.040  6.883   2.560   1.00 29.35 ? 119 PHE A CG  1 
ATOM   463  C CD1 . PHE A 1 65 ? -6.191  7.916   2.028   1.00 28.82 ? 119 PHE A CD1 1 
ATOM   464  C CD2 . PHE A 1 65 ? -8.394  7.152   2.767   1.00 31.75 ? 119 PHE A CD2 1 
ATOM   465  C CE1 . PHE A 1 65 ? -6.735  9.172   1.785   1.00 37.10 ? 119 PHE A CE1 1 
ATOM   466  C CE2 . PHE A 1 65 ? -8.934  8.411   2.558   1.00 32.09 ? 119 PHE A CE2 1 
ATOM   467  C CZ  . PHE A 1 65 ? -8.172  9.415   2.043   1.00 31.44 ? 119 PHE A CZ  1 
ATOM   468  N N   . LEU A 1 66 ? -3.902  5.882   4.549   1.00 33.35 ? 120 LEU A N   1 
ATOM   469  C CA  . LEU A 1 66 ? -2.729  6.788   4.778   1.00 35.62 ? 120 LEU A CA  1 
ATOM   470  C C   . LEU A 1 66 ? -2.391  7.654   3.669   1.00 38.89 ? 120 LEU A C   1 
ATOM   471  O O   . LEU A 1 66 ? -1.864  8.802   3.908   1.00 39.97 ? 120 LEU A O   1 
ATOM   472  C CB  . LEU A 1 66 ? -1.460  5.973   5.052   1.00 31.82 ? 120 LEU A CB  1 
ATOM   473  C CG  . LEU A 1 66 ? -1.729  5.039   6.227   1.00 32.74 ? 120 LEU A CG  1 
ATOM   474  C CD1 . LEU A 1 66 ? -0.471  4.353   6.802   1.00 38.98 ? 120 LEU A CD1 1 
ATOM   475  C CD2 . LEU A 1 66 ? -2.219  5.957   7.413   1.00 38.63 ? 120 LEU A CD2 1 
ATOM   476  N N   . TRP A 1 67 ? -2.525  7.117   2.426   1.00 38.67 ? 121 TRP A N   1 
ATOM   477  C CA  . TRP A 1 67 ? -2.309  7.999   1.279   1.00 39.59 ? 121 TRP A CA  1 
ATOM   478  C C   . TRP A 1 67 ? -3.034  7.542   0.072   1.00 38.07 ? 121 TRP A C   1 
ATOM   479  O O   . TRP A 1 67 ? -3.275  6.437   -0.064  1.00 37.44 ? 121 TRP A O   1 
ATOM   480  C CB  . TRP A 1 67 ? -0.858  8.274   0.955   1.00 40.45 ? 121 TRP A CB  1 
ATOM   481  C CG  . TRP A 1 67 ? -0.037  7.135   0.996   1.00 46.41 ? 121 TRP A CG  1 
ATOM   482  C CD1 . TRP A 1 67 ? 0.496   6.486   2.139   1.00 44.03 ? 121 TRP A CD1 1 
ATOM   483  C CD2 . TRP A 1 67 ? 0.561   6.473   -0.160  1.00 51.50 ? 121 TRP A CD2 1 
ATOM   484  N NE1 . TRP A 1 67 ? 1.320   5.476   1.716   1.00 56.69 ? 121 TRP A NE1 1 
ATOM   485  C CE2 . TRP A 1 67 ? 1.374   5.430   0.336   1.00 52.66 ? 121 TRP A CE2 1 
ATOM   486  C CE3 . TRP A 1 67 ? 0.485   6.664   -1.534  1.00 54.88 ? 121 TRP A CE3 1 
ATOM   487  C CZ2 . TRP A 1 67 ? 2.021   4.548   -0.478  1.00 57.41 ? 121 TRP A CZ2 1 
ATOM   488  C CZ3 . TRP A 1 67 ? 1.216   5.790   -2.373  1.00 59.57 ? 121 TRP A CZ3 1 
ATOM   489  C CH2 . TRP A 1 67 ? 1.950   4.750   -1.832  1.00 59.94 ? 121 TRP A CH2 1 
ATOM   490  N N   . VAL A 1 68 ? -3.257  8.404   -0.838  1.00 35.86 ? 122 VAL A N   1 
ATOM   491  C CA  . VAL A 1 68 ? -4.010  7.983   -2.045  1.00 38.54 ? 122 VAL A CA  1 
ATOM   492  C C   . VAL A 1 68 ? -3.037  7.321   -3.050  1.00 34.01 ? 122 VAL A C   1 
ATOM   493  O O   . VAL A 1 68 ? -2.160  7.945   -3.545  1.00 35.22 ? 122 VAL A O   1 
ATOM   494  C CB  . VAL A 1 68 ? -4.606  9.182   -2.686  1.00 40.71 ? 122 VAL A CB  1 
ATOM   495  C CG1 . VAL A 1 68 ? -5.354  8.718   -3.998  1.00 44.41 ? 122 VAL A CG1 1 
ATOM   496  C CG2 . VAL A 1 68 ? -5.624  9.899   -1.688  1.00 40.62 ? 122 VAL A CG2 1 
ATOM   497  N N   . VAL A 1 69 ? -3.212  6.082   -3.336  1.00 34.39 ? 123 VAL A N   1 
ATOM   498  C CA  . VAL A 1 69 ? -2.256  5.445   -4.225  1.00 37.48 ? 123 VAL A CA  1 
ATOM   499  C C   . VAL A 1 69 ? -2.637  5.586   -5.695  1.00 38.22 ? 123 VAL A C   1 
ATOM   500  O O   . VAL A 1 69 ? -3.420  4.822   -6.149  1.00 37.82 ? 123 VAL A O   1 
ATOM   501  C CB  . VAL A 1 69 ? -1.959  3.989   -3.821  1.00 39.95 ? 123 VAL A CB  1 
ATOM   502  C CG1 . VAL A 1 69 ? -3.039  3.358   -3.358  1.00 47.74 ? 123 VAL A CG1 1 
ATOM   503  C CG2 . VAL A 1 69 ? -1.355  3.229   -4.922  1.00 36.38 ? 123 VAL A CG2 1 
ATOM   504  N N   . LYS A 1 70 ? -1.981  6.525   -6.420  1.00 34.56 ? 124 LYS A N   1 
ATOM   505  C CA  . LYS A 1 70 ? -2.230  6.897   -7.827  1.00 35.58 ? 124 LYS A CA  1 
ATOM   506  C C   . LYS A 1 70 ? -0.965  7.345   -8.447  1.00 33.33 ? 124 LYS A C   1 
ATOM   507  O O   . LYS A 1 70 ? -0.069  7.819   -7.743  1.00 31.84 ? 124 LYS A O   1 
ATOM   508  C CB  . LYS A 1 70 ? -3.237  8.035   -7.961  1.00 35.66 ? 124 LYS A CB  1 
ATOM   509  C CG  . LYS A 1 70 ? -4.476  7.677   -7.218  1.00 42.49 ? 124 LYS A CG  1 
ATOM   510  C CD  . LYS A 1 70 ? -5.618  8.666   -7.419  1.00 46.32 ? 124 LYS A CD  1 
ATOM   511  C CE  . LYS A 1 70 ? -6.997  7.932   -7.563  1.00 49.69 ? 124 LYS A CE  1 
ATOM   512  N NZ  . LYS A 1 70 ? -7.919  8.999   -8.161  1.00 37.46 ? 124 LYS A NZ  1 
ATOM   513  N N   . PHE A 1 71 ? -0.834  7.243   -9.767  1.00 31.57 ? 125 PHE A N   1 
ATOM   514  C CA  . PHE A 1 71 ? 0.518   7.522   -10.292 1.00 30.66 ? 125 PHE A CA  1 
ATOM   515  C C   . PHE A 1 71 ? 0.385   8.455   -11.433 1.00 31.98 ? 125 PHE A C   1 
ATOM   516  O O   . PHE A 1 71 ? -0.629  8.393   -12.199 1.00 34.12 ? 125 PHE A O   1 
ATOM   517  C CB  . PHE A 1 71 ? 1.245   6.194   -10.741 1.00 29.42 ? 125 PHE A CB  1 
ATOM   518  C CG  . PHE A 1 71 ? 1.190   5.150   -9.711  1.00 33.73 ? 125 PHE A CG  1 
ATOM   519  C CD1 . PHE A 1 71 ? 0.279   4.199   -9.787  1.00 36.06 ? 125 PHE A CD1 1 
ATOM   520  C CD2 . PHE A 1 71 ? 2.003   5.193   -8.631  1.00 39.11 ? 125 PHE A CD2 1 
ATOM   521  C CE1 . PHE A 1 71 ? 0.158   3.291   -8.796  1.00 37.55 ? 125 PHE A CE1 1 
ATOM   522  C CE2 . PHE A 1 71 ? 1.929   4.236   -7.682  1.00 40.72 ? 125 PHE A CE2 1 
ATOM   523  C CZ  . PHE A 1 71 ? 0.970   3.345   -7.739  1.00 35.15 ? 125 PHE A CZ  1 
ATOM   524  N N   . ASN A 1 72 ? 1.423   9.272   -11.609 1.00 32.97 ? 126 ASN A N   1 
ATOM   525  C CA  . ASN A 1 72 ? 1.563   10.163  -12.744 1.00 37.40 ? 126 ASN A CA  1 
ATOM   526  C C   . ASN A 1 72 ? 1.976   9.499   -14.100 1.00 39.67 ? 126 ASN A C   1 
ATOM   527  O O   . ASN A 1 72 ? 1.749   10.134  -15.152 1.00 39.92 ? 126 ASN A O   1 
ATOM   528  C CB  . ASN A 1 72 ? 2.528   11.329  -12.389 1.00 40.97 ? 126 ASN A CB  1 
ATOM   529  C CG  . ASN A 1 72 ? 1.942   12.309  -11.311 1.00 50.08 ? 126 ASN A CG  1 
ATOM   530  O OD1 . ASN A 1 72 ? 1.007   13.068  -11.620 1.00 61.25 ? 126 ASN A OD1 1 
ATOM   531  N ND2 . ASN A 1 72 ? 2.524   12.330  -10.101 1.00 52.59 ? 126 ASN A ND2 1 
ATOM   532  N N   . SER A 1 73 ? 2.491   8.246   -14.087 1.00 36.93 ? 127 SER A N   1 
ATOM   533  C CA  . SER A 1 73 ? 2.880   7.556   -15.291 1.00 40.42 ? 127 SER A CA  1 
ATOM   534  C C   . SER A 1 73 ? 2.678   6.167   -15.181 1.00 38.08 ? 127 SER A C   1 
ATOM   535  O O   . SER A 1 73 ? 2.760   5.685   -14.081 1.00 37.45 ? 127 SER A O   1 
ATOM   536  C CB  . SER A 1 73 ? 4.456   7.652   -15.478 1.00 40.56 ? 127 SER A CB  1 
ATOM   537  O OG  . SER A 1 73 ? 4.890   8.905   -15.040 1.00 54.88 ? 127 SER A OG  1 
ATOM   538  N N   . LEU A 1 74 ? 2.705   5.483   -16.293 1.00 39.94 ? 128 LEU A N   1 
ATOM   539  C CA  . LEU A 1 74 ? 2.855   4.025   -16.316 1.00 41.16 ? 128 LEU A CA  1 
ATOM   540  C C   . LEU A 1 74 ? 4.130   3.397   -15.604 1.00 41.81 ? 128 LEU A C   1 
ATOM   541  O O   . LEU A 1 74 ? 3.969   2.532   -14.727 1.00 38.95 ? 128 LEU A O   1 
ATOM   542  C CB  . LEU A 1 74 ? 2.777   3.534   -17.740 1.00 44.01 ? 128 LEU A CB  1 
ATOM   543  C CG  . LEU A 1 74 ? 1.514   3.157   -18.503 1.00 45.62 ? 128 LEU A CG  1 
ATOM   544  C CD1 . LEU A 1 74 ? 0.230   3.204   -17.742 1.00 46.83 ? 128 LEU A CD1 1 
ATOM   545  C CD2 . LEU A 1 74 ? 1.531   4.072   -19.742 1.00 50.05 ? 128 LEU A CD2 1 
ATOM   546  N N   . ASN A 1 75 ? 5.330   3.858   -15.972 1.00 40.41 ? 129 ASN A N   1 
ATOM   547  C CA  . ASN A 1 75 ? 6.559   3.768   -15.230 1.00 42.06 ? 129 ASN A CA  1 
ATOM   548  C C   . ASN A 1 75 ? 6.402   3.888   -13.741 1.00 41.45 ? 129 ASN A C   1 
ATOM   549  O O   . ASN A 1 75 ? 6.677   2.932   -13.005 1.00 41.61 ? 129 ASN A O   1 
ATOM   550  C CB  . ASN A 1 75 ? 7.739   4.908   -15.799 1.00 43.05 ? 129 ASN A CB  1 
ATOM   551  N N   . GLU A 1 76 ? 5.897   5.006   -13.250 1.00 40.09 ? 130 GLU A N   1 
ATOM   552  C CA  . GLU A 1 76 ? 5.671   4.944   -11.815 1.00 41.02 ? 130 GLU A CA  1 
ATOM   553  C C   . GLU A 1 76 ? 4.765   3.832   -11.383 1.00 38.64 ? 130 GLU A C   1 
ATOM   554  O O   . GLU A 1 76 ? 4.983   3.224   -10.360 1.00 39.19 ? 130 GLU A O   1 
ATOM   555  C CB  . GLU A 1 76 ? 5.179   6.263   -11.238 1.00 42.83 ? 130 GLU A CB  1 
ATOM   556  C CG  . GLU A 1 76 ? 5.976   7.495   -11.556 1.00 45.77 ? 130 GLU A CG  1 
ATOM   557  C CD  . GLU A 1 76 ? 5.194   8.731   -11.178 1.00 50.29 ? 130 GLU A CD  1 
ATOM   558  O OE1 . GLU A 1 76 ? 4.189   8.732   -10.310 1.00 53.47 ? 130 GLU A OE1 1 
ATOM   559  O OE2 . GLU A 1 76 ? 5.470   9.664   -11.897 1.00 56.75 ? 130 GLU A OE2 1 
ATOM   560  N N   . LEU A 1 77 ? 3.728   3.470   -12.122 1.00 38.04 ? 131 LEU A N   1 
ATOM   561  C CA  . LEU A 1 77 ? 2.862   2.404   -11.655 1.00 36.18 ? 131 LEU A CA  1 
ATOM   562  C C   . LEU A 1 77 ? 3.604   1.009   -11.592 1.00 35.85 ? 131 LEU A C   1 
ATOM   563  O O   . LEU A 1 77 ? 3.469   0.223   -10.643 1.00 33.62 ? 131 LEU A O   1 
ATOM   564  C CB  . LEU A 1 77 ? 1.591   2.299   -12.569 1.00 37.41 ? 131 LEU A CB  1 
ATOM   565  C CG  . LEU A 1 77 ? 0.470   1.245   -12.292 1.00 36.15 ? 131 LEU A CG  1 
ATOM   566  C CD1 . LEU A 1 77 ? -0.812  1.593   -13.080 1.00 41.16 ? 131 LEU A CD1 1 
ATOM   567  C CD2 . LEU A 1 77 ? 0.874   -0.163  -12.758 1.00 38.48 ? 131 LEU A CD2 1 
ATOM   568  N N   . VAL A 1 78 ? 4.314   0.726   -12.615 1.00 38.59 ? 132 VAL A N   1 
ATOM   569  C CA  . VAL A 1 78 ? 5.244   -0.464  -12.715 1.00 39.06 ? 132 VAL A CA  1 
ATOM   570  C C   . VAL A 1 78 ? 6.258   -0.556  -11.655 1.00 40.93 ? 132 VAL A C   1 
ATOM   571  O O   . VAL A 1 78 ? 6.395   -1.619  -11.109 1.00 45.15 ? 132 VAL A O   1 
ATOM   572  C CB  . VAL A 1 78 ? 5.885   -0.573  -14.125 1.00 41.55 ? 132 VAL A CB  1 
ATOM   573  C CG1 . VAL A 1 78 ? 6.746   -1.836  -14.218 1.00 40.17 ? 132 VAL A CG1 1 
ATOM   574  C CG2 . VAL A 1 78 ? 4.786   -0.764  -15.215 1.00 39.24 ? 132 VAL A CG2 1 
ATOM   575  N N   . ASP A 1 79 ? 6.804   0.543   -11.155 1.00 41.37 ? 133 ASP A N   1 
ATOM   576  C CA  . ASP A 1 79 ? 7.913   0.488   -10.219 1.00 43.32 ? 133 ASP A CA  1 
ATOM   577  C C   . ASP A 1 79 ? 7.357   0.238   -8.885  1.00 44.82 ? 133 ASP A C   1 
ATOM   578  O O   . ASP A 1 79 ? 7.939   -0.553  -8.048  1.00 45.38 ? 133 ASP A O   1 
ATOM   579  C CB  . ASP A 1 79 ? 8.578   1.847   -10.391 1.00 44.79 ? 133 ASP A CB  1 
ATOM   580  C CG  . ASP A 1 79 ? 9.719   2.130   -9.458  1.00 54.04 ? 133 ASP A CG  1 
ATOM   581  O OD1 . ASP A 1 79 ? 10.768  1.349   -9.501  1.00 56.70 ? 133 ASP A OD1 1 
ATOM   582  O OD2 . ASP A 1 79 ? 9.638   3.197   -8.754  1.00 49.56 ? 133 ASP A OD2 1 
ATOM   583  N N   . TYR A 1 80 ? 6.146   0.793   -8.684  1.00 40.43 ? 134 TYR A N   1 
ATOM   584  C CA  . TYR A 1 80 ? 5.430   0.496   -7.446  1.00 37.83 ? 134 TYR A CA  1 
ATOM   585  C C   . TYR A 1 80 ? 5.138   -0.969  -7.344  1.00 35.18 ? 134 TYR A C   1 
ATOM   586  O O   . TYR A 1 80 ? 5.282   -1.509  -6.165  1.00 37.68 ? 134 TYR A O   1 
ATOM   587  C CB  . TYR A 1 80 ? 4.207   1.441   -7.251  1.00 35.50 ? 134 TYR A CB  1 
ATOM   588  C CG  . TYR A 1 80 ? 3.500   1.230   -6.075  1.00 33.21 ? 134 TYR A CG  1 
ATOM   589  C CD1 . TYR A 1 80 ? 3.926   1.769   -4.919  1.00 41.41 ? 134 TYR A CD1 1 
ATOM   590  C CD2 . TYR A 1 80 ? 2.495   0.371   -6.040  1.00 32.25 ? 134 TYR A CD2 1 
ATOM   591  C CE1 . TYR A 1 80 ? 3.249   1.587   -3.809  1.00 42.06 ? 134 TYR A CE1 1 
ATOM   592  C CE2 . TYR A 1 80 ? 1.773   0.193   -4.955  1.00 36.06 ? 134 TYR A CE2 1 
ATOM   593  C CZ  . TYR A 1 80 ? 2.207   0.846   -3.772  1.00 38.14 ? 134 TYR A CZ  1 
ATOM   594  O OH  . TYR A 1 80 ? 1.563   0.613   -2.520  1.00 45.20 ? 134 TYR A OH  1 
ATOM   595  N N   . HIS A 1 81 ? 4.649   -1.623  -8.419  1.00 33.89 ? 135 HIS A N   1 
ATOM   596  C CA  . HIS A 1 81 ? 4.155   -2.946  -8.245  1.00 35.29 ? 135 HIS A CA  1 
ATOM   597  C C   . HIS A 1 81 ? 5.318   -4.025  -8.502  1.00 35.17 ? 135 HIS A C   1 
ATOM   598  O O   . HIS A 1 81 ? 5.059   -5.251  -8.633  1.00 37.35 ? 135 HIS A O   1 
ATOM   599  C CB  . HIS A 1 81 ? 2.844   -3.281  -9.139  1.00 36.15 ? 135 HIS A CB  1 
ATOM   600  C CG  . HIS A 1 81 ? 1.551   -2.811  -8.531  1.00 27.74 ? 135 HIS A CG  1 
ATOM   601  N ND1 . HIS A 1 81 ? 1.012   -3.389  -7.445  1.00 30.86 ? 135 HIS A ND1 1 
ATOM   602  C CD2 . HIS A 1 81 ? 0.729   -1.775  -8.845  1.00 37.13 ? 135 HIS A CD2 1 
ATOM   603  C CE1 . HIS A 1 81 ? -0.040  -2.675  -7.009  1.00 35.75 ? 135 HIS A CE1 1 
ATOM   604  N NE2 . HIS A 1 81 ? -0.167  -1.644  -7.806  1.00 28.13 ? 135 HIS A NE2 1 
ATOM   605  N N   . ARG A 1 82 ? 6.548   -3.560  -8.581  1.00 40.62 ? 136 ARG A N   1 
ATOM   606  C CA  . ARG A 1 82 ? 7.714   -4.530  -8.501  1.00 42.00 ? 136 ARG A CA  1 
ATOM   607  C C   . ARG A 1 82 ? 7.983   -5.063  -7.056  1.00 43.84 ? 136 ARG A C   1 
ATOM   608  O O   . ARG A 1 82 ? 8.509   -6.150  -6.880  1.00 43.96 ? 136 ARG A O   1 
ATOM   609  C CB  . ARG A 1 82 ? 8.818   -3.783  -9.122  1.00 44.20 ? 136 ARG A CB  1 
ATOM   610  C CG  . ARG A 1 82 ? 8.780   -3.900  -10.580 1.00 39.81 ? 136 ARG A CG  1 
ATOM   611  C CD  . ARG A 1 82 ? 9.765   -2.947  -11.160 1.00 43.96 ? 136 ARG A CD  1 
ATOM   612  N NE  . ARG A 1 82 ? 9.967   -3.319  -12.499 1.00 47.54 ? 136 ARG A NE  1 
ATOM   613  C CZ  . ARG A 1 82 ? 10.195  -2.532  -13.523 1.00 53.27 ? 136 ARG A CZ  1 
ATOM   614  N NH1 . ARG A 1 82 ? 10.280  -1.198  -13.415 1.00 62.86 ? 136 ARG A NH1 1 
ATOM   615  N NH2 . ARG A 1 82 ? 10.332  -3.105  -14.700 1.00 50.35 ? 136 ARG A NH2 1 
ATOM   616  N N   . SER A 1 83 ? 7.444   -4.351  -6.037  1.00 44.70 ? 137 SER A N   1 
ATOM   617  C CA  . SER A 1 83 ? 7.551   -4.694  -4.613  1.00 47.10 ? 137 SER A CA  1 
ATOM   618  C C   . SER A 1 83 ? 6.190   -4.775  -3.895  1.00 46.86 ? 137 SER A C   1 
ATOM   619  O O   . SER A 1 83 ? 6.142   -5.279  -2.695  1.00 43.93 ? 137 SER A O   1 
ATOM   620  C CB  . SER A 1 83 ? 8.288   -3.518  -3.913  1.00 48.66 ? 137 SER A CB  1 
ATOM   621  O OG  . SER A 1 83 ? 8.836   -2.773  -4.973  1.00 55.96 ? 137 SER A OG  1 
ATOM   622  N N   . THR A 1 84 ? 5.127   -4.258  -4.591  1.00 40.30 ? 138 THR A N   1 
ATOM   623  C CA  . THR A 1 84 ? 3.796   -4.421  -4.099  1.00 42.35 ? 138 THR A CA  1 
ATOM   624  C C   . THR A 1 84 ? 3.019   -5.315  -5.004  1.00 37.48 ? 138 THR A C   1 
ATOM   625  O O   . THR A 1 84 ? 3.028   -5.043  -6.195  1.00 35.31 ? 138 THR A O   1 
ATOM   626  C CB  . THR A 1 84 ? 3.130   -3.072  -4.128  1.00 45.67 ? 138 THR A CB  1 
ATOM   627  O OG1 . THR A 1 84 ? 4.062   -2.056  -3.659  1.00 54.76 ? 138 THR A OG1 1 
ATOM   628  C CG2 . THR A 1 84 ? 1.972   -3.086  -3.092  1.00 49.53 ? 138 THR A CG2 1 
ATOM   629  N N   . SER A 1 85 ? 2.274   -6.224  -4.453  1.00 31.96 ? 139 SER A N   1 
ATOM   630  C CA  . SER A 1 85 ? 1.461   -7.123  -5.248  1.00 31.78 ? 139 SER A CA  1 
ATOM   631  C C   . SER A 1 85 ? 0.456   -6.432  -6.177  1.00 34.07 ? 139 SER A C   1 
ATOM   632  O O   . SER A 1 85 ? 0.016   -5.351  -5.831  1.00 37.27 ? 139 SER A O   1 
ATOM   633  C CB  . SER A 1 85 ? 0.753   -8.015  -4.385  1.00 30.80 ? 139 SER A CB  1 
ATOM   634  O OG  . SER A 1 85 ? 0.122   -9.211  -5.016  1.00 36.93 ? 139 SER A OG  1 
ATOM   635  N N   . VAL A 1 86 ? 0.320   -6.914  -7.414  1.00 35.77 ? 140 VAL A N   1 
ATOM   636  C CA  . VAL A 1 86 ? -0.658  -6.405  -8.387  1.00 36.23 ? 140 VAL A CA  1 
ATOM   637  C C   . VAL A 1 86 ? -2.013  -7.012  -8.064  1.00 36.00 ? 140 VAL A C   1 
ATOM   638  O O   . VAL A 1 86 ? -3.091  -6.418  -8.427  1.00 36.15 ? 140 VAL A O   1 
ATOM   639  C CB  . VAL A 1 86 ? -0.371  -6.720  -9.798  1.00 36.65 ? 140 VAL A CB  1 
ATOM   640  C CG1 . VAL A 1 86 ? 0.508   -5.760  -10.464 1.00 36.16 ? 140 VAL A CG1 1 
ATOM   641  C CG2 . VAL A 1 86 ? 0.012   -8.230  -10.083 1.00 39.38 ? 140 VAL A CG2 1 
ATOM   642  N N   . SER A 1 87 ? -2.003  -8.158  -7.363  1.00 33.00 ? 141 SER A N   1 
ATOM   643  C CA  . SER A 1 87 ? -3.188  -8.924  -7.060  1.00 35.17 ? 141 SER A CA  1 
ATOM   644  C C   . SER A 1 87 ? -3.685  -8.642  -5.653  1.00 39.09 ? 141 SER A C   1 
ATOM   645  O O   . SER A 1 87 ? -2.860  -8.428  -4.786  1.00 40.75 ? 141 SER A O   1 
ATOM   646  C CB  . SER A 1 87 ? -3.009  -10.431 -7.335  1.00 31.66 ? 141 SER A CB  1 
ATOM   647  O OG  . SER A 1 87 ? -3.946  -11.288 -6.580  1.00 38.85 ? 141 SER A OG  1 
ATOM   648  N N   . ARG A 1 88 ? -5.005  -8.645  -5.406  1.00 37.57 ? 142 ARG A N   1 
ATOM   649  C CA  . ARG A 1 88 ? -5.591  -8.426  -4.089  1.00 41.67 ? 142 ARG A CA  1 
ATOM   650  C C   . ARG A 1 88 ? -5.696  -9.690  -3.171  1.00 42.55 ? 142 ARG A C   1 
ATOM   651  O O   . ARG A 1 88 ? -5.840  -9.608  -1.975  1.00 42.43 ? 142 ARG A O   1 
ATOM   652  C CB  . ARG A 1 88 ? -6.991  -7.691  -4.166  1.00 42.54 ? 142 ARG A CB  1 
ATOM   653  C CG  . ARG A 1 88 ? -8.111  -8.489  -4.653  1.00 42.45 ? 142 ARG A CG  1 
ATOM   654  C CD  . ARG A 1 88 ? -9.443  -8.311  -3.888  1.00 35.70 ? 142 ARG A CD  1 
ATOM   655  N NE  . ARG A 1 88 ? -10.061 -7.024  -4.131  1.00 32.09 ? 142 ARG A NE  1 
ATOM   656  C CZ  . ARG A 1 88 ? -10.775 -6.726  -5.240  1.00 40.47 ? 142 ARG A CZ  1 
ATOM   657  N NH1 . ARG A 1 88 ? -10.714 -7.484  -6.320  1.00 34.81 ? 142 ARG A NH1 1 
ATOM   658  N NH2 . ARG A 1 88 ? -11.499 -5.620  -5.332  1.00 31.84 ? 142 ARG A NH2 1 
ATOM   659  N N   . ASN A 1 89 ? -5.538  -10.856 -3.721  1.00 44.48 ? 143 ASN A N   1 
ATOM   660  C CA  . ASN A 1 89 ? -5.790  -12.061 -2.978  1.00 46.27 ? 143 ASN A CA  1 
ATOM   661  C C   . ASN A 1 89 ? -4.543  -13.058 -3.205  1.00 48.43 ? 143 ASN A C   1 
ATOM   662  O O   . ASN A 1 89 ? -4.573  -14.146 -2.699  1.00 46.17 ? 143 ASN A O   1 
ATOM   663  C CB  . ASN A 1 89 ? -7.115  -12.674 -3.501  1.00 48.28 ? 143 ASN A CB  1 
ATOM   664  C CG  . ASN A 1 89 ? -7.235  -12.578 -5.033  1.00 46.88 ? 143 ASN A CG  1 
ATOM   665  O OD1 . ASN A 1 89 ? -8.304  -12.480 -5.562  1.00 43.35 ? 143 ASN A OD1 1 
ATOM   666  N ND2 . ASN A 1 89 ? -6.114  -12.600 -5.745  1.00 44.49 ? 143 ASN A ND2 1 
ATOM   667  N N   . GLN A 1 90 ? -3.480  -12.656 -3.945  1.00 51.12 ? 144 GLN A N   1 
ATOM   668  C CA  . GLN A 1 90 ? -2.352  -13.533 -4.398  1.00 52.78 ? 144 GLN A CA  1 
ATOM   669  C C   . GLN A 1 90 ? -1.148  -12.636 -4.314  1.00 54.25 ? 144 GLN A C   1 
ATOM   670  O O   . GLN A 1 90 ? -1.333  -11.429 -4.349  1.00 51.45 ? 144 GLN A O   1 
ATOM   671  C CB  . GLN A 1 90 ? -2.465  -14.014 -5.856  1.00 54.36 ? 144 GLN A CB  1 
ATOM   672  C CG  . GLN A 1 90 ? -3.939  -14.341 -6.433  1.00 56.92 ? 144 GLN A CG  1 
ATOM   673  C CD  . GLN A 1 90 ? -4.100  -15.692 -7.132  1.00 59.43 ? 144 GLN A CD  1 
ATOM   674  O OE1 . GLN A 1 90 ? -4.261  -15.746 -8.381  1.00 60.97 ? 144 GLN A OE1 1 
ATOM   675  N NE2 . GLN A 1 90 ? -4.177  -16.769 -6.339  1.00 54.98 ? 144 GLN A NE2 1 
ATOM   676  N N   . GLN A 1 91 ? 0.078   -13.175 -4.064  1.00 54.14 ? 145 GLN A N   1 
ATOM   677  C CA  . GLN A 1 91 ? 1.282   -12.282 -4.090  1.00 54.17 ? 145 GLN A CA  1 
ATOM   678  C C   . GLN A 1 91 ? 1.859   -12.321 -5.512  1.00 50.44 ? 145 GLN A C   1 
ATOM   679  O O   . GLN A 1 91 ? 2.332   -13.365 -5.892  1.00 51.58 ? 145 GLN A O   1 
ATOM   680  C CB  . GLN A 1 91 ? 2.445   -12.680 -3.068  1.00 55.35 ? 145 GLN A CB  1 
ATOM   681  C CG  . GLN A 1 91 ? 2.194   -12.673 -1.592  1.00 57.69 ? 145 GLN A CG  1 
ATOM   682  C CD  . GLN A 1 91 ? 1.781   -11.379 -1.035  1.00 66.73 ? 145 GLN A CD  1 
ATOM   683  O OE1 . GLN A 1 91 ? 2.006   -10.298 -1.592  1.00 70.83 ? 145 GLN A OE1 1 
ATOM   684  N NE2 . GLN A 1 91 ? 1.110   -11.465 0.095   1.00 74.22 ? 145 GLN A NE2 1 
ATOM   685  N N   . ILE A 1 92 ? 1.887   -11.233 -6.269  1.00 47.77 ? 146 ILE A N   1 
ATOM   686  C CA  . ILE A 1 92 ? 2.460   -11.200 -7.655  1.00 46.93 ? 146 ILE A CA  1 
ATOM   687  C C   . ILE A 1 92 ? 3.136   -9.891  -7.930  1.00 47.52 ? 146 ILE A C   1 
ATOM   688  O O   . ILE A 1 92 ? 2.398   -8.810  -7.848  1.00 43.50 ? 146 ILE A O   1 
ATOM   689  C CB  . ILE A 1 92 ? 1.250   -11.347 -8.844  1.00 49.30 ? 146 ILE A CB  1 
ATOM   690  C CG1 . ILE A 1 92 ? 0.451   -12.647 -8.854  1.00 48.54 ? 146 ILE A CG1 1 
ATOM   691  C CG2 . ILE A 1 92 ? 1.767   -11.171 -10.263 1.00 50.49 ? 146 ILE A CG2 1 
ATOM   692  C CD1 . ILE A 1 92 ? -0.568  -12.594 -9.999  1.00 52.23 ? 146 ILE A CD1 1 
ATOM   693  N N   . PHE A 1 93 ? 4.427   -9.943  -8.363  1.00 47.43 ? 147 PHE A N   1 
ATOM   694  C CA  . PHE A 1 93 ? 5.271   -8.837  -9.059  1.00 45.48 ? 147 PHE A CA  1 
ATOM   695  C C   . PHE A 1 93 ? 5.754   -8.519  -10.598 1.00 44.91 ? 147 PHE A C   1 
ATOM   696  O O   . PHE A 1 93 ? 5.586   -7.368  -11.159 1.00 41.82 ? 147 PHE A O   1 
ATOM   697  C CB  . PHE A 1 93 ? 6.624   -8.672  -8.047  1.00 46.91 ? 147 PHE A CB  1 
ATOM   698  N N   . LEU A 1 94 ? 6.638   -9.274  -11.291 1.00 49.05 ? 148 LEU A N   1 
ATOM   699  C CA  . LEU A 1 94 ? 7.498   -8.540  -12.380 1.00 44.23 ? 148 LEU A CA  1 
ATOM   700  C C   . LEU A 1 94 ? 8.675   -9.231  -13.183 1.00 48.29 ? 148 LEU A C   1 
ATOM   701  O O   . LEU A 1 94 ? 9.260   -10.264 -12.676 1.00 50.10 ? 148 LEU A O   1 
ATOM   702  C CB  . LEU A 1 94 ? 8.098   -7.225  -11.632 1.00 39.76 ? 148 LEU A CB  1 
ATOM   703  N N   . ARG A 1 95 ? 9.194   -8.558  -14.249 1.00 51.37 ? 149 ARG A N   1 
ATOM   704  C CA  . ARG A 1 95 ? 9.253   -9.126  -15.573 1.00 53.21 ? 149 ARG A CA  1 
ATOM   705  C C   . ARG A 1 95 ? 10.205  -8.910  -16.912 1.00 57.62 ? 149 ARG A C   1 
ATOM   706  O O   . ARG A 1 95 ? 11.041  -7.999  -16.968 1.00 60.72 ? 149 ARG A O   1 
ATOM   707  C CB  . ARG A 1 95 ? 7.998   -8.997  -16.024 1.00 52.00 ? 149 ARG A CB  1 
ATOM   708  N N   . ASP A 1 96 ? 10.007  -9.883  -17.879 1.00 56.13 ? 150 ASP A N   1 
ATOM   709  C CA  . ASP A 1 96 ? 10.145  -9.875  -19.369 1.00 57.00 ? 150 ASP A CA  1 
ATOM   710  C C   . ASP A 1 96 ? 8.829   -10.406 -20.016 1.00 56.49 ? 150 ASP A C   1 
ATOM   711  O O   . ASP A 1 96 ? 8.065   -9.709  -20.826 1.00 56.70 ? 150 ASP A O   1 
ATOM   712  C CB  . ASP A 1 96 ? 11.451  -10.798 -19.909 1.00 55.83 ? 150 ASP A CB  1 
ATOM   713  N N   . ALA B 1 14 ? -4.793  -11.591 -26.769 1.00 69.24 ? 68  ALA B N   1 
ATOM   714  C CA  . ALA B 1 14 ? -5.116  -13.052 -26.915 1.00 68.15 ? 68  ALA B CA  1 
ATOM   715  C C   . ALA B 1 14 ? -3.759  -13.499 -26.932 1.00 68.65 ? 68  ALA B C   1 
ATOM   716  O O   . ALA B 1 14 ? -3.373  -14.549 -26.359 1.00 69.98 ? 68  ALA B O   1 
ATOM   717  C CB  . ALA B 1 14 ? -5.693  -13.336 -28.259 1.00 68.26 ? 68  ALA B CB  1 
ATOM   718  N N   . LYS B 1 15 ? -3.028  -12.649 -27.638 1.00 68.35 ? 69  LYS B N   1 
ATOM   719  C CA  . LYS B 1 15 ? -1.699  -12.972 -27.996 1.00 69.47 ? 69  LYS B CA  1 
ATOM   720  C C   . LYS B 1 15 ? -1.045  -12.824 -26.675 1.00 69.15 ? 69  LYS B C   1 
ATOM   721  O O   . LYS B 1 15 ? -0.440  -13.818 -26.165 1.00 69.84 ? 69  LYS B O   1 
ATOM   722  C CB  . LYS B 1 15 ? -1.285  -12.207 -29.244 1.00 70.37 ? 69  LYS B CB  1 
ATOM   723  N N   . ALA B 1 16 ? -1.188  -11.638 -26.077 1.00 66.79 ? 70  ALA B N   1 
ATOM   724  C CA  . ALA B 1 16 ? -0.378  -11.354 -24.911 1.00 65.53 ? 70  ALA B CA  1 
ATOM   725  C C   . ALA B 1 16 ? -0.506  -12.537 -23.968 1.00 65.16 ? 70  ALA B C   1 
ATOM   726  O O   . ALA B 1 16 ? 0.514   -12.980 -23.426 1.00 66.92 ? 70  ALA B O   1 
ATOM   727  C CB  . ALA B 1 16 ? -0.762  -10.038 -24.259 1.00 66.02 ? 70  ALA B CB  1 
ATOM   728  N N   . GLU B 1 17 ? -1.683  -13.147 -23.873 1.00 64.52 ? 71  GLU B N   1 
ATOM   729  C CA  . GLU B 1 17 ? -1.854  -14.409 -23.096 1.00 65.71 ? 71  GLU B CA  1 
ATOM   730  C C   . GLU B 1 17 ? -1.105  -15.704 -23.597 1.00 67.84 ? 71  GLU B C   1 
ATOM   731  O O   . GLU B 1 17 ? -0.886  -16.751 -22.869 1.00 66.39 ? 71  GLU B O   1 
ATOM   732  C CB  . GLU B 1 17 ? -3.284  -14.770 -23.146 1.00 65.22 ? 71  GLU B CB  1 
ATOM   733  C CG  . GLU B 1 17 ? -4.163  -14.067 -22.170 1.00 68.26 ? 71  GLU B CG  1 
ATOM   734  C CD  . GLU B 1 17 ? -5.570  -14.501 -22.388 1.00 73.30 ? 71  GLU B CD  1 
ATOM   735  O OE1 . GLU B 1 17 ? -5.945  -14.413 -23.603 1.00 80.42 ? 71  GLU B OE1 1 
ATOM   736  O OE2 . GLU B 1 17 ? -6.283  -14.886 -21.389 1.00 75.38 ? 71  GLU B OE2 1 
ATOM   737  N N   . GLU B 1 18 ? -0.803  -15.652 -24.884 1.00 69.04 ? 72  GLU B N   1 
ATOM   738  C CA  . GLU B 1 18 ? 0.002   -16.667 -25.546 1.00 69.63 ? 72  GLU B CA  1 
ATOM   739  C C   . GLU B 1 18 ? 1.440   -16.071 -25.604 1.00 70.28 ? 72  GLU B C   1 
ATOM   740  O O   . GLU B 1 18 ? 2.444   -16.794 -25.533 1.00 71.65 ? 72  GLU B O   1 
ATOM   741  C CB  . GLU B 1 18 ? -0.662  -17.047 -26.986 1.00 69.85 ? 72  GLU B CB  1 
ATOM   742  N N   . MET B 1 19 ? 1.563   -14.744 -25.580 1.00 70.71 ? 73  MET B N   1 
ATOM   743  C CA  . MET B 1 19 ? 2.859   -14.082 -25.616 1.00 69.75 ? 73  MET B CA  1 
ATOM   744  C C   . MET B 1 19 ? 3.515   -14.216 -24.249 1.00 69.71 ? 73  MET B C   1 
ATOM   745  O O   . MET B 1 19 ? 4.792   -14.022 -24.098 1.00 70.91 ? 73  MET B O   1 
ATOM   746  N N   . LEU B 1 20 ? 2.667   -14.612 -23.275 1.00 66.75 ? 74  LEU B N   1 
ATOM   747  C CA  . LEU B 1 20 ? 3.055   -14.764 -21.849 1.00 65.00 ? 74  LEU B CA  1 
ATOM   748  C C   . LEU B 1 20 ? 3.073   -16.207 -21.309 1.00 64.40 ? 74  LEU B C   1 
ATOM   749  O O   . LEU B 1 20 ? 3.726   -16.454 -20.300 1.00 64.28 ? 74  LEU B O   1 
ATOM   750  C CB  . LEU B 1 20 ? 2.156   -13.908 -20.940 1.00 62.76 ? 74  LEU B CB  1 
ATOM   751  C CG  . LEU B 1 20 ? 2.500   -12.446 -20.930 1.00 59.38 ? 74  LEU B CG  1 
ATOM   752  C CD1 . LEU B 1 20 ? 1.540   -11.716 -19.921 1.00 60.87 ? 74  LEU B CD1 1 
ATOM   753  C CD2 . LEU B 1 20 ? 3.901   -12.130 -20.605 1.00 57.06 ? 74  LEU B CD2 1 
ATOM   754  N N   . SER B 1 21 ? 2.337   -17.125 -21.946 1.00 64.77 ? 75  SER B N   1 
ATOM   755  C CA  . SER B 1 21 ? 2.732   -18.569 -21.944 1.00 63.98 ? 75  SER B CA  1 
ATOM   756  C C   . SER B 1 21 ? 4.199   -18.951 -21.855 1.00 63.28 ? 75  SER B C   1 
ATOM   757  O O   . SER B 1 21 ? 4.465   -19.861 -21.151 1.00 64.74 ? 75  SER B O   1 
ATOM   758  C CB  . SER B 1 21 ? 2.193   -19.279 -23.192 1.00 64.19 ? 75  SER B CB  1 
ATOM   759  O OG  . SER B 1 21 ? 0.810   -19.092 -23.213 1.00 60.68 ? 75  SER B OG  1 
ATOM   760  N N   . LYS B 1 22 ? 5.129   -18.330 -22.584 1.00 63.32 ? 76  LYS B N   1 
ATOM   761  C CA  . LYS B 1 22 ? 6.476   -18.906 -22.744 1.00 63.47 ? 76  LYS B CA  1 
ATOM   762  C C   . LYS B 1 22 ? 7.466   -18.285 -21.738 1.00 63.73 ? 76  LYS B C   1 
ATOM   763  O O   . LYS B 1 22 ? 8.720   -18.549 -21.763 1.00 62.54 ? 76  LYS B O   1 
ATOM   764  C CB  . LYS B 1 22 ? 7.010   -18.712 -24.171 1.00 65.29 ? 76  LYS B CB  1 
ATOM   765  N N   . GLN B 1 23 ? 6.913   -17.466 -20.833 1.00 60.87 ? 77  GLN B N   1 
ATOM   766  C CA  . GLN B 1 23 ? 7.731   -16.963 -19.755 1.00 58.77 ? 77  GLN B CA  1 
ATOM   767  C C   . GLN B 1 23 ? 7.742   -17.969 -18.543 1.00 55.15 ? 77  GLN B C   1 
ATOM   768  O O   . GLN B 1 23 ? 6.755   -18.642 -18.276 1.00 53.53 ? 77  GLN B O   1 
ATOM   769  C CB  . GLN B 1 23 ? 7.290   -15.510 -19.391 1.00 58.48 ? 77  GLN B CB  1 
ATOM   770  C CG  . GLN B 1 23 ? 7.590   -14.519 -20.504 1.00 57.61 ? 77  GLN B CG  1 
ATOM   771  C CD  . GLN B 1 23 ? 9.031   -14.230 -20.671 1.00 57.83 ? 77  GLN B CD  1 
ATOM   772  O OE1 . GLN B 1 23 ? 9.748   -14.137 -19.646 1.00 60.47 ? 77  GLN B OE1 1 
ATOM   773  N NE2 . GLN B 1 23 ? 9.503   -14.040 -21.945 1.00 56.46 ? 77  GLN B NE2 1 
ATOM   774  N N   . ARG B 1 24 ? 8.866   -18.020 -17.858 1.00 52.27 ? 78  ARG B N   1 
ATOM   775  C CA  . ARG B 1 24 ? 9.068   -18.890 -16.761 1.00 52.51 ? 78  ARG B CA  1 
ATOM   776  C C   . ARG B 1 24 ? 8.682   -18.189 -15.439 1.00 51.34 ? 78  ARG B C   1 
ATOM   777  O O   . ARG B 1 24 ? 8.105   -18.843 -14.522 1.00 52.39 ? 78  ARG B O   1 
ATOM   778  C CB  . ARG B 1 24 ? 10.569  -19.334 -16.727 1.00 52.14 ? 78  ARG B CB  1 
ATOM   779  N N   . HIS B 1 25 ? 9.016   -16.893 -15.293 1.00 50.30 ? 79  HIS B N   1 
ATOM   780  C CA  . HIS B 1 25 ? 8.796   -16.225 -14.034 1.00 48.54 ? 79  HIS B CA  1 
ATOM   781  C C   . HIS B 1 25 ? 7.305   -15.818 -13.874 1.00 48.67 ? 79  HIS B C   1 
ATOM   782  O O   . HIS B 1 25 ? 6.720   -15.101 -14.715 1.00 44.91 ? 79  HIS B O   1 
ATOM   783  C CB  . HIS B 1 25 ? 9.760   -15.042 -13.915 1.00 50.94 ? 79  HIS B CB  1 
ATOM   784  C CG  . HIS B 1 25 ? 11.173  -15.430 -13.511 1.00 53.90 ? 79  HIS B CG  1 
ATOM   785  N ND1 . HIS B 1 25 ? 12.254  -14.577 -13.628 1.00 58.80 ? 79  HIS B ND1 1 
ATOM   786  C CD2 . HIS B 1 25 ? 11.658  -16.589 -13.002 1.00 50.71 ? 79  HIS B CD2 1 
ATOM   787  C CE1 . HIS B 1 25 ? 13.346  -15.199 -13.189 1.00 58.54 ? 79  HIS B CE1 1 
ATOM   788  N NE2 . HIS B 1 25 ? 13.000  -16.423 -12.811 1.00 59.62 ? 79  HIS B NE2 1 
ATOM   789  N N   . ASP B 1 26 ? 6.679   -16.313 -12.832 1.00 48.51 ? 80  ASP B N   1 
ATOM   790  C CA  . ASP B 1 26 ? 5.430   -15.644 -12.366 1.00 50.17 ? 80  ASP B CA  1 
ATOM   791  C C   . ASP B 1 26 ? 5.701   -14.153 -12.149 1.00 47.22 ? 80  ASP B C   1 
ATOM   792  O O   . ASP B 1 26 ? 6.733   -13.744 -11.633 1.00 45.26 ? 80  ASP B O   1 
ATOM   793  C CB  . ASP B 1 26 ? 4.750   -16.264 -11.129 1.00 50.16 ? 80  ASP B CB  1 
ATOM   794  C CG  . ASP B 1 26 ? 3.978   -17.512 -11.489 1.00 52.19 ? 80  ASP B CG  1 
ATOM   795  O OD1 . ASP B 1 26 ? 3.990   -17.858 -12.665 1.00 57.39 ? 80  ASP B OD1 1 
ATOM   796  O OD2 . ASP B 1 26 ? 3.389   -18.250 -10.703 1.00 52.78 ? 80  ASP B OD2 1 
ATOM   797  N N   . GLY B 1 27 ? 4.756   -13.369 -12.650 1.00 43.97 ? 81  GLY B N   1 
ATOM   798  C CA  . GLY B 1 27 ? 4.863   -11.923 -12.588 1.00 42.37 ? 81  GLY B CA  1 
ATOM   799  C C   . GLY B 1 27 ? 5.306   -11.325 -13.903 1.00 41.10 ? 81  GLY B C   1 
ATOM   800  O O   . GLY B 1 27 ? 5.296   -10.102 -13.990 1.00 40.07 ? 81  GLY B O   1 
ATOM   801  N N   . ALA B 1 28 ? 5.913   -12.142 -14.814 1.00 40.88 ? 82  ALA B N   1 
ATOM   802  C CA  . ALA B 1 28 ? 6.389   -11.623 -16.148 1.00 39.64 ? 82  ALA B CA  1 
ATOM   803  C C   . ALA B 1 28 ? 5.173   -10.837 -16.686 1.00 37.31 ? 82  ALA B C   1 
ATOM   804  O O   . ALA B 1 28 ? 4.075   -11.360 -16.684 1.00 37.45 ? 82  ALA B O   1 
ATOM   805  C CB  . ALA B 1 28 ? 6.686   -12.753 -17.160 1.00 40.20 ? 82  ALA B CB  1 
ATOM   806  N N   . PHE B 1 29 ? 5.385   -9.687  -17.258 1.00 38.65 ? 83  PHE B N   1 
ATOM   807  C CA  . PHE B 1 29 ? 4.227   -8.887  -17.682 1.00 40.20 ? 83  PHE B CA  1 
ATOM   808  C C   . PHE B 1 29 ? 4.532   -8.064  -18.898 1.00 40.23 ? 83  PHE B C   1 
ATOM   809  O O   . PHE B 1 29 ? 5.671   -7.890  -19.246 1.00 40.38 ? 83  PHE B O   1 
ATOM   810  C CB  . PHE B 1 29 ? 3.838   -7.961  -16.498 1.00 37.30 ? 83  PHE B CB  1 
ATOM   811  C CG  . PHE B 1 29 ? 4.676   -6.800  -16.409 1.00 43.42 ? 83  PHE B CG  1 
ATOM   812  C CD1 . PHE B 1 29 ? 4.199   -5.553  -16.808 1.00 41.77 ? 83  PHE B CD1 1 
ATOM   813  C CD2 . PHE B 1 29 ? 5.990   -6.901  -15.833 1.00 38.79 ? 83  PHE B CD2 1 
ATOM   814  C CE1 . PHE B 1 29 ? 5.115   -4.391  -16.762 1.00 41.35 ? 83  PHE B CE1 1 
ATOM   815  C CE2 . PHE B 1 29 ? 6.835   -5.822  -15.747 1.00 42.35 ? 83  PHE B CE2 1 
ATOM   816  C CZ  . PHE B 1 29 ? 6.393   -4.546  -16.232 1.00 41.23 ? 83  PHE B CZ  1 
ATOM   817  N N   . LEU B 1 30 ? 3.470   -7.518  -19.480 1.00 42.02 ? 84  LEU B N   1 
ATOM   818  C CA  . LEU B 1 30 ? 3.512   -6.449  -20.424 1.00 42.15 ? 84  LEU B CA  1 
ATOM   819  C C   . LEU B 1 30 ? 2.292   -5.446  -20.255 1.00 42.75 ? 84  LEU B C   1 
ATOM   820  O O   . LEU B 1 30 ? 1.349   -5.742  -19.634 1.00 40.29 ? 84  LEU B O   1 
ATOM   821  C CB  . LEU B 1 30 ? 3.294   -7.104  -21.775 1.00 45.73 ? 84  LEU B CB  1 
ATOM   822  C CG  . LEU B 1 30 ? 1.971   -7.819  -22.034 1.00 46.50 ? 84  LEU B CG  1 
ATOM   823  C CD1 . LEU B 1 30 ? 0.931   -6.954  -22.732 1.00 51.28 ? 84  LEU B CD1 1 
ATOM   824  C CD2 . LEU B 1 30 ? 2.225   -9.197  -22.712 1.00 50.41 ? 84  LEU B CD2 1 
ATOM   825  N N   . ILE B 1 31 ? 2.372   -4.270  -20.804 1.00 43.69 ? 85  ILE B N   1 
ATOM   826  C CA  . ILE B 1 31 ? 1.318   -3.374  -20.861 1.00 45.81 ? 85  ILE B CA  1 
ATOM   827  C C   . ILE B 1 31 ? 1.083   -3.101  -22.297 1.00 48.78 ? 85  ILE B C   1 
ATOM   828  O O   . ILE B 1 31 ? 1.999   -2.804  -22.979 1.00 48.54 ? 85  ILE B O   1 
ATOM   829  C CB  . ILE B 1 31 ? 1.751   -2.066  -20.206 1.00 46.28 ? 85  ILE B CB  1 
ATOM   830  C CG1 . ILE B 1 31 ? 1.559   -2.170  -18.707 1.00 47.19 ? 85  ILE B CG1 1 
ATOM   831  C CG2 . ILE B 1 31 ? 0.910   -0.922  -20.662 1.00 43.62 ? 85  ILE B CG2 1 
ATOM   832  C CD1 . ILE B 1 31 ? 2.354   -1.201  -18.017 1.00 44.04 ? 85  ILE B CD1 1 
ATOM   833  N N   . ARG B 1 32 ? -0.189  -2.956  -22.640 1.00 52.19 ? 86  ARG B N   1 
ATOM   834  C CA  . ARG B 1 32 ? -0.715  -2.839  -23.959 1.00 54.38 ? 86  ARG B CA  1 
ATOM   835  C C   . ARG B 1 32 ? -1.953  -1.980  -24.009 1.00 57.26 ? 86  ARG B C   1 
ATOM   836  O O   . ARG B 1 32 ? -2.246  -1.256  -23.037 1.00 57.68 ? 86  ARG B O   1 
ATOM   837  C CB  . ARG B 1 32 ? -1.202  -4.202  -24.342 1.00 55.18 ? 86  ARG B CB  1 
ATOM   838  C CG  . ARG B 1 32 ? -2.398  -4.638  -23.566 1.00 54.34 ? 86  ARG B CG  1 
ATOM   839  C CD  . ARG B 1 32 ? -2.788  -6.088  -23.909 1.00 54.23 ? 86  ARG B CD  1 
ATOM   840  N NE  . ARG B 1 32 ? -3.686  -6.775  -22.954 1.00 49.98 ? 86  ARG B NE  1 
ATOM   841  C CZ  . ARG B 1 32 ? -5.009  -6.778  -23.003 1.00 51.08 ? 86  ARG B CZ  1 
ATOM   842  N NH1 . ARG B 1 32 ? -5.722  -6.149  -23.959 1.00 58.49 ? 86  ARG B NH1 1 
ATOM   843  N NH2 . ARG B 1 32 ? -5.670  -7.445  -22.085 1.00 45.30 ? 86  ARG B NH2 1 
ATOM   844  N N   . GLU B 1 33 ? -2.598  -2.065  -25.200 1.00 59.55 ? 87  GLU B N   1 
ATOM   845  C CA  . GLU B 1 33 ? -4.054  -1.842  -25.560 1.00 60.55 ? 87  GLU B CA  1 
ATOM   846  C C   . GLU B 1 33 ? -5.029  -3.070  -25.865 1.00 61.14 ? 87  GLU B C   1 
ATOM   847  O O   . GLU B 1 33 ? -4.675  -4.263  -26.078 1.00 60.28 ? 87  GLU B O   1 
ATOM   848  C CB  . GLU B 1 33 ? -4.144  -0.979  -26.789 1.00 60.86 ? 87  GLU B CB  1 
ATOM   849  C CG  . GLU B 1 33 ? -4.204  0.494   -26.494 1.00 62.99 ? 87  GLU B CG  1 
ATOM   850  C CD  . GLU B 1 33 ? -2.806  0.980   -26.154 1.00 64.22 ? 87  GLU B CD  1 
ATOM   851  O OE1 . GLU B 1 33 ? -2.150  0.151   -25.494 1.00 61.08 ? 87  GLU B OE1 1 
ATOM   852  O OE2 . GLU B 1 33 ? -2.399  2.125   -26.520 1.00 63.36 ? 87  GLU B OE2 1 
ATOM   853  N N   . GLY B 1 39 ? -6.174  5.170   -26.400 1.00 61.00 ? 93  GLY B N   1 
ATOM   854  C CA  . GLY B 1 39 ? -5.336  5.641   -25.282 1.00 59.77 ? 93  GLY B CA  1 
ATOM   855  C C   . GLY B 1 39 ? -5.474  4.960   -23.884 1.00 59.50 ? 93  GLY B C   1 
ATOM   856  O O   . GLY B 1 39 ? -4.936  5.396   -22.820 1.00 60.61 ? 93  GLY B O   1 
ATOM   857  N N   . ASP B 1 40 ? -6.113  3.807   -23.917 1.00 58.16 ? 94  ASP B N   1 
ATOM   858  C CA  . ASP B 1 40 ? -6.638  3.093   -22.765 1.00 56.26 ? 94  ASP B CA  1 
ATOM   859  C C   . ASP B 1 40 ? -5.749  1.827   -22.583 1.00 51.58 ? 94  ASP B C   1 
ATOM   860  O O   . ASP B 1 40 ? -5.701  1.066   -23.489 1.00 52.46 ? 94  ASP B O   1 
ATOM   861  C CB  . ASP B 1 40 ? -8.043  2.672   -23.178 1.00 55.41 ? 94  ASP B CB  1 
ATOM   862  C CG  . ASP B 1 40 ? -8.837  2.234   -22.038 1.00 62.10 ? 94  ASP B CG  1 
ATOM   863  O OD1 . ASP B 1 40 ? -8.813  3.016   -21.030 1.00 67.64 ? 94  ASP B OD1 1 
ATOM   864  O OD2 . ASP B 1 40 ? -9.488  1.155   -22.050 1.00 60.23 ? 94  ASP B OD2 1 
ATOM   865  N N   . PHE B 1 41 ? -5.195  1.559   -21.408 1.00 47.76 ? 95  PHE B N   1 
ATOM   866  C CA  . PHE B 1 41 ? -4.139  0.488   -21.183 1.00 44.96 ? 95  PHE B CA  1 
ATOM   867  C C   . PHE B 1 41 ? -4.624  -0.624  -20.270 1.00 43.15 ? 95  PHE B C   1 
ATOM   868  O O   . PHE B 1 41 ? -5.407  -0.368  -19.385 1.00 40.24 ? 95  PHE B O   1 
ATOM   869  C CB  . PHE B 1 41 ? -2.891  1.091   -20.528 1.00 45.96 ? 95  PHE B CB  1 
ATOM   870  C CG  . PHE B 1 41 ? -2.324  2.206   -21.289 1.00 50.33 ? 95  PHE B CG  1 
ATOM   871  C CD1 . PHE B 1 41 ? -1.671  1.950   -22.542 1.00 54.48 ? 95  PHE B CD1 1 
ATOM   872  C CD2 . PHE B 1 41 ? -2.469  3.534   -20.847 1.00 56.28 ? 95  PHE B CD2 1 
ATOM   873  C CE1 . PHE B 1 41 ? -1.143  3.033   -23.317 1.00 53.00 ? 95  PHE B CE1 1 
ATOM   874  C CE2 . PHE B 1 41 ? -2.009  4.645   -21.645 1.00 55.58 ? 95  PHE B CE2 1 
ATOM   875  C CZ  . PHE B 1 41 ? -1.319  4.401   -22.832 1.00 54.92 ? 95  PHE B CZ  1 
ATOM   876  N N   . SER B 1 42 ? -4.060  -1.845  -20.448 1.00 39.33 ? 96  SER B N   1 
ATOM   877  C CA  . SER B 1 42 ? -4.419  -3.056  -19.850 1.00 39.06 ? 96  SER B CA  1 
ATOM   878  C C   . SER B 1 42 ? -3.019  -3.699  -19.489 1.00 37.38 ? 96  SER B C   1 
ATOM   879  O O   . SER B 1 42 ? -2.065  -3.464  -20.161 1.00 38.67 ? 96  SER B O   1 
ATOM   880  C CB  . SER B 1 42 ? -5.271  -3.884  -20.866 1.00 39.53 ? 96  SER B CB  1 
ATOM   881  O OG  . SER B 1 42 ? -6.689  -3.812  -20.633 1.00 44.43 ? 96  SER B OG  1 
ATOM   882  N N   . LEU B 1 43 ? -2.876  -4.215  -18.289 1.00 37.16 ? 97  LEU B N   1 
ATOM   883  C CA  . LEU B 1 43 ? -1.694  -4.882  -17.884 1.00 37.75 ? 97  LEU B CA  1 
ATOM   884  C C   . LEU B 1 43 ? -1.984  -6.302  -17.913 1.00 36.79 ? 97  LEU B C   1 
ATOM   885  O O   . LEU B 1 43 ? -2.904  -6.705  -17.310 1.00 38.18 ? 97  LEU B O   1 
ATOM   886  C CB  . LEU B 1 43 ? -1.286  -4.346  -16.480 1.00 39.06 ? 97  LEU B CB  1 
ATOM   887  C CG  . LEU B 1 43 ? -0.411  -5.071  -15.484 1.00 40.44 ? 97  LEU B CG  1 
ATOM   888  C CD1 . LEU B 1 43 ? 1.069   -5.250  -15.894 1.00 42.06 ? 97  LEU B CD1 1 
ATOM   889  C CD2 . LEU B 1 43 ? -0.328  -4.340  -14.156 1.00 36.75 ? 97  LEU B CD2 1 
ATOM   890  N N   . SER B 1 44 ? -1.063  -7.096  -18.471 1.00 36.43 ? 98  SER B N   1 
ATOM   891  C CA  . SER B 1 44 ? -1.169  -8.560  -18.542 1.00 34.55 ? 98  SER B CA  1 
ATOM   892  C C   . SER B 1 44 ? 0.060   -9.225  -17.934 1.00 33.73 ? 98  SER B C   1 
ATOM   893  O O   . SER B 1 44 ? 1.157   -8.723  -18.094 1.00 35.11 ? 98  SER B O   1 
ATOM   894  C CB  . SER B 1 44 ? -1.461  -9.104  -19.948 1.00 36.00 ? 98  SER B CB  1 
ATOM   895  O OG  . SER B 1 44 ? -2.113  -8.224  -20.915 1.00 36.47 ? 98  SER B OG  1 
ATOM   896  N N   . VAL B 1 45 ? -0.257  -10.248 -17.122 1.00 34.88 ? 99  VAL B N   1 
ATOM   897  C CA  . VAL B 1 45 ? 0.591   -10.828 -16.122 1.00 38.45 ? 99  VAL B CA  1 
ATOM   898  C C   . VAL B 1 45 ? 0.553   -12.357 -16.096 1.00 36.99 ? 99  VAL B C   1 
ATOM   899  O O   . VAL B 1 45 ? -0.481  -12.940 -15.881 1.00 35.07 ? 99  VAL B O   1 
ATOM   900  C CB  . VAL B 1 45 ? 0.431   -10.274 -14.653 1.00 37.51 ? 99  VAL B CB  1 
ATOM   901  C CG1 . VAL B 1 45 ? 1.725   -10.617 -13.780 1.00 41.48 ? 99  VAL B CG1 1 
ATOM   902  C CG2 . VAL B 1 45 ? 0.279   -8.737  -14.580 1.00 39.39 ? 99  VAL B CG2 1 
ATOM   903  N N   . LYS B 1 46 ? 1.745   -13.007 -16.262 1.00 42.33 ? 100 LYS B N   1 
ATOM   904  C CA  . LYS B 1 46 ? 1.756   -14.480 -16.095 1.00 41.69 ? 100 LYS B CA  1 
ATOM   905  C C   . LYS B 1 46 ? 1.607   -14.837 -14.635 1.00 41.67 ? 100 LYS B C   1 
ATOM   906  O O   . LYS B 1 46 ? 2.195   -14.257 -13.676 1.00 40.64 ? 100 LYS B O   1 
ATOM   907  C CB  . LYS B 1 46 ? 3.009   -15.144 -16.670 1.00 45.20 ? 100 LYS B CB  1 
ATOM   908  N N   . PHE B 1 47 ? 0.737   -15.783 -14.459 1.00 44.41 ? 101 PHE B N   1 
ATOM   909  C CA  . PHE B 1 47 ? 0.586   -16.360 -13.203 1.00 48.19 ? 101 PHE B CA  1 
ATOM   910  C C   . PHE B 1 47 ? 0.294   -17.860 -13.346 1.00 50.84 ? 101 PHE B C   1 
ATOM   911  O O   . PHE B 1 47 ? -0.613  -18.230 -14.082 1.00 51.30 ? 101 PHE B O   1 
ATOM   912  C CB  . PHE B 1 47 ? -0.569  -15.710 -12.439 1.00 46.93 ? 101 PHE B CB  1 
ATOM   913  C CG  . PHE B 1 47 ? -0.656  -16.271 -11.107 1.00 48.59 ? 101 PHE B CG  1 
ATOM   914  C CD1 . PHE B 1 47 ? 0.429   -16.063 -10.201 1.00 52.67 ? 101 PHE B CD1 1 
ATOM   915  C CD2 . PHE B 1 47 ? -1.644  -17.223 -10.812 1.00 53.06 ? 101 PHE B CD2 1 
ATOM   916  C CE1 . PHE B 1 47 ? 0.514   -16.677 -8.968  1.00 52.34 ? 101 PHE B CE1 1 
ATOM   917  C CE2 . PHE B 1 47 ? -1.581  -17.903 -9.513  1.00 55.98 ? 101 PHE B CE2 1 
ATOM   918  C CZ  . PHE B 1 47 ? -0.512  -17.616 -8.607  1.00 54.06 ? 101 PHE B CZ  1 
ATOM   919  N N   . GLY B 1 48 ? 1.005   -18.719 -12.615 1.00 54.41 ? 102 GLY B N   1 
ATOM   920  C CA  . GLY B 1 48 ? 0.918   -20.183 -12.896 1.00 55.05 ? 102 GLY B CA  1 
ATOM   921  C C   . GLY B 1 48 ? 0.783   -20.463 -14.371 1.00 55.60 ? 102 GLY B C   1 
ATOM   922  O O   . GLY B 1 48 ? 1.458   -19.902 -15.222 1.00 56.83 ? 102 GLY B O   1 
ATOM   923  N N   . ASN B 1 49 ? -0.178  -21.256 -14.754 1.00 58.79 ? 103 ASN B N   1 
ATOM   924  C CA  . ASN B 1 49 ? -0.425  -21.457 -16.206 1.00 61.03 ? 103 ASN B CA  1 
ATOM   925  C C   . ASN B 1 49 ? -1.244  -20.294 -16.916 1.00 61.86 ? 103 ASN B C   1 
ATOM   926  O O   . ASN B 1 49 ? -1.037  -19.974 -18.184 1.00 60.22 ? 103 ASN B O   1 
ATOM   927  C CB  . ASN B 1 49 ? -1.105  -22.829 -16.429 1.00 62.49 ? 103 ASN B CB  1 
ATOM   928  C CG  . ASN B 1 49 ? -1.880  -23.307 -15.201 1.00 68.17 ? 103 ASN B CG  1 
ATOM   929  O OD1 . ASN B 1 49 ? -2.972  -22.723 -14.881 1.00 69.08 ? 103 ASN B OD1 1 
ATOM   930  N ND2 . ASN B 1 49 ? -1.362  -24.399 -14.516 1.00 69.95 ? 103 ASN B ND2 1 
ATOM   931  N N   . ASP B 1 50 ? -2.175  -19.736 -16.103 1.00 59.78 ? 104 ASP B N   1 
ATOM   932  C CA  . ASP B 1 50 ? -2.972  -18.532 -16.423 1.00 59.07 ? 104 ASP B CA  1 
ATOM   933  C C   . ASP B 1 50 ? -2.172  -17.258 -16.742 1.00 57.36 ? 104 ASP B C   1 
ATOM   934  O O   . ASP B 1 50 ? -0.999  -17.068 -16.226 1.00 55.57 ? 104 ASP B O   1 
ATOM   935  C CB  . ASP B 1 50 ? -3.863  -18.208 -15.239 1.00 58.35 ? 104 ASP B CB  1 
ATOM   936  N N   . VAL B 1 51 ? -2.877  -16.400 -17.506 1.00 53.39 ? 105 VAL B N   1 
ATOM   937  C CA  . VAL B 1 51 ? -2.620  -14.967 -17.680 1.00 50.95 ? 105 VAL B CA  1 
ATOM   938  C C   . VAL B 1 51 ? -3.806  -14.107 -17.172 1.00 48.13 ? 105 VAL B C   1 
ATOM   939  O O   . VAL B 1 51 ? -4.915  -14.303 -17.603 1.00 45.41 ? 105 VAL B O   1 
ATOM   940  C CB  . VAL B 1 51 ? -2.348  -14.647 -19.113 1.00 50.48 ? 105 VAL B CB  1 
ATOM   941  C CG1 . VAL B 1 51 ? -2.152  -13.135 -19.395 1.00 45.80 ? 105 VAL B CG1 1 
ATOM   942  C CG2 . VAL B 1 51 ? -1.048  -15.398 -19.544 1.00 53.04 ? 105 VAL B CG2 1 
ATOM   943  N N   . GLN B 1 52 ? -3.477  -13.213 -16.222 1.00 45.61 ? 106 GLN B N   1 
ATOM   944  C CA  . GLN B 1 52 ? -4.369  -12.244 -15.531 1.00 41.03 ? 106 GLN B CA  1 
ATOM   945  C C   . GLN B 1 52 ? -4.366  -10.955 -16.204 1.00 39.02 ? 106 GLN B C   1 
ATOM   946  O O   . GLN B 1 52 ? -3.352  -10.486 -16.663 1.00 42.08 ? 106 GLN B O   1 
ATOM   947  C CB  . GLN B 1 52 ? -3.884  -12.114 -14.085 1.00 41.44 ? 106 GLN B CB  1 
ATOM   948  C CG  . GLN B 1 52 ? -4.341  -13.248 -13.201 1.00 40.50 ? 106 GLN B CG  1 
ATOM   949  C CD  . GLN B 1 52 ? -4.321  -13.105 -11.693 1.00 44.33 ? 106 GLN B CD  1 
ATOM   950  O OE1 . GLN B 1 52 ? -4.022  -12.069 -11.097 1.00 41.65 ? 106 GLN B OE1 1 
ATOM   951  N NE2 . GLN B 1 52 ? -4.657  -14.215 -11.062 1.00 41.44 ? 106 GLN B NE2 1 
ATOM   952  N N   . HIS B 1 53 ? -5.486  -10.281 -16.282 1.00 37.96 ? 107 HIS B N   1 
ATOM   953  C CA  . HIS B 1 53 ? -5.585  -8.971  -17.018 1.00 38.50 ? 107 HIS B CA  1 
ATOM   954  C C   . HIS B 1 53 ? -6.197  -7.921  -16.058 1.00 36.55 ? 107 HIS B C   1 
ATOM   955  O O   . HIS B 1 53 ? -7.124  -8.205  -15.372 1.00 37.65 ? 107 HIS B O   1 
ATOM   956  C CB  . HIS B 1 53 ? -6.437  -9.062  -18.300 1.00 40.27 ? 107 HIS B CB  1 
ATOM   957  C CG  . HIS B 1 53 ? -5.911  -10.080 -19.277 1.00 39.09 ? 107 HIS B CG  1 
ATOM   958  N ND1 . HIS B 1 53 ? -4.854  -9.802  -20.117 1.00 47.56 ? 107 HIS B ND1 1 
ATOM   959  C CD2 . HIS B 1 53 ? -6.246  -11.370 -19.486 1.00 39.76 ? 107 HIS B CD2 1 
ATOM   960  C CE1 . HIS B 1 53 ? -4.591  -10.895 -20.827 1.00 48.46 ? 107 HIS B CE1 1 
ATOM   961  N NE2 . HIS B 1 53 ? -5.416  -11.860 -20.456 1.00 39.46 ? 107 HIS B NE2 1 
ATOM   962  N N   . PHE B 1 54 ? -5.497  -6.803  -15.906 1.00 37.21 ? 108 PHE B N   1 
ATOM   963  C CA  . PHE B 1 54 ? -5.860  -5.668  -15.009 1.00 33.03 ? 108 PHE B CA  1 
ATOM   964  C C   . PHE B 1 54 ? -6.135  -4.536  -15.907 1.00 33.92 ? 108 PHE B C   1 
ATOM   965  O O   . PHE B 1 54 ? -5.422  -4.243  -16.784 1.00 36.75 ? 108 PHE B O   1 
ATOM   966  C CB  . PHE B 1 54 ? -4.683  -5.379  -14.039 1.00 32.15 ? 108 PHE B CB  1 
ATOM   967  C CG  . PHE B 1 54 ? -4.366  -6.595  -13.075 1.00 32.86 ? 108 PHE B CG  1 
ATOM   968  C CD1 . PHE B 1 54 ? -4.902  -6.698  -11.765 1.00 33.29 ? 108 PHE B CD1 1 
ATOM   969  C CD2 . PHE B 1 54 ? -3.503  -7.584  -13.457 1.00 38.09 ? 108 PHE B CD2 1 
ATOM   970  C CE1 . PHE B 1 54 ? -4.649  -7.689  -10.942 1.00 29.27 ? 108 PHE B CE1 1 
ATOM   971  C CE2 . PHE B 1 54 ? -3.328  -8.695  -12.622 1.00 32.29 ? 108 PHE B CE2 1 
ATOM   972  C CZ  . PHE B 1 54 ? -3.827  -8.747  -11.406 1.00 29.44 ? 108 PHE B CZ  1 
ATOM   973  N N   . LYS B 1 55 ? -7.186  -3.775  -15.658 1.00 35.77 ? 109 LYS B N   1 
ATOM   974  C CA  . LYS B 1 55 ? -7.286  -2.477  -16.355 1.00 30.82 ? 109 LYS B CA  1 
ATOM   975  C C   . LYS B 1 55 ? -6.536  -1.371  -15.710 1.00 30.94 ? 109 LYS B C   1 
ATOM   976  O O   . LYS B 1 55 ? -6.620  -1.218  -14.554 1.00 31.80 ? 109 LYS B O   1 
ATOM   977  C CB  . LYS B 1 55 ? -8.819  -2.041  -16.375 1.00 33.77 ? 109 LYS B CB  1 
ATOM   978  C CG  . LYS B 1 55 ? -9.058  -0.899  -17.353 1.00 37.05 ? 109 LYS B CG  1 
ATOM   979  C CD  . LYS B 1 55 ? -9.446  -1.479  -18.515 1.00 43.49 ? 109 LYS B CD  1 
ATOM   980  C CE  . LYS B 1 55 ? -8.344  -1.449  -19.500 1.00 55.13 ? 109 LYS B CE  1 
ATOM   981  N NZ  . LYS B 1 55 ? -8.851  -0.760  -20.835 1.00 53.16 ? 109 LYS B NZ  1 
ATOM   982  N N   . VAL B 1 56 ? -5.746  -0.584  -16.483 1.00 28.56 ? 110 VAL B N   1 
ATOM   983  C CA  . VAL B 1 56 ? -5.087  0.522   -15.908 1.00 34.93 ? 110 VAL B CA  1 
ATOM   984  C C   . VAL B 1 56 ? -6.126  1.652   -15.908 1.00 33.02 ? 110 VAL B C   1 
ATOM   985  O O   . VAL B 1 56 ? -6.494  2.125   -16.904 1.00 34.93 ? 110 VAL B O   1 
ATOM   986  C CB  . VAL B 1 56 ? -3.905  0.959   -16.727 1.00 33.02 ? 110 VAL B CB  1 
ATOM   987  C CG1 . VAL B 1 56 ? -3.381  2.088   -16.110 1.00 36.13 ? 110 VAL B CG1 1 
ATOM   988  C CG2 . VAL B 1 56 ? -2.891  -0.335  -16.885 1.00 35.57 ? 110 VAL B CG2 1 
ATOM   989  N N   . LEU B 1 57 ? -6.614  1.970   -14.767 1.00 33.63 ? 111 LEU B N   1 
ATOM   990  C CA  . LEU B 1 57 ? -7.616  3.029   -14.656 1.00 33.36 ? 111 LEU B CA  1 
ATOM   991  C C   . LEU B 1 57 ? -6.962  4.386   -14.717 1.00 33.72 ? 111 LEU B C   1 
ATOM   992  O O   . LEU B 1 57 ? -5.872  4.647   -14.270 1.00 31.91 ? 111 LEU B O   1 
ATOM   993  C CB  . LEU B 1 57 ? -8.443  2.851   -13.323 1.00 33.12 ? 111 LEU B CB  1 
ATOM   994  C CG  . LEU B 1 57 ? -8.950  1.419   -13.265 1.00 37.17 ? 111 LEU B CG  1 
ATOM   995  C CD1 . LEU B 1 57 ? -9.506  0.965   -12.033 1.00 34.82 ? 111 LEU B CD1 1 
ATOM   996  C CD2 . LEU B 1 57 ? -9.992  1.144   -14.389 1.00 43.53 ? 111 LEU B CD2 1 
ATOM   997  N N   . ARG B 1 58 ? -7.728  5.347   -15.214 1.00 32.44 ? 112 ARG B N   1 
ATOM   998  C CA  . ARG B 1 58 ? -7.336  6.645   -15.241 1.00 34.99 ? 112 ARG B CA  1 
ATOM   999  C C   . ARG B 1 58 ? -8.444  7.569   -14.640 1.00 37.83 ? 112 ARG B C   1 
ATOM   1000 O O   . ARG B 1 58 ? -9.590  7.290   -14.764 1.00 39.86 ? 112 ARG B O   1 
ATOM   1001 C CB  . ARG B 1 58 ? -7.052  6.975   -16.662 1.00 38.84 ? 112 ARG B CB  1 
ATOM   1002 N N   . ASP B 1 59 ? -8.081  8.496   -13.753 1.00 37.13 ? 113 ASP B N   1 
ATOM   1003 C CA  . ASP B 1 59 ? -9.071  9.385   -13.107 1.00 32.89 ? 113 ASP B CA  1 
ATOM   1004 C C   . ASP B 1 59 ? -9.267  10.692  -13.928 1.00 33.31 ? 113 ASP B C   1 
ATOM   1005 O O   . ASP B 1 59 ? -8.599  10.830  -14.939 1.00 31.32 ? 113 ASP B O   1 
ATOM   1006 C CB  . ASP B 1 59 ? -8.672  9.535   -11.638 1.00 32.63 ? 113 ASP B CB  1 
ATOM   1007 C CG  . ASP B 1 59 ? -7.520  10.346  -11.342 1.00 27.65 ? 113 ASP B CG  1 
ATOM   1008 O OD1 . ASP B 1 59 ? -6.900  11.060  -12.135 1.00 31.38 ? 113 ASP B OD1 1 
ATOM   1009 O OD2 . ASP B 1 59 ? -7.083  10.319  -10.093 1.00 32.42 ? 113 ASP B OD2 1 
ATOM   1010 N N   . GLY B 1 60 ? -10.016 11.701  -13.430 1.00 33.16 ? 114 GLY B N   1 
ATOM   1011 C CA  . GLY B 1 60 ? -10.319 12.949  -14.208 1.00 33.09 ? 114 GLY B CA  1 
ATOM   1012 C C   . GLY B 1 60 ? -9.192  13.960  -14.217 1.00 36.93 ? 114 GLY B C   1 
ATOM   1013 O O   . GLY B 1 60 ? -9.230  14.883  -14.962 1.00 36.19 ? 114 GLY B O   1 
ATOM   1014 N N   . ALA B 1 61 ? -8.163  13.713  -13.372 1.00 35.69 ? 115 ALA B N   1 
ATOM   1015 C CA  . ALA B 1 61 ? -6.870  14.312  -13.470 1.00 37.32 ? 115 ALA B CA  1 
ATOM   1016 C C   . ALA B 1 61 ? -5.731  13.608  -14.294 1.00 35.81 ? 115 ALA B C   1 
ATOM   1017 O O   . ALA B 1 61 ? -4.657  14.065  -14.310 1.00 37.85 ? 115 ALA B O   1 
ATOM   1018 C CB  . ALA B 1 61 ? -6.383  14.531  -11.976 1.00 36.65 ? 115 ALA B CB  1 
ATOM   1019 N N   . GLY B 1 62 ? -6.007  12.470  -14.888 1.00 33.85 ? 116 GLY B N   1 
ATOM   1020 C CA  . GLY B 1 62 ? -5.119  11.789  -15.784 1.00 37.10 ? 116 GLY B CA  1 
ATOM   1021 C C   . GLY B 1 62 ? -4.107  10.954  -15.051 1.00 36.26 ? 116 GLY B C   1 
ATOM   1022 O O   . GLY B 1 62 ? -3.147  10.603  -15.613 1.00 38.86 ? 116 GLY B O   1 
ATOM   1023 N N   . LYS B 1 63 ? -4.253  10.811  -13.757 1.00 36.06 ? 117 LYS B N   1 
ATOM   1024 C CA  . LYS B 1 63 ? -3.505  9.807   -12.976 1.00 36.33 ? 117 LYS B CA  1 
ATOM   1025 C C   . LYS B 1 63 ? -3.878  8.318   -13.220 1.00 35.89 ? 117 LYS B C   1 
ATOM   1026 O O   . LYS B 1 63 ? -5.024  8.024   -13.566 1.00 36.95 ? 117 LYS B O   1 
ATOM   1027 C CB  . LYS B 1 63 ? -3.649  10.197  -11.452 1.00 36.98 ? 117 LYS B CB  1 
ATOM   1028 C CG  . LYS B 1 63 ? -2.847  11.469  -10.943 1.00 46.21 ? 117 LYS B CG  1 
ATOM   1029 C CD  . LYS B 1 63 ? -3.431  12.784  -11.279 1.00 57.87 ? 117 LYS B CD  1 
ATOM   1030 C CE  . LYS B 1 63 ? -2.486  13.963  -10.672 1.00 58.60 ? 117 LYS B CE  1 
ATOM   1031 N NZ  . LYS B 1 63 ? -1.371  14.334  -11.548 1.00 58.88 ? 117 LYS B NZ  1 
ATOM   1032 N N   . TYR B 1 64 ? -2.883  7.365   -13.134 1.00 32.10 ? 118 TYR B N   1 
ATOM   1033 C CA  . TYR B 1 64 ? -3.163  6.047   -13.358 1.00 30.21 ? 118 TYR B CA  1 
ATOM   1034 C C   . TYR B 1 64 ? -3.227  5.241   -12.068 1.00 31.43 ? 118 TYR B C   1 
ATOM   1035 O O   . TYR B 1 64 ? -2.443  5.604   -11.096 1.00 33.34 ? 118 TYR B O   1 
ATOM   1036 C CB  . TYR B 1 64 ? -2.016  5.458   -14.140 1.00 31.63 ? 118 TYR B CB  1 
ATOM   1037 C CG  . TYR B 1 64 ? -1.845  6.043   -15.457 1.00 35.14 ? 118 TYR B CG  1 
ATOM   1038 C CD1 . TYR B 1 64 ? -2.546  5.546   -16.520 1.00 42.36 ? 118 TYR B CD1 1 
ATOM   1039 C CD2 . TYR B 1 64 ? -0.999  7.093   -15.640 1.00 36.96 ? 118 TYR B CD2 1 
ATOM   1040 C CE1 . TYR B 1 64 ? -2.457  6.140   -17.856 1.00 48.08 ? 118 TYR B CE1 1 
ATOM   1041 C CE2 . TYR B 1 64 ? -0.863  7.682   -16.931 1.00 47.15 ? 118 TYR B CE2 1 
ATOM   1042 C CZ  . TYR B 1 64 ? -1.611  7.185   -18.026 1.00 46.27 ? 118 TYR B CZ  1 
ATOM   1043 O OH  . TYR B 1 64 ? -1.501  7.749   -19.234 1.00 46.69 ? 118 TYR B OH  1 
ATOM   1044 N N   . PHE B 1 65 ? -4.062  4.198   -12.024 1.00 27.60 ? 119 PHE B N   1 
ATOM   1045 C CA  . PHE B 1 65 ? -4.142  3.335   -10.875 1.00 27.88 ? 119 PHE B CA  1 
ATOM   1046 C C   . PHE B 1 65 ? -4.698  2.001   -11.227 1.00 28.95 ? 119 PHE B C   1 
ATOM   1047 O O   . PHE B 1 65 ? -5.338  1.871   -12.290 1.00 30.37 ? 119 PHE B O   1 
ATOM   1048 C CB  . PHE B 1 65 ? -4.909  3.950   -9.747  1.00 31.11 ? 119 PHE B CB  1 
ATOM   1049 C CG  . PHE B 1 65 ? -6.368  4.258   -10.032 1.00 30.24 ? 119 PHE B CG  1 
ATOM   1050 C CD1 . PHE B 1 65 ? -7.350  3.537   -9.435  1.00 28.76 ? 119 PHE B CD1 1 
ATOM   1051 C CD2 . PHE B 1 65 ? -6.695  5.341   -10.787 1.00 33.86 ? 119 PHE B CD2 1 
ATOM   1052 C CE1 . PHE B 1 65 ? -8.622  3.803   -9.604  1.00 36.00 ? 119 PHE B CE1 1 
ATOM   1053 C CE2 . PHE B 1 65 ? -8.021  5.642   -10.997 1.00 30.74 ? 119 PHE B CE2 1 
ATOM   1054 C CZ  . PHE B 1 65 ? -8.990  4.843   -10.428 1.00 35.88 ? 119 PHE B CZ  1 
ATOM   1055 N N   . LEU B 1 66 ? -4.479  1.008   -10.371 1.00 28.55 ? 120 LEU B N   1 
ATOM   1056 C CA  . LEU B 1 66 ? -5.077  -0.322  -10.491 1.00 30.69 ? 120 LEU B CA  1 
ATOM   1057 C C   . LEU B 1 66 ? -6.063  -0.485  -9.367  1.00 29.79 ? 120 LEU B C   1 
ATOM   1058 O O   . LEU B 1 66 ? -7.067  -1.104  -9.566  1.00 29.06 ? 120 LEU B O   1 
ATOM   1059 C CB  . LEU B 1 66 ? -4.057  -1.459  -10.371 1.00 31.88 ? 120 LEU B CB  1 
ATOM   1060 C CG  . LEU B 1 66 ? -2.892  -1.617  -11.279 1.00 29.37 ? 120 LEU B CG  1 
ATOM   1061 C CD1 . LEU B 1 66 ? -2.268  -3.022  -10.959 1.00 36.28 ? 120 LEU B CD1 1 
ATOM   1062 C CD2 . LEU B 1 66 ? -3.524  -1.584  -12.706 1.00 31.21 ? 120 LEU B CD2 1 
ATOM   1063 N N   . TRP B 1 67 ? -5.801  0.098   -8.196  1.00 27.66 ? 121 TRP B N   1 
ATOM   1064 C CA  . TRP B 1 67 ? -6.684  -0.248  -7.031  1.00 26.49 ? 121 TRP B CA  1 
ATOM   1065 C C   . TRP B 1 67 ? -7.056  1.073   -6.381  1.00 26.72 ? 121 TRP B C   1 
ATOM   1066 O O   . TRP B 1 67 ? -6.312  1.962   -6.345  1.00 28.68 ? 121 TRP B O   1 
ATOM   1067 C CB  . TRP B 1 67 ? -6.000  -1.227  -6.098  1.00 24.87 ? 121 TRP B CB  1 
ATOM   1068 C CG  . TRP B 1 67 ? -5.558  -2.628  -6.705  1.00 21.23 ? 121 TRP B CG  1 
ATOM   1069 C CD1 . TRP B 1 67 ? -4.365  -3.073  -7.028  1.00 31.89 ? 121 TRP B CD1 1 
ATOM   1070 C CD2 . TRP B 1 67 ? -6.442  -3.665  -6.915  1.00 27.05 ? 121 TRP B CD2 1 
ATOM   1071 N NE1 . TRP B 1 67 ? -4.438  -4.329  -7.549  1.00 27.88 ? 121 TRP B NE1 1 
ATOM   1072 C CE2 . TRP B 1 67 ? -5.713  -4.741  -7.452  1.00 27.87 ? 121 TRP B CE2 1 
ATOM   1073 C CE3 . TRP B 1 67 ? -7.830  -3.733  -6.859  1.00 29.40 ? 121 TRP B CE3 1 
ATOM   1074 C CZ2 . TRP B 1 67 ? -6.293  -5.939  -7.818  1.00 26.57 ? 121 TRP B CZ2 1 
ATOM   1075 C CZ3 . TRP B 1 67 ? -8.431  -4.916  -7.161  1.00 30.18 ? 121 TRP B CZ3 1 
ATOM   1076 C CH2 . TRP B 1 67 ? -7.645  -6.021  -7.685  1.00 28.64 ? 121 TRP B CH2 1 
ATOM   1077 N N   . VAL B 1 68 ? -8.098  0.962   -5.616  1.00 29.66 ? 122 VAL B N   1 
ATOM   1078 C CA  . VAL B 1 68 ? -8.573  1.992   -4.658  1.00 27.02 ? 122 VAL B CA  1 
ATOM   1079 C C   . VAL B 1 68 ? -8.138  1.497   -3.218  1.00 27.87 ? 122 VAL B C   1 
ATOM   1080 O O   . VAL B 1 68 ? -8.767  0.540   -2.602  1.00 27.91 ? 122 VAL B O   1 
ATOM   1081 C CB  . VAL B 1 68 ? -10.071 2.257   -4.737  1.00 26.00 ? 122 VAL B CB  1 
ATOM   1082 C CG1 . VAL B 1 68 ? -10.401 3.344   -3.603  1.00 25.32 ? 122 VAL B CG1 1 
ATOM   1083 C CG2 . VAL B 1 68 ? -10.405 2.763   -6.090  1.00 28.65 ? 122 VAL B CG2 1 
ATOM   1084 N N   . VAL B 1 69 ? -6.989  2.018   -2.771  1.00 29.22 ? 123 VAL B N   1 
ATOM   1085 C CA  . VAL B 1 69 ? -6.346  1.358   -1.590  1.00 30.70 ? 123 VAL B CA  1 
ATOM   1086 C C   . VAL B 1 69 ? -6.968  2.087   -0.350  1.00 29.69 ? 123 VAL B C   1 
ATOM   1087 O O   . VAL B 1 69 ? -6.381  2.985   0.166   1.00 31.48 ? 123 VAL B O   1 
ATOM   1088 C CB  . VAL B 1 69 ? -4.824  1.497   -1.728  1.00 31.08 ? 123 VAL B CB  1 
ATOM   1089 C CG1 . VAL B 1 69 ? -4.037  0.784   -0.564  1.00 35.08 ? 123 VAL B CG1 1 
ATOM   1090 C CG2 . VAL B 1 69 ? -4.302  0.913   -3.077  1.00 30.92 ? 123 VAL B CG2 1 
ATOM   1091 N N   . LYS B 1 70 ? -8.132  1.642   0.087   1.00 29.40 ? 124 LYS B N   1 
ATOM   1092 C CA  . LYS B 1 70 ? -8.751  2.189   1.248   1.00 30.87 ? 124 LYS B CA  1 
ATOM   1093 C C   . LYS B 1 70 ? -9.532  1.144   1.843   1.00 28.69 ? 124 LYS B C   1 
ATOM   1094 O O   . LYS B 1 70 ? -9.942  0.264   1.159   1.00 32.59 ? 124 LYS B O   1 
ATOM   1095 C CB  . LYS B 1 70 ? -9.648  3.374   0.977   1.00 31.54 ? 124 LYS B CB  1 
ATOM   1096 C CG  . LYS B 1 70 ? -9.154  4.526   0.078   1.00 36.59 ? 124 LYS B CG  1 
ATOM   1097 C CD  . LYS B 1 70 ? -10.254 5.448   -0.450  1.00 33.89 ? 124 LYS B CD  1 
ATOM   1098 C CE  . LYS B 1 70 ? -9.604  6.708   -1.098  1.00 34.02 ? 124 LYS B CE  1 
ATOM   1099 N NZ  . LYS B 1 70 ? -10.599 7.880   -1.351  1.00 37.14 ? 124 LYS B NZ  1 
ATOM   1100 N N   . PHE B 1 71 ? -9.803  1.276   3.143   1.00 29.33 ? 125 PHE B N   1 
ATOM   1101 C CA  . PHE B 1 71 ? -10.334 0.271   3.988   1.00 31.74 ? 125 PHE B CA  1 
ATOM   1102 C C   . PHE B 1 71 ? -11.448 0.650   4.823   1.00 32.84 ? 125 PHE B C   1 
ATOM   1103 O O   . PHE B 1 71 ? -11.619 1.842   5.195   1.00 34.95 ? 125 PHE B O   1 
ATOM   1104 C CB  . PHE B 1 71 ? -9.158  -0.129  4.928   1.00 30.43 ? 125 PHE B CB  1 
ATOM   1105 C CG  . PHE B 1 71 ? -7.926  -0.427  4.187   1.00 36.67 ? 125 PHE B CG  1 
ATOM   1106 C CD1 . PHE B 1 71 ? -7.755  -1.678  3.614   1.00 38.45 ? 125 PHE B CD1 1 
ATOM   1107 C CD2 . PHE B 1 71 ? -6.916  0.553   4.017   1.00 34.60 ? 125 PHE B CD2 1 
ATOM   1108 C CE1 . PHE B 1 71 ? -6.622  -1.945  2.836   1.00 38.56 ? 125 PHE B CE1 1 
ATOM   1109 C CE2 . PHE B 1 71 ? -5.862  0.286   3.266   1.00 34.42 ? 125 PHE B CE2 1 
ATOM   1110 C CZ  . PHE B 1 71 ? -5.688  -1.021  2.698   1.00 32.27 ? 125 PHE B CZ  1 
ATOM   1111 N N   . ASN B 1 72 ? -12.260 -0.331  5.168   1.00 33.50 ? 126 ASN B N   1 
ATOM   1112 C CA  . ASN B 1 72 ? -13.385 -0.124  6.076   1.00 35.61 ? 126 ASN B CA  1 
ATOM   1113 C C   . ASN B 1 72 ? -13.148 0.040   7.545   1.00 36.34 ? 126 ASN B C   1 
ATOM   1114 O O   . ASN B 1 72 ? -14.011 0.584   8.227   1.00 39.16 ? 126 ASN B O   1 
ATOM   1115 C CB  . ASN B 1 72 ? -14.464 -1.191  5.871   1.00 38.21 ? 126 ASN B CB  1 
ATOM   1116 C CG  . ASN B 1 72 ? -15.711 -0.518  5.292   1.00 47.43 ? 126 ASN B CG  1 
ATOM   1117 O OD1 . ASN B 1 72 ? -16.783 -0.250  5.937   1.00 59.96 ? 126 ASN B OD1 1 
ATOM   1118 N ND2 . ASN B 1 72 ? -15.520 -0.084  4.139   1.00 43.97 ? 126 ASN B ND2 1 
ATOM   1119 N N   . SER B 1 73 ? -11.974 -0.358  8.028   1.00 34.97 ? 127 SER B N   1 
ATOM   1120 C CA  . SER B 1 73 ? -11.663 -0.431  9.457   1.00 35.66 ? 127 SER B CA  1 
ATOM   1121 C C   . SER B 1 73 ? -10.178 -0.226  9.572   1.00 35.27 ? 127 SER B C   1 
ATOM   1122 O O   . SER B 1 73 ? -9.376  -0.451  8.614   1.00 34.66 ? 127 SER B O   1 
ATOM   1123 C CB  . SER B 1 73 ? -11.961 -1.835  10.085  1.00 32.80 ? 127 SER B CB  1 
ATOM   1124 O OG  . SER B 1 73 ? -11.133 -2.797  9.537   1.00 36.14 ? 127 SER B OG  1 
ATOM   1125 N N   . LEU B 1 74 ? -9.847  0.373   10.690  1.00 34.71 ? 128 LEU B N   1 
ATOM   1126 C CA  . LEU B 1 74 ? -8.543  0.563   11.080  1.00 37.25 ? 128 LEU B CA  1 
ATOM   1127 C C   . LEU B 1 74 ? -7.684  -0.758  11.149  1.00 37.44 ? 128 LEU B C   1 
ATOM   1128 O O   . LEU B 1 74 ? -6.493  -0.786  10.700  1.00 35.96 ? 128 LEU B O   1 
ATOM   1129 C CB  . LEU B 1 74 ? -8.730  1.391   12.404  1.00 41.01 ? 128 LEU B CB  1 
ATOM   1130 C CG  . LEU B 1 74 ? -7.837  2.571   12.614  1.00 42.16 ? 128 LEU B CG  1 
ATOM   1131 C CD1 . LEU B 1 74 ? -7.481  3.188   11.431  1.00 39.66 ? 128 LEU B CD1 1 
ATOM   1132 C CD2 . LEU B 1 74 ? -8.261  3.426   13.663  1.00 42.03 ? 128 LEU B CD2 1 
ATOM   1133 N N   . ASN B 1 75 ? -8.282  -1.888  11.580  1.00 38.62 ? 129 ASN B N   1 
ATOM   1134 C CA  . ASN B 1 75 ? -7.712  -3.271  11.519  1.00 41.30 ? 129 ASN B CA  1 
ATOM   1135 C C   . ASN B 1 75 ? -7.209  -3.730  10.165  1.00 39.89 ? 129 ASN B C   1 
ATOM   1136 O O   . ASN B 1 75 ? -6.192  -4.192  10.131  1.00 43.73 ? 129 ASN B O   1 
ATOM   1137 C CB  . ASN B 1 75 ? -8.773  -4.255  12.124  1.00 43.33 ? 129 ASN B CB  1 
ATOM   1138 C CG  . ASN B 1 75 ? -8.464  -5.754  11.900  1.00 55.09 ? 129 ASN B CG  1 
ATOM   1139 O OD1 . ASN B 1 75 ? -8.885  -6.406  10.833  1.00 65.87 ? 129 ASN B OD1 1 
ATOM   1140 N ND2 . ASN B 1 75 ? -7.842  -6.367  12.940  1.00 64.95 ? 129 ASN B ND2 1 
ATOM   1141 N N   . GLU B 1 76 ? -7.952  -3.517  9.034   1.00 37.37 ? 130 GLU B N   1 
ATOM   1142 C CA  . GLU B 1 76 ? -7.623  -3.803  7.731   1.00 35.68 ? 130 GLU B CA  1 
ATOM   1143 C C   . GLU B 1 76 ? -6.558  -2.966  7.274   1.00 33.41 ? 130 GLU B C   1 
ATOM   1144 O O   . GLU B 1 76 ? -5.583  -3.442  6.634   1.00 32.74 ? 130 GLU B O   1 
ATOM   1145 C CB  . GLU B 1 76 ? -8.902  -3.610  6.770   1.00 36.83 ? 130 GLU B CB  1 
ATOM   1146 C CG  . GLU B 1 76 ? -10.031 -4.571  6.984   1.00 38.24 ? 130 GLU B CG  1 
ATOM   1147 C CD  . GLU B 1 76 ? -11.318 -4.150  6.122   1.00 52.62 ? 130 GLU B CD  1 
ATOM   1148 O OE1 . GLU B 1 76 ? -11.202 -3.685  4.866   1.00 61.44 ? 130 GLU B OE1 1 
ATOM   1149 O OE2 . GLU B 1 76 ? -12.431 -4.254  6.673   1.00 59.35 ? 130 GLU B OE2 1 
ATOM   1150 N N   . LEU B 1 77 ? -6.676  -1.667  7.537   1.00 31.41 ? 131 LEU B N   1 
ATOM   1151 C CA  . LEU B 1 77 ? -5.580  -0.848  7.200   1.00 30.39 ? 131 LEU B CA  1 
ATOM   1152 C C   . LEU B 1 77 ? -4.358  -1.410  7.877   1.00 32.15 ? 131 LEU B C   1 
ATOM   1153 O O   . LEU B 1 77 ? -3.268  -1.385  7.291   1.00 32.64 ? 131 LEU B O   1 
ATOM   1154 C CB  . LEU B 1 77 ? -5.844  0.632   7.653   1.00 29.92 ? 131 LEU B CB  1 
ATOM   1155 C CG  . LEU B 1 77 ? -4.869  1.745   7.377   1.00 29.80 ? 131 LEU B CG  1 
ATOM   1156 C CD1 . LEU B 1 77 ? -5.479  3.207   7.542   1.00 39.00 ? 131 LEU B CD1 1 
ATOM   1157 C CD2 . LEU B 1 77 ? -3.820  1.854   8.504   1.00 35.16 ? 131 LEU B CD2 1 
ATOM   1158 N N   . VAL B 1 78 ? -4.466  -1.784  9.117   1.00 34.30 ? 132 VAL B N   1 
ATOM   1159 C CA  . VAL B 1 78 ? -3.210  -2.203  9.814   1.00 36.94 ? 132 VAL B CA  1 
ATOM   1160 C C   . VAL B 1 78 ? -2.677  -3.499  9.177   1.00 38.64 ? 132 VAL B C   1 
ATOM   1161 O O   . VAL B 1 78 ? -1.557  -3.465  8.778   1.00 40.45 ? 132 VAL B O   1 
ATOM   1162 C CB  . VAL B 1 78 ? -3.137  -2.144  11.337  1.00 38.16 ? 132 VAL B CB  1 
ATOM   1163 C CG1 . VAL B 1 78 ? -3.656  -0.920  12.060  1.00 36.49 ? 132 VAL B CG1 1 
ATOM   1164 C CG2 . VAL B 1 78 ? -3.413  -3.419  12.017  1.00 45.75 ? 132 VAL B CG2 1 
ATOM   1165 N N   . ASP B 1 79 ? -3.518  -4.528  8.898   1.00 40.53 ? 133 ASP B N   1 
ATOM   1166 C CA  . ASP B 1 79 ? -3.004  -5.718  8.153   1.00 42.10 ? 133 ASP B CA  1 
ATOM   1167 C C   . ASP B 1 79 ? -2.486  -5.466  6.770   1.00 41.48 ? 133 ASP B C   1 
ATOM   1168 O O   . ASP B 1 79 ? -1.434  -5.957  6.357   1.00 41.42 ? 133 ASP B O   1 
ATOM   1169 C CB  . ASP B 1 79 ? -3.994  -6.810  8.051   1.00 43.18 ? 133 ASP B CB  1 
ATOM   1170 C CG  . ASP B 1 79 ? -4.528  -7.181  9.330   1.00 49.85 ? 133 ASP B CG  1 
ATOM   1171 O OD1 . ASP B 1 79 ? -3.887  -6.832  10.395  1.00 58.44 ? 133 ASP B OD1 1 
ATOM   1172 O OD2 . ASP B 1 79 ? -5.589  -7.802  9.390   1.00 54.06 ? 133 ASP B OD2 1 
ATOM   1173 N N   . TYR B 1 80 ? -3.136  -4.600  6.017   1.00 40.33 ? 134 TYR B N   1 
ATOM   1174 C CA  . TYR B 1 80 ? -2.564  -4.264  4.745   1.00 38.28 ? 134 TYR B CA  1 
ATOM   1175 C C   . TYR B 1 80 ? -1.187  -3.892  4.961   1.00 38.07 ? 134 TYR B C   1 
ATOM   1176 O O   . TYR B 1 80 ? -0.318  -4.415  4.325   1.00 42.56 ? 134 TYR B O   1 
ATOM   1177 C CB  . TYR B 1 80 ? -3.288  -3.087  4.072   1.00 38.02 ? 134 TYR B CB  1 
ATOM   1178 C CG  . TYR B 1 80 ? -2.786  -2.777  2.726   1.00 33.98 ? 134 TYR B CG  1 
ATOM   1179 C CD1 . TYR B 1 80 ? -3.104  -3.555  1.639   1.00 40.59 ? 134 TYR B CD1 1 
ATOM   1180 C CD2 . TYR B 1 80 ? -2.128  -1.645  2.517   1.00 33.01 ? 134 TYR B CD2 1 
ATOM   1181 C CE1 . TYR B 1 80 ? -2.633  -3.175  0.380   1.00 37.87 ? 134 TYR B CE1 1 
ATOM   1182 C CE2 . TYR B 1 80 ? -1.636  -1.297  1.313   1.00 31.95 ? 134 TYR B CE2 1 
ATOM   1183 C CZ  . TYR B 1 80 ? -1.896  -2.073  0.249   1.00 35.51 ? 134 TYR B CZ  1 
ATOM   1184 O OH  . TYR B 1 80 ? -1.474  -1.597  -1.006  1.00 38.23 ? 134 TYR B OH  1 
ATOM   1185 N N   . HIS B 1 81 ? -0.945  -2.903  5.806   1.00 39.01 ? 135 HIS B N   1 
ATOM   1186 C CA  . HIS B 1 81 ? 0.373   -2.266  5.872   1.00 38.85 ? 135 HIS B CA  1 
ATOM   1187 C C   . HIS B 1 81 ? 1.408   -3.201  6.684   1.00 39.42 ? 135 HIS B C   1 
ATOM   1188 O O   . HIS B 1 81 ? 2.558   -2.826  6.872   1.00 37.47 ? 135 HIS B O   1 
ATOM   1189 C CB  . HIS B 1 81 ? 0.272   -0.860  6.489   1.00 39.04 ? 135 HIS B CB  1 
ATOM   1190 C CG  . HIS B 1 81 ? -0.218  0.162   5.500   1.00 40.10 ? 135 HIS B CG  1 
ATOM   1191 N ND1 . HIS B 1 81 ? 0.587   0.704   4.553   1.00 44.48 ? 135 HIS B ND1 1 
ATOM   1192 C CD2 . HIS B 1 81 ? -1.461  0.654   5.260   1.00 36.59 ? 135 HIS B CD2 1 
ATOM   1193 C CE1 . HIS B 1 81 ? -0.114  1.550   3.807   1.00 43.82 ? 135 HIS B CE1 1 
ATOM   1194 N NE2 . HIS B 1 81 ? -1.354  1.529   4.218   1.00 33.28 ? 135 HIS B NE2 1 
ATOM   1195 N N   . ARG B 1 82 ? 0.980   -4.361  7.155   1.00 38.56 ? 136 ARG B N   1 
ATOM   1196 C CA  . ARG B 1 82 ? 2.048   -5.258  7.565   1.00 43.82 ? 136 ARG B CA  1 
ATOM   1197 C C   . ARG B 1 82 ? 3.032   -5.623  6.329   1.00 47.52 ? 136 ARG B C   1 
ATOM   1198 O O   . ARG B 1 82 ? 4.190   -5.961  6.509   1.00 49.15 ? 136 ARG B O   1 
ATOM   1199 C CB  . ARG B 1 82 ? 1.347   -6.443  8.148   1.00 43.96 ? 136 ARG B CB  1 
ATOM   1200 C CG  . ARG B 1 82 ? 0.883   -6.113  9.479   1.00 43.05 ? 136 ARG B CG  1 
ATOM   1201 C CD  . ARG B 1 82 ? 0.109   -7.276  10.191  1.00 43.87 ? 136 ARG B CD  1 
ATOM   1202 N NE  . ARG B 1 82 ? -0.639  -6.908  11.408  1.00 51.42 ? 136 ARG B NE  1 
ATOM   1203 C CZ  . ARG B 1 82 ? -0.115  -6.648  12.617  1.00 52.62 ? 136 ARG B CZ  1 
ATOM   1204 N NH1 . ARG B 1 82 ? 1.230   -6.703  12.803  1.00 55.14 ? 136 ARG B NH1 1 
ATOM   1205 N NH2 . ARG B 1 82 ? -0.951  -6.327  13.639  1.00 49.32 ? 136 ARG B NH2 1 
ATOM   1206 N N   . SER B 1 83 ? 2.577   -5.539  5.039   1.00 49.54 ? 137 SER B N   1 
ATOM   1207 C CA  . SER B 1 83 ? 3.340   -6.042  3.843   1.00 48.52 ? 137 SER B CA  1 
ATOM   1208 C C   . SER B 1 83 ? 3.475   -5.053  2.815   1.00 49.17 ? 137 SER B C   1 
ATOM   1209 O O   . SER B 1 83 ? 3.954   -5.365  1.663   1.00 50.79 ? 137 SER B O   1 
ATOM   1210 C CB  . SER B 1 83 ? 2.527   -7.160  3.104   1.00 50.87 ? 137 SER B CB  1 
ATOM   1211 O OG  . SER B 1 83 ? 1.844   -8.073  3.977   1.00 52.48 ? 137 SER B OG  1 
ATOM   1212 N N   . THR B 1 84 ? 2.947   -3.862  3.083   1.00 46.62 ? 138 THR B N   1 
ATOM   1213 C CA  . THR B 1 84 ? 3.033   -2.828  2.100   1.00 43.27 ? 138 THR B CA  1 
ATOM   1214 C C   . THR B 1 84 ? 3.360   -1.670  2.933   1.00 40.10 ? 138 THR B C   1 
ATOM   1215 O O   . THR B 1 84 ? 2.765   -1.427  3.961   1.00 39.58 ? 138 THR B O   1 
ATOM   1216 C CB  . THR B 1 84 ? 1.647   -2.618  1.322   1.00 45.41 ? 138 THR B CB  1 
ATOM   1217 O OG1 . THR B 1 84 ? 1.200   -3.830  0.697   1.00 51.07 ? 138 THR B OG1 1 
ATOM   1218 C CG2 . THR B 1 84 ? 1.796   -1.668  0.202   1.00 45.79 ? 138 THR B CG2 1 
ATOM   1219 N N   . SER B 1 85 ? 4.239   -0.859  2.439   1.00 35.28 ? 139 SER B N   1 
ATOM   1220 C CA  . SER B 1 85 ? 4.777   0.113   3.126   1.00 37.23 ? 139 SER B CA  1 
ATOM   1221 C C   . SER B 1 85 ? 3.755   1.206   3.515   1.00 40.08 ? 139 SER B C   1 
ATOM   1222 O O   . SER B 1 85 ? 2.965   1.587   2.629   1.00 37.04 ? 139 SER B O   1 
ATOM   1223 C CB  . SER B 1 85 ? 5.797   0.737   2.216   1.00 34.53 ? 139 SER B CB  1 
ATOM   1224 O OG  . SER B 1 85 ? 6.434   1.840   2.989   1.00 39.05 ? 139 SER B OG  1 
ATOM   1225 N N   . VAL B 1 86 ? 3.915   1.827   4.715   1.00 37.75 ? 140 VAL B N   1 
ATOM   1226 C CA  . VAL B 1 86 ? 3.044   2.886   5.171   1.00 37.50 ? 140 VAL B CA  1 
ATOM   1227 C C   . VAL B 1 86 ? 3.481   4.151   4.614   1.00 39.50 ? 140 VAL B C   1 
ATOM   1228 O O   . VAL B 1 86 ? 2.714   5.177   4.643   1.00 37.92 ? 140 VAL B O   1 
ATOM   1229 C CB  . VAL B 1 86 ? 3.043   3.103   6.728   1.00 37.58 ? 140 VAL B CB  1 
ATOM   1230 C CG1 . VAL B 1 86 ? 2.407   1.993   7.328   1.00 38.14 ? 140 VAL B CG1 1 
ATOM   1231 C CG2 . VAL B 1 86 ? 4.416   3.164   7.367   1.00 39.94 ? 140 VAL B CG2 1 
ATOM   1232 N N   . SER B 1 87 ? 4.715   4.156   4.116   1.00 39.68 ? 141 SER B N   1 
ATOM   1233 C CA  . SER B 1 87 ? 5.306   5.351   3.498   1.00 39.60 ? 141 SER B CA  1 
ATOM   1234 C C   . SER B 1 87 ? 5.585   5.386   1.942   1.00 42.12 ? 141 SER B C   1 
ATOM   1235 O O   . SER B 1 87 ? 5.824   4.380   1.229   1.00 42.03 ? 141 SER B O   1 
ATOM   1236 C CB  . SER B 1 87 ? 6.577   5.803   4.198   1.00 39.60 ? 141 SER B CB  1 
ATOM   1237 O OG  . SER B 1 87 ? 7.213   6.813   3.356   1.00 42.53 ? 141 SER B OG  1 
ATOM   1238 N N   . ARG B 1 88 ? 5.536   6.584   1.402   1.00 43.87 ? 142 ARG B N   1 
ATOM   1239 C CA  . ARG B 1 88 ? 5.704   6.716   -0.023  1.00 49.52 ? 142 ARG B CA  1 
ATOM   1240 C C   . ARG B 1 88 ? 7.189   6.531   -0.477  1.00 48.74 ? 142 ARG B C   1 
ATOM   1241 O O   . ARG B 1 88 ? 7.401   5.979   -1.553  1.00 47.80 ? 142 ARG B O   1 
ATOM   1242 C CB  . ARG B 1 88 ? 5.290   8.060   -0.521  1.00 48.33 ? 142 ARG B CB  1 
ATOM   1243 C CG  . ARG B 1 88 ? 4.128   8.147   -1.356  1.00 55.81 ? 142 ARG B CG  1 
ATOM   1244 C CD  . ARG B 1 88 ? 3.895   9.670   -1.502  1.00 62.04 ? 142 ARG B CD  1 
ATOM   1245 N NE  . ARG B 1 88 ? 2.570   10.149  -1.115  1.00 65.77 ? 142 ARG B NE  1 
ATOM   1246 C CZ  . ARG B 1 88 ? 1.615   10.395  -1.993  1.00 66.54 ? 142 ARG B CZ  1 
ATOM   1247 N NH1 . ARG B 1 88 ? 1.834   10.169  -3.268  1.00 66.38 ? 142 ARG B NH1 1 
ATOM   1248 N NH2 . ARG B 1 88 ? 0.423   10.853  -1.592  1.00 68.19 ? 142 ARG B NH2 1 
ATOM   1249 N N   . ASN B 1 89 ? 8.091   7.142   0.291   1.00 50.47 ? 143 ASN B N   1 
ATOM   1250 C CA  . ASN B 1 89 ? 9.542   7.140   0.115   1.00 49.83 ? 143 ASN B CA  1 
ATOM   1251 C C   . ASN B 1 89 ? 10.306  5.999   0.683   1.00 49.69 ? 143 ASN B C   1 
ATOM   1252 O O   . ASN B 1 89 ? 11.332  5.602   0.080   1.00 48.73 ? 143 ASN B O   1 
ATOM   1253 C CB  . ASN B 1 89 ? 10.068  8.349   0.760   1.00 50.19 ? 143 ASN B CB  1 
ATOM   1254 C CG  . ASN B 1 89 ? 9.771   9.514   -0.028  1.00 55.51 ? 143 ASN B CG  1 
ATOM   1255 O OD1 . ASN B 1 89 ? 9.091   9.343   -1.060  1.00 64.46 ? 143 ASN B OD1 1 
ATOM   1256 N ND2 . ASN B 1 89 ? 10.283  10.706  0.358   1.00 50.26 ? 143 ASN B ND2 1 
ATOM   1257 N N   . GLN B 1 90 ? 9.862   5.475   1.823   1.00 47.18 ? 144 GLN B N   1 
ATOM   1258 C CA  . GLN B 1 90 ? 10.579  4.412   2.533   1.00 49.24 ? 144 GLN B CA  1 
ATOM   1259 C C   . GLN B 1 90 ? 9.837   3.158   2.614   1.00 50.81 ? 144 GLN B C   1 
ATOM   1260 O O   . GLN B 1 90 ? 8.552   3.157   2.405   1.00 53.38 ? 144 GLN B O   1 
ATOM   1261 C CB  . GLN B 1 90 ? 10.913  4.789   3.900   1.00 50.05 ? 144 GLN B CB  1 
ATOM   1262 N N   . GLN B 1 91 ? 10.579  2.093   2.986   1.00 48.44 ? 145 GLN B N   1 
ATOM   1263 C CA  . GLN B 1 91 ? 9.951   0.789   3.153   1.00 49.98 ? 145 GLN B CA  1 
ATOM   1264 C C   . GLN B 1 91 ? 9.829   0.625   4.606   1.00 48.78 ? 145 GLN B C   1 
ATOM   1265 O O   . GLN B 1 91 ? 10.826  0.686   5.331   1.00 48.01 ? 145 GLN B O   1 
ATOM   1266 C CB  . GLN B 1 91 ? 10.763  -0.382  2.506   1.00 51.47 ? 145 GLN B CB  1 
ATOM   1267 C CG  . GLN B 1 91 ? 10.933  -0.201  0.915   1.00 52.78 ? 145 GLN B CG  1 
ATOM   1268 C CD  . GLN B 1 91 ? 9.540   -0.295  0.211   1.00 53.47 ? 145 GLN B CD  1 
ATOM   1269 O OE1 . GLN B 1 91 ? 8.628   -0.972  0.713   1.00 46.29 ? 145 GLN B OE1 1 
ATOM   1270 N NE2 . GLN B 1 91 ? 9.401   0.356   -0.939  1.00 57.72 ? 145 GLN B NE2 1 
ATOM   1271 N N   . ILE B 1 92 ? 8.585   0.551   5.066   1.00 47.19 ? 146 ILE B N   1 
ATOM   1272 C CA  . ILE B 1 92 ? 8.292   0.669   6.487   1.00 43.54 ? 146 ILE B CA  1 
ATOM   1273 C C   . ILE B 1 92 ? 7.041   -0.078  6.625   1.00 44.95 ? 146 ILE B C   1 
ATOM   1274 O O   . ILE B 1 92 ? 5.928   0.452   6.183   1.00 41.35 ? 146 ILE B O   1 
ATOM   1275 C CB  . ILE B 1 92 ? 8.114   2.222   6.960   1.00 44.19 ? 146 ILE B CB  1 
ATOM   1276 C CG1 . ILE B 1 92 ? 9.227   3.113   6.771   1.00 38.49 ? 146 ILE B CG1 1 
ATOM   1277 C CG2 . ILE B 1 92 ? 8.059   2.323   8.390   1.00 43.00 ? 146 ILE B CG2 1 
ATOM   1278 C CD1 . ILE B 1 92 ? 9.141   4.428   7.471   1.00 39.17 ? 146 ILE B CD1 1 
ATOM   1279 N N   . PHE B 1 93 ? 7.186   -1.253  7.268   1.00 44.10 ? 147 PHE B N   1 
ATOM   1280 C CA  . PHE B 1 93 ? 6.142   -2.184  7.479   1.00 46.30 ? 147 PHE B CA  1 
ATOM   1281 C C   . PHE B 1 93 ? 5.777   -2.297  8.974   1.00 49.11 ? 147 PHE B C   1 
ATOM   1282 O O   . PHE B 1 93 ? 6.668   -2.286  9.923   1.00 50.34 ? 147 PHE B O   1 
ATOM   1283 C CB  . PHE B 1 93 ? 6.456   -3.606  6.836   1.00 48.38 ? 147 PHE B CB  1 
ATOM   1284 C CG  . PHE B 1 93 ? 6.980   -3.592  5.394   1.00 49.50 ? 147 PHE B CG  1 
ATOM   1285 C CD1 . PHE B 1 93 ? 6.100   -3.670  4.304   1.00 54.57 ? 147 PHE B CD1 1 
ATOM   1286 C CD2 . PHE B 1 93 ? 8.382   -3.545  5.137   1.00 58.81 ? 147 PHE B CD2 1 
ATOM   1287 C CE1 . PHE B 1 93 ? 6.558   -3.696  3.016   1.00 57.24 ? 147 PHE B CE1 1 
ATOM   1288 C CE2 . PHE B 1 93 ? 8.872   -3.531  3.855   1.00 56.76 ? 147 PHE B CE2 1 
ATOM   1289 C CZ  . PHE B 1 93 ? 7.969   -3.597  2.769   1.00 58.96 ? 147 PHE B CZ  1 
ATOM   1290 N N   . LEU B 1 94 ? 4.472   -2.447  9.195   1.00 44.91 ? 148 LEU B N   1 
ATOM   1291 C CA  . LEU B 1 94 ? 3.946   -2.608  10.482  1.00 44.32 ? 148 LEU B CA  1 
ATOM   1292 C C   . LEU B 1 94 ? 4.290   -3.928  11.190  1.00 46.88 ? 148 LEU B C   1 
ATOM   1293 O O   . LEU B 1 94 ? 4.065   -5.011  10.706  1.00 45.04 ? 148 LEU B O   1 
ATOM   1294 C CB  . LEU B 1 94 ? 2.421   -2.361  10.437  1.00 42.69 ? 148 LEU B CB  1 
ATOM   1295 C CG  . LEU B 1 94 ? 2.125   -0.842  10.023  1.00 37.07 ? 148 LEU B CG  1 
ATOM   1296 C CD1 . LEU B 1 94 ? 0.681   -0.398  10.337  1.00 38.76 ? 148 LEU B CD1 1 
ATOM   1297 C CD2 . LEU B 1 94 ? 3.117   0.203   10.617  1.00 34.97 ? 148 LEU B CD2 1 
ATOM   1298 N N   . ARG B 1 95 ? 4.616   -3.794  12.461  1.00 50.36 ? 149 ARG B N   1 
ATOM   1299 C CA  . ARG B 1 95 ? 5.098   -4.903  13.268  1.00 53.12 ? 149 ARG B CA  1 
ATOM   1300 C C   . ARG B 1 95 ? 4.621   -4.843  14.739  1.00 52.80 ? 149 ARG B C   1 
ATOM   1301 O O   . ARG B 1 95 ? 5.042   -3.863  15.395  1.00 53.81 ? 149 ARG B O   1 
ATOM   1302 C CB  . ARG B 1 95 ? 6.680   -4.901  13.173  1.00 54.10 ? 149 ARG B CB  1 
HETATM 1303 O O9  . S1S C 2 .  ? 3.737   17.037  12.630  1.00 64.15 ? 201 S1S A O9  1 
HETATM 1304 C C40 . S1S C 2 .  ? 3.988   15.865  12.162  1.00 55.12 ? 201 S1S A C40 1 
HETATM 1305 O O8  . S1S C 2 .  ? 4.350   14.830  12.769  1.00 55.53 ? 201 S1S A O8  1 
HETATM 1306 C C39 . S1S C 2 .  ? 3.988   15.693  10.700  1.00 51.00 ? 201 S1S A C39 1 
HETATM 1307 C C38 . S1S C 2 .  ? 2.777   15.154  9.936   1.00 48.29 ? 201 S1S A C38 1 
HETATM 1308 C C15 . S1S C 2 .  ? 1.591   14.351  10.419  1.00 41.86 ? 201 S1S A C15 1 
HETATM 1309 C C16 . S1S C 2 .  ? 0.970   14.549  11.755  1.00 37.71 ? 201 S1S A C16 1 
HETATM 1310 C C17 . S1S C 2 .  ? 0.713   13.401  12.499  1.00 37.69 ? 201 S1S A C17 1 
HETATM 1311 C C18 . S1S C 2 .  ? 0.216   13.478  13.734  1.00 34.46 ? 201 S1S A C18 1 
HETATM 1312 C C19 . S1S C 2 .  ? -0.094  14.739  14.190  1.00 36.56 ? 201 S1S A C19 1 
HETATM 1313 C C22 . S1S C 2 .  ? -0.752  14.940  15.507  1.00 45.75 ? 201 S1S A C22 1 
HETATM 1314 C C24 . S1S C 2 .  ? -2.260  15.290  15.510  1.00 56.92 ? 201 S1S A C24 1 
HETATM 1315 O O3  . S1S C 2 .  ? -3.186  14.629  15.001  1.00 57.95 ? 201 S1S A O3  1 
HETATM 1316 O O2  . S1S C 2 .  ? -2.580  16.310  16.154  1.00 63.81 ? 201 S1S A O2  1 
HETATM 1317 C C23 . S1S C 2 .  ? -0.589  13.864  16.487  1.00 45.28 ? 201 S1S A C23 1 
HETATM 1318 O O1  . S1S C 2 .  ? -1.640  13.369  17.006  1.00 42.86 ? 201 S1S A O1  1 
HETATM 1319 O O   . S1S C 2 .  ? 0.611   13.580  16.777  1.00 42.98 ? 201 S1S A O   1 
HETATM 1320 C C20 . S1S C 2 .  ? 0.085   15.904  13.455  1.00 38.89 ? 201 S1S A C20 1 
HETATM 1321 C C21 . S1S C 2 .  ? 0.628   15.838  12.187  1.00 40.22 ? 201 S1S A C21 1 
HETATM 1322 C C14 . S1S C 2 .  ? 0.422   14.718  9.517   1.00 44.23 ? 201 S1S A C14 1 
HETATM 1323 C C13 . S1S C 2 .  ? 0.185   15.734  8.666   1.00 47.84 ? 201 S1S A C13 1 
HETATM 1324 C C12 . S1S C 2 .  ? -1.178  15.827  7.910   1.00 50.92 ? 201 S1S A C12 1 
HETATM 1325 C C37 . S1S C 2 .  ? 3.322   14.604  8.591   1.00 45.10 ? 201 S1S A C37 1 
HETATM 1326 O O7  . S1S C 2 .  ? 3.233   15.459  7.766   1.00 49.11 ? 201 S1S A O7  1 
HETATM 1327 N N3  . S1S C 2 .  ? 3.821   13.384  8.392   1.00 43.75 ? 201 S1S A N3  1 
HETATM 1328 C C31 . S1S C 2 .  ? 4.537   12.818  7.216   1.00 46.02 ? 201 S1S A C31 1 
HETATM 1329 C C32 . S1S C 2 .  ? 5.925   13.493  7.122   1.00 43.12 ? 201 S1S A C32 1 
HETATM 1330 C C33 . S1S C 2 .  ? 6.899   12.950  8.230   1.00 47.07 ? 201 S1S A C33 1 
HETATM 1331 C C34 . S1S C 2 .  ? 7.068   11.413  8.162   1.00 48.34 ? 201 S1S A C34 1 
HETATM 1332 C C35 . S1S C 2 .  ? 5.698   10.813  8.495   1.00 47.49 ? 201 S1S A C35 1 
HETATM 1333 C C36 . S1S C 2 .  ? 4.766   11.280  7.332   1.00 47.31 ? 201 S1S A C36 1 
HETATM 1334 C C30 . S1S C 2 .  ? 3.641   12.882  5.897   1.00 48.94 ? 201 S1S A C30 1 
HETATM 1335 O O6  . S1S C 2 .  ? 4.088   12.785  4.849   1.00 52.01 ? 201 S1S A O6  1 
HETATM 1336 N N2  . S1S C 2 .  ? 2.366   12.929  6.180   1.00 52.41 ? 201 S1S A N2  1 
HETATM 1337 C C27 . S1S C 2 .  ? 1.117   12.635  5.545   1.00 42.90 ? 201 S1S A C27 1 
HETATM 1338 C C28 . S1S C 2 .  ? 0.625   11.291  5.022   1.00 42.10 ? 201 S1S A C28 1 
HETATM 1339 C C29 . S1S C 2 .  ? -0.192  11.100  6.413   1.00 45.50 ? 201 S1S A C29 1 
HETATM 1340 N N1  . S1S C 2 .  ? -1.095  10.192  6.499   1.00 37.55 ? 201 S1S A N1  1 
HETATM 1341 O O5  . S1S C 2 .  ? -0.036  11.753  7.521   1.00 35.20 ? 201 S1S A O5  1 
HETATM 1342 C C26 . S1S C 2 .  ? 0.437   13.828  5.119   1.00 42.95 ? 201 S1S A C26 1 
HETATM 1343 O O4  . S1S C 2 .  ? -0.546  13.810  4.410   1.00 38.78 ? 201 S1S A O4  1 
HETATM 1344 N N   . S1S C 2 .  ? 0.733   14.921  5.831   1.00 42.40 ? 201 S1S A N   1 
HETATM 1345 C C25 . S1S C 2 .  ? -0.121  16.026  5.515   1.00 40.75 ? 201 S1S A C25 1 
HETATM 1346 C C11 . S1S C 2 .  ? -1.387  15.992  6.310   1.00 46.22 ? 201 S1S A C11 1 
HETATM 1347 C C10 . S1S C 2 .  ? -2.283  17.180  5.809   1.00 47.69 ? 201 S1S A C10 1 
HETATM 1348 C C   . S1S C 2 .  ? -3.675  16.985  6.411   1.00 50.06 ? 201 S1S A C   1 
HETATM 1349 C C1  . S1S C 2 .  ? -4.435  16.044  5.802   1.00 51.82 ? 201 S1S A C1  1 
HETATM 1350 C C2  . S1S C 2 .  ? -5.708  15.757  6.313   1.00 53.56 ? 201 S1S A C2  1 
HETATM 1351 C C3  . S1S C 2 .  ? -6.244  16.328  7.442   1.00 55.86 ? 201 S1S A C3  1 
HETATM 1352 C C9  . S1S C 2 .  ? -5.480  17.282  8.092   1.00 53.37 ? 201 S1S A C9  1 
HETATM 1353 C C8  . S1S C 2 .  ? -4.238  17.643  7.627   1.00 49.62 ? 201 S1S A C8  1 
HETATM 1354 C C7  . S1S C 2 .  ? -3.505  18.587  8.364   1.00 55.05 ? 201 S1S A C7  1 
HETATM 1355 C C6  . S1S C 2 .  ? -4.074  19.199  9.549   1.00 59.24 ? 201 S1S A C6  1 
HETATM 1356 C C5  . S1S C 2 .  ? -5.356  18.805  9.969   1.00 56.61 ? 201 S1S A C5  1 
HETATM 1357 C C4  . S1S C 2 .  ? -6.033  17.822  9.228   1.00 54.78 ? 201 S1S A C4  1 
HETATM 1358 O O9  . S1S D 2 .  ? -11.370 -1.400  -7.120  1.00 33.64 ? 401 S1S A O9  1 
HETATM 1359 C C40 . S1S D 2 .  ? -11.028 -1.393  -5.863  1.00 36.15 ? 401 S1S A C40 1 
HETATM 1360 O O8  . S1S D 2 .  ? -9.825  -1.187  -5.554  1.00 35.34 ? 401 S1S A O8  1 
HETATM 1361 C C39 . S1S D 2 .  ? -12.082 -1.312  -4.807  1.00 33.94 ? 401 S1S A C39 1 
HETATM 1362 C C38 . S1S D 2 .  ? -11.883 -1.740  -3.354  1.00 34.30 ? 401 S1S A C38 1 
HETATM 1363 C C15 . S1S D 2 .  ? -12.793 -1.274  -2.215  1.00 34.08 ? 401 S1S A C15 1 
HETATM 1364 C C16 . S1S D 2 .  ? -13.338 0.068   -2.222  1.00 35.59 ? 401 S1S A C16 1 
HETATM 1365 C C17 . S1S D 2 .  ? -14.534 0.365   -2.803  1.00 35.26 ? 401 S1S A C17 1 
HETATM 1366 C C18 . S1S D 2 .  ? -15.022 1.652   -2.734  1.00 40.41 ? 401 S1S A C18 1 
HETATM 1367 C C19 . S1S D 2 .  ? -14.397 2.789   -2.167  1.00 41.26 ? 401 S1S A C19 1 
HETATM 1368 C C22 . S1S D 2 .  ? -15.099 4.176   -2.207  1.00 45.50 ? 401 S1S A C22 1 
HETATM 1369 C C24 . S1S D 2 .  ? -16.415 3.969   -1.384  1.00 59.61 ? 401 S1S A C24 1 
HETATM 1370 O O3  . S1S D 2 .  ? -17.605 4.509   -1.640  1.00 66.34 ? 401 S1S A O3  1 
HETATM 1371 O O2  . S1S D 2 .  ? -16.336 3.137   -0.410  1.00 64.95 ? 401 S1S A O2  1 
HETATM 1372 C C23 . S1S D 2 .  ? -14.186 5.231   -1.679  1.00 45.11 ? 401 S1S A C23 1 
HETATM 1373 O O1  . S1S D 2 .  ? -13.347 5.751   -2.411  1.00 44.16 ? 401 S1S A O1  1 
HETATM 1374 O O   . S1S D 2 .  ? -14.157 5.474   -0.480  1.00 42.95 ? 401 S1S A O   1 
HETATM 1375 C C20 . S1S D 2 .  ? -13.180 2.480   -1.607  1.00 42.05 ? 401 S1S A C20 1 
HETATM 1376 C C21 . S1S D 2 .  ? -12.706 1.149   -1.612  1.00 37.41 ? 401 S1S A C21 1 
HETATM 1377 C C14 . S1S D 2 .  ? -13.857 -2.397  -2.464  1.00 37.81 ? 401 S1S A C14 1 
HETATM 1378 C C13 . S1S D 2 .  ? -14.148 -3.370  -1.591  1.00 36.74 ? 401 S1S A C13 1 
HETATM 1379 C C12 . S1S D 2 .  ? -15.169 -4.579  -1.762  1.00 39.72 ? 401 S1S A C12 1 
HETATM 1380 C C37 . S1S D 2 .  ? -10.723 -2.615  -2.876  1.00 33.58 ? 401 S1S A C37 1 
HETATM 1381 O O7  . S1S D 2 .  ? -11.051 -3.792  -3.207  1.00 27.97 ? 401 S1S A O7  1 
HETATM 1382 N N3  . S1S D 2 .  ? -9.620  -2.370  -2.161  1.00 32.29 ? 401 S1S A N3  1 
HETATM 1383 C C31 . S1S D 2 .  ? -8.394  -3.336  -1.996  1.00 34.20 ? 401 S1S A C31 1 
HETATM 1384 C C32 . S1S D 2 .  ? -7.704  -2.585  -0.883  1.00 33.44 ? 401 S1S A C32 1 
HETATM 1385 C C33 . S1S D 2 .  ? -6.467  -3.476  -0.630  1.00 26.18 ? 401 S1S A C33 1 
HETATM 1386 C C34 . S1S D 2 .  ? -5.645  -3.647  -1.958  1.00 32.78 ? 401 S1S A C34 1 
HETATM 1387 C C35 . S1S D 2 .  ? -6.429  -4.252  -3.092  1.00 35.67 ? 401 S1S A C35 1 
HETATM 1388 C C36 . S1S D 2 .  ? -7.701  -3.376  -3.351  1.00 31.23 ? 401 S1S A C36 1 
HETATM 1389 C C30 . S1S D 2 .  ? -9.012  -4.665  -1.654  1.00 36.85 ? 401 S1S A C30 1 
HETATM 1390 O O6  . S1S D 2 .  ? -8.743  -5.813  -2.162  1.00 34.29 ? 401 S1S A O6  1 
HETATM 1391 N N2  . S1S D 2 .  ? -9.881  -4.520  -0.698  1.00 35.78 ? 401 S1S A N2  1 
HETATM 1392 C C27 . S1S D 2 .  ? -10.685 -5.517  0.044   1.00 42.04 ? 401 S1S A C27 1 
HETATM 1393 C C28 . S1S D 2 .  ? -10.537 -6.033  1.545   1.00 41.63 ? 401 S1S A C28 1 
HETATM 1394 C C29 . S1S D 2 .  ? -9.179  -5.742  2.256   1.00 41.29 ? 401 S1S A C29 1 
HETATM 1395 N N1  . S1S D 2 .  ? -9.274  -5.127  3.409   1.00 36.30 ? 401 S1S A N1  1 
HETATM 1396 O O5  . S1S D 2 .  ? -8.150  -6.053  1.749   1.00 41.30 ? 401 S1S A O5  1 
HETATM 1397 C C26 . S1S D 2 .  ? -11.697 -6.294  -0.687  1.00 37.56 ? 401 S1S A C26 1 
HETATM 1398 O O4  . S1S D 2 .  ? -12.271 -7.228  -0.203  1.00 36.21 ? 401 S1S A O4  1 
HETATM 1399 N N   . S1S D 2 .  ? -12.163 -5.686  -1.734  1.00 37.65 ? 401 S1S A N   1 
HETATM 1400 C C25 . S1S D 2 .  ? -13.383 -6.363  -2.294  1.00 39.89 ? 401 S1S A C25 1 
HETATM 1401 C C11 . S1S D 2 .  ? -14.627 -5.969  -1.480  1.00 37.48 ? 401 S1S A C11 1 
HETATM 1402 C C10 . S1S D 2 .  ? -15.692 -7.048  -1.819  1.00 47.42 ? 401 S1S A C10 1 
HETATM 1403 C C   . S1S D 2 .  ? -16.707 -7.152  -0.677  1.00 46.09 ? 401 S1S A C   1 
HETATM 1404 C C1  . S1S D 2 .  ? -16.396 -7.819  0.546   1.00 48.82 ? 401 S1S A C1  1 
HETATM 1405 C C2  . S1S D 2 .  ? -17.255 -7.874  1.612   1.00 46.05 ? 401 S1S A C2  1 
HETATM 1406 C C3  . S1S D 2 .  ? -18.475 -7.217  1.497   1.00 44.54 ? 401 S1S A C3  1 
HETATM 1407 C C9  . S1S D 2 .  ? -18.799 -6.550  0.351   1.00 46.72 ? 401 S1S A C9  1 
HETATM 1408 C C8  . S1S D 2 .  ? -17.963 -6.461  -0.768  1.00 44.20 ? 401 S1S A C8  1 
HETATM 1409 C C7  . S1S D 2 .  ? -18.284 -5.774  -1.922  1.00 43.10 ? 401 S1S A C7  1 
HETATM 1410 C C6  . S1S D 2 .  ? -19.557 -5.187  -1.986  1.00 42.22 ? 401 S1S A C6  1 
HETATM 1411 C C5  . S1S D 2 .  ? -20.402 -5.217  -0.868  1.00 45.50 ? 401 S1S A C5  1 
HETATM 1412 C C4  . S1S D 2 .  ? -20.035 -5.934  0.277   1.00 49.03 ? 401 S1S A C4  1 
HETATM 1413 O O9  . S1S E 2 .  ? -10.382 -10.245 -16.738 1.00 34.83 ? 301 S1S B O9  1 
HETATM 1414 C C40 . S1S E 2 .  ? -11.446 -10.104 -16.118 1.00 39.51 ? 301 S1S B C40 1 
HETATM 1415 O O8  . S1S E 2 .  ? -12.039 -11.085 -15.452 1.00 42.45 ? 301 S1S B O8  1 
HETATM 1416 C C39 . S1S E 2 .  ? -11.783 -8.573  -16.150 1.00 34.49 ? 301 S1S B C39 1 
HETATM 1417 C C38 . S1S E 2 .  ? -10.720 -7.645  -15.455 1.00 33.72 ? 301 S1S B C38 1 
HETATM 1418 C C15 . S1S E 2 .  ? -10.577 -6.113  -15.775 1.00 35.62 ? 301 S1S B C15 1 
HETATM 1419 C C16 . S1S E 2 .  ? -10.373 -5.780  -17.216 1.00 32.90 ? 301 S1S B C16 1 
HETATM 1420 C C17 . S1S E 2 .  ? -11.468 -5.627  -18.055 1.00 38.02 ? 301 S1S B C17 1 
HETATM 1421 C C18 . S1S E 2 .  ? -11.244 -5.446  -19.435 1.00 39.46 ? 301 S1S B C18 1 
HETATM 1422 C C19 . S1S E 2 .  ? -9.953  -5.406  -19.992 1.00 50.86 ? 301 S1S B C19 1 
HETATM 1423 C C22 . S1S E 2 .  ? -9.886  -5.144  -21.475 1.00 54.83 ? 301 S1S B C22 1 
HETATM 1424 C C24 . S1S E 2 .  ? -9.953  -3.706  -21.812 1.00 57.15 ? 301 S1S B C24 1 
HETATM 1425 O O3  . S1S E 2 .  ? -9.707  -2.911  -20.890 1.00 71.56 ? 301 S1S B O3  1 
HETATM 1426 O O2  . S1S E 2 .  ? -10.354 -3.278  -22.914 1.00 66.13 ? 301 S1S B O2  1 
HETATM 1427 C C23 . S1S E 2 .  ? -8.760  -5.874  -22.089 1.00 58.05 ? 301 S1S B C23 1 
HETATM 1428 O O1  . S1S E 2 .  ? -7.942  -5.243  -22.807 1.00 60.63 ? 301 S1S B O1  1 
HETATM 1429 O O   . S1S E 2 .  ? -8.810  -7.130  -21.883 1.00 56.54 ? 301 S1S B O   1 
HETATM 1430 C C20 . S1S E 2 .  ? -8.805  -5.641  -19.125 1.00 41.55 ? 301 S1S B C20 1 
HETATM 1431 C C21 . S1S E 2 .  ? -9.090  -5.886  -17.786 1.00 34.93 ? 301 S1S B C21 1 
HETATM 1432 C C14 . S1S E 2 .  ? -11.851 -5.417  -15.199 1.00 33.79 ? 301 S1S B C14 1 
HETATM 1433 C C13 . S1S E 2 .  ? -11.788 -4.334  -14.404 1.00 33.73 ? 301 S1S B C13 1 
HETATM 1434 C C12 . S1S E 2 .  ? -12.976 -3.607  -13.764 1.00 32.00 ? 301 S1S B C12 1 
HETATM 1435 C C37 . S1S E 2 .  ? -10.393 -7.997  -14.074 1.00 28.62 ? 301 S1S B C37 1 
HETATM 1436 O O7  . S1S E 2 .  ? -11.369 -7.786  -13.327 1.00 36.93 ? 301 S1S B O7  1 
HETATM 1437 N N3  . S1S E 2 .  ? -9.251  -8.369  -13.464 1.00 28.95 ? 301 S1S B N3  1 
HETATM 1438 C C31 . S1S E 2 .  ? -9.088  -8.873  -12.064 1.00 19.56 ? 301 S1S B C31 1 
HETATM 1439 C C32 . S1S E 2 .  ? -7.523  -9.004  -12.154 1.00 34.10 ? 301 S1S B C32 1 
HETATM 1440 C C33 . S1S E 2 .  ? -6.986  -10.316 -12.730 1.00 38.24 ? 301 S1S B C33 1 
HETATM 1441 C C34 . S1S E 2 .  ? -7.762  -11.578 -12.210 1.00 36.27 ? 301 S1S B C34 1 
HETATM 1442 C C35 . S1S E 2 .  ? -9.204  -11.472 -12.492 1.00 37.91 ? 301 S1S B C35 1 
HETATM 1443 C C36 . S1S E 2 .  ? -9.854  -10.099 -11.936 1.00 27.55 ? 301 S1S B C36 1 
HETATM 1444 C C30 . S1S E 2 .  ? -9.517  -7.762  -11.177 1.00 22.32 ? 301 S1S B C30 1 
HETATM 1445 O O6  . S1S E 2 .  ? -10.093 -8.031  -10.174 1.00 29.55 ? 301 S1S B O6  1 
HETATM 1446 N N2  . S1S E 2 .  ? -9.088  -6.602  -11.480 1.00 29.14 ? 301 S1S B N2  1 
HETATM 1447 C C27 . S1S E 2 .  ? -9.345  -5.189  -11.100 1.00 33.38 ? 301 S1S B C27 1 
HETATM 1448 C C28 . S1S E 2 .  ? -8.200  -4.396  -10.793 1.00 20.60 ? 301 S1S B C28 1 
HETATM 1449 C C29 . S1S E 2 .  ? -8.041  -3.847  -12.016 1.00 25.73 ? 301 S1S B C29 1 
HETATM 1450 N N1  . S1S E 2 .  ? -7.587  -2.636  -12.101 1.00 31.35 ? 301 S1S B N1  1 
HETATM 1451 O O5  . S1S E 2 .  ? -8.314  -4.487  -13.011 1.00 25.87 ? 301 S1S B O5  1 
HETATM 1452 C C26 . S1S E 2 .  ? -10.736 -4.495  -10.809 1.00 34.22 ? 301 S1S B C26 1 
HETATM 1453 O O4  . S1S E 2 .  ? -10.975 -3.595  -9.988  1.00 31.97 ? 301 S1S B O4  1 
HETATM 1454 N N   . S1S E 2 .  ? -11.659 -5.120  -11.577 1.00 31.95 ? 301 S1S B N   1 
HETATM 1455 C C25 . S1S E 2 .  ? -13.169 -4.696  -11.488 1.00 29.29 ? 301 S1S B C25 1 
HETATM 1456 C C11 . S1S E 2 .  ? -13.081 -3.364  -12.263 1.00 29.92 ? 301 S1S B C11 1 
HETATM 1457 C C10 . S1S E 2 .  ? -14.436 -2.661  -12.034 1.00 35.01 ? 301 S1S B C10 1 
HETATM 1458 C C   . S1S E 2 .  ? -14.466 -1.229  -12.539 1.00 34.67 ? 301 S1S B C   1 
HETATM 1459 C C1  . S1S E 2 .  ? -15.214 -0.915  -13.681 1.00 38.52 ? 301 S1S B C1  1 
HETATM 1460 C C2  . S1S E 2 .  ? -15.394 0.475   -14.062 1.00 40.59 ? 301 S1S B C2  1 
HETATM 1461 C C3  . S1S E 2 .  ? -14.705 1.512   -13.413 1.00 38.46 ? 301 S1S B C3  1 
HETATM 1462 C C9  . S1S E 2 .  ? -13.957 1.235   -12.233 1.00 37.38 ? 301 S1S B C9  1 
HETATM 1463 C C8  . S1S E 2 .  ? -13.774 -0.118  -11.787 1.00 35.10 ? 301 S1S B C8  1 
HETATM 1464 C C7  . S1S E 2 .  ? -12.990 -0.395  -10.565 1.00 37.87 ? 301 S1S B C7  1 
HETATM 1465 C C6  . S1S E 2 .  ? -12.459 0.726   -9.857  1.00 35.41 ? 301 S1S B C6  1 
HETATM 1466 C C5  . S1S E 2 .  ? -12.586 2.017   -10.362 1.00 38.97 ? 301 S1S B C5  1 
HETATM 1467 C C4  . S1S E 2 .  ? -13.278 2.330   -11.513 1.00 36.60 ? 301 S1S B C4  1 
HETATM 1468 O O22 . P33 F 3 .  ? -16.564 3.216   -19.870 1.00 74.48 ? 501 P33 B O22 1 
HETATM 1469 C C21 . P33 F 3 .  ? -16.914 2.122   -19.035 1.00 72.18 ? 501 P33 B C21 1 
HETATM 1470 C C20 . P33 F 3 .  ? -16.413 2.281   -17.605 1.00 70.39 ? 501 P33 B C20 1 
HETATM 1471 O O19 . P33 F 3 .  ? -17.062 3.302   -16.828 1.00 69.03 ? 501 P33 B O19 1 
HETATM 1472 C C18 . P33 F 3 .  ? -16.372 4.585   -16.975 1.00 66.06 ? 501 P33 B C18 1 
HETATM 1473 C C17 . P33 F 3 .  ? -15.761 5.199   -15.694 1.00 61.04 ? 501 P33 B C17 1 
HETATM 1474 O O16 . P33 F 3 .  ? -14.434 4.590   -15.305 1.00 54.83 ? 501 P33 B O16 1 
HETATM 1475 C C15 . P33 F 3 .  ? -13.356 5.493   -15.158 1.00 55.81 ? 501 P33 B C15 1 
HETATM 1476 C C14 . P33 F 3 .  ? -13.829 6.769   -14.382 1.00 48.05 ? 501 P33 B C14 1 
HETATM 1477 O O13 . P33 F 3 .  ? -13.604 6.812   -13.005 1.00 60.03 ? 501 P33 B O13 1 
HETATM 1478 C C12 . P33 F 3 .  ? -12.315 6.209   -12.602 1.00 61.10 ? 501 P33 B C12 1 
HETATM 1479 C C11 . P33 F 3 .  ? -12.452 6.355   -11.061 1.00 67.79 ? 501 P33 B C11 1 
HETATM 1480 O O10 . P33 F 3 .  ? -11.970 7.601   -10.498 1.00 69.29 ? 501 P33 B O10 1 
HETATM 1481 C C9  . P33 F 3 .  ? -11.336 7.466   -9.174  1.00 74.19 ? 501 P33 B C9  1 
HETATM 1482 C C8  . P33 F 3 .  ? -12.150 6.652   -8.148  1.00 76.62 ? 501 P33 B C8  1 
HETATM 1483 O O7  . P33 F 3 .  ? -13.587 6.983   -8.081  1.00 76.56 ? 501 P33 B O7  1 
HETATM 1484 C C6  . P33 F 3 .  ? -14.415 5.786   -7.943  1.00 74.00 ? 501 P33 B C6  1 
HETATM 1485 C C5  . P33 F 3 .  ? -14.332 5.144   -6.552  1.00 73.96 ? 501 P33 B C5  1 
HETATM 1486 O O4  . P33 F 3 .  ? -15.293 4.098   -6.335  1.00 70.54 ? 501 P33 B O4  1 
HETATM 1487 C C3  . P33 F 3 .  ? -14.707 2.837   -6.665  1.00 64.02 ? 501 P33 B C3  1 
HETATM 1488 C C2  . P33 F 3 .  ? -15.770 1.805   -6.933  1.00 64.59 ? 501 P33 B C2  1 
HETATM 1489 O O1  . P33 F 3 .  ? -15.203 0.488   -7.069  1.00 60.58 ? 501 P33 B O1  1 
HETATM 1490 O O   . HOH G 4 .  ? -9.933  -1.416  -8.901  1.00 26.88 ? 402 HOH A O   1 
HETATM 1491 O O   . HOH G 4 .  ? -5.828  8.883   30.138  1.00 43.83 ? 403 HOH A O   1 
HETATM 1492 O O   . HOH G 4 .  ? -12.128 6.885   -4.274  1.00 44.50 ? 404 HOH A O   1 
HETATM 1493 O O   . HOH G 4 .  ? -13.563 1.599   12.846  1.00 41.74 ? 405 HOH A O   1 
HETATM 1494 O O   . HOH G 4 .  ? -9.338  -9.490  -7.693  1.00 30.87 ? 406 HOH A O   1 
HETATM 1495 O O   . HOH G 4 .  ? 11.721  -5.313  -0.983  1.00 55.15 ? 407 HOH A O   1 
HETATM 1496 O O   . HOH G 4 .  ? -6.541  -9.435  -7.853  1.00 33.39 ? 408 HOH A O   1 
HETATM 1497 O O   . HOH G 4 .  ? -2.106  -4.580  -3.674  1.00 47.00 ? 409 HOH A O   1 
HETATM 1498 O O   . HOH G 4 .  ? -9.210  13.033  6.501   1.00 30.22 ? 410 HOH A O   1 
HETATM 1499 O O   . HOH G 4 .  ? 7.950   14.376  17.183  1.00 52.77 ? 411 HOH A O   1 
HETATM 1500 O O   . HOH G 4 .  ? -8.565  9.268   11.485  1.00 36.11 ? 412 HOH A O   1 
HETATM 1501 O O   . HOH G 4 .  ? -12.981 3.384   14.792  1.00 47.75 ? 413 HOH A O   1 
HETATM 1502 O O   . HOH G 4 .  ? 11.872  6.847   5.668   1.00 59.33 ? 414 HOH A O   1 
HETATM 1503 O O   . HOH G 4 .  ? -14.205 4.518   16.219  1.00 51.52 ? 415 HOH A O   1 
HETATM 1504 O O   . HOH G 4 .  ? 14.849  -3.957  12.217  1.00 61.47 ? 416 HOH A O   1 
HETATM 1505 O O   . HOH G 4 .  ? -12.465 -4.814  -7.862  1.00 33.20 ? 417 HOH A O   1 
HETATM 1506 O O   . HOH G 4 .  ? 7.041   2.389   27.470  1.00 36.49 ? 418 HOH A O   1 
HETATM 1507 O O   . HOH G 4 .  ? 4.286   -2.496  19.829  1.00 53.43 ? 419 HOH A O   1 
HETATM 1508 O O   . HOH G 4 .  ? 8.371   3.903   27.569  1.00 54.38 ? 420 HOH A O   1 
HETATM 1509 O O   . HOH G 4 .  ? -13.107 2.311   16.900  1.00 40.87 ? 421 HOH A O   1 
HETATM 1510 O O   . HOH G 4 .  ? -11.924 14.127  5.204   1.00 48.02 ? 422 HOH A O   1 
HETATM 1511 O O   . HOH G 4 .  ? 9.407   -7.955  -8.704  1.00 52.04 ? 423 HOH A O   1 
HETATM 1512 O O   . HOH G 4 .  ? -2.069  0.042   -7.106  1.00 46.17 ? 424 HOH A O   1 
HETATM 1513 O O   . HOH G 4 .  ? 1.820   -2.882  17.964  1.00 48.29 ? 425 HOH A O   1 
HETATM 1514 O O   . HOH G 4 .  ? 4.176   0.830   26.586  1.00 31.18 ? 426 HOH A O   1 
HETATM 1515 O O   . HOH G 4 .  ? -12.603 13.719  3.025   1.00 46.16 ? 427 HOH A O   1 
HETATM 1516 O O   . HOH G 4 .  ? -11.781 12.902  0.146   1.00 50.05 ? 428 HOH A O   1 
HETATM 1517 O O   . HOH G 4 .  ? 10.128  -5.325  -13.857 1.00 49.19 ? 429 HOH A O   1 
HETATM 1518 O O   . HOH G 4 .  ? -6.235  5.612   26.870  1.00 38.31 ? 430 HOH A O   1 
HETATM 1519 O O   . HOH G 4 .  ? 5.888   -1.163  -3.792  1.00 46.80 ? 431 HOH A O   1 
HETATM 1520 O O   . HOH G 4 .  ? 4.666   -0.429  25.364  1.00 47.96 ? 432 HOH A O   1 
HETATM 1521 O O   . HOH G 4 .  ? -14.567 5.117   18.581  1.00 50.94 ? 433 HOH A O   1 
HETATM 1522 O O   . HOH G 4 .  ? -13.469 5.749   22.856  1.00 59.42 ? 434 HOH A O   1 
HETATM 1523 O O   . HOH G 4 .  ? -16.195 1.900   14.258  1.00 49.08 ? 435 HOH A O   1 
HETATM 1524 O O   . HOH G 4 .  ? 4.738   -5.505  20.674  1.00 52.87 ? 436 HOH A O   1 
HETATM 1525 O O   . HOH G 4 .  ? -3.687  11.764  27.100  1.00 53.97 ? 437 HOH A O   1 
HETATM 1526 O O   . HOH G 4 .  ? -10.311 15.280  9.526   1.00 62.95 ? 438 HOH A O   1 
HETATM 1527 O O   . HOH G 4 .  ? -11.455 6.567   20.257  1.00 44.68 ? 439 HOH A O   1 
HETATM 1528 O O   . HOH G 4 .  ? 1.083   10.361  -7.110  1.00 71.67 ? 440 HOH A O   1 
HETATM 1529 O O   . HOH G 4 .  ? 0.108   12.915  -15.513 1.00 62.95 ? 441 HOH A O   1 
HETATM 1530 O O   . HOH G 4 .  ? 8.157   -1.205  -18.345 1.00 48.43 ? 442 HOH A O   1 
HETATM 1531 O O   . HOH G 4 .  ? 6.362   0.437   -18.894 1.00 55.52 ? 443 HOH A O   1 
HETATM 1532 O O   . HOH G 4 .  ? -3.315  -11.427 0.179   1.00 58.40 ? 444 HOH A O   1 
HETATM 1533 O O   . HOH G 4 .  ? 3.863   -5.383  -12.315 1.00 53.77 ? 445 HOH A O   1 
HETATM 1534 O O   . HOH G 4 .  ? 9.472   -11.438 -11.236 1.00 52.36 ? 446 HOH A O   1 
HETATM 1535 O O   . HOH G 4 .  ? -8.909  14.946  4.791   1.00 45.93 ? 447 HOH A O   1 
HETATM 1536 O O   . HOH G 4 .  ? -12.512 -3.235  22.455  1.00 54.42 ? 448 HOH A O   1 
HETATM 1537 O O   . HOH G 4 .  ? -4.006  6.533   30.753  1.00 68.60 ? 449 HOH A O   1 
HETATM 1538 O O   . HOH G 4 .  ? -17.595 3.677   14.222  1.00 59.18 ? 450 HOH A O   1 
HETATM 1539 O O   . HOH G 4 .  ? -7.021  1.913   25.539  1.00 49.55 ? 451 HOH A O   1 
HETATM 1540 O O   . HOH G 4 .  ? -8.745  3.296   25.882  1.00 58.35 ? 452 HOH A O   1 
HETATM 1541 O O   . HOH G 4 .  ? -9.929  5.986   24.603  1.00 50.58 ? 453 HOH A O   1 
HETATM 1542 O O   . HOH G 4 .  ? -9.188  0.911   24.925  0.50 40.54 ? 454 HOH A O   1 
HETATM 1543 O O   . HOH G 4 .  ? 8.440   -6.666  -1.848  0.50 55.52 ? 455 HOH A O   1 
HETATM 1544 O O   . HOH G 4 .  ? -6.196  14.663  3.085   1.00 59.62 ? 456 HOH A O   1 
HETATM 1545 O O   . HOH G 4 .  ? -22.223 5.076   -3.757  1.00 57.98 ? 457 HOH A O   1 
HETATM 1546 O O   . HOH G 4 .  ? -19.999 5.273   -1.401  1.00 62.56 ? 458 HOH A O   1 
HETATM 1547 O O   . HOH G 4 .  ? -9.631  12.865  3.006   1.00 50.47 ? 459 HOH A O   1 
HETATM 1548 O O   . HOH G 4 .  ? -24.311 3.272   -1.962  1.00 67.68 ? 460 HOH A O   1 
HETATM 1549 O O   . HOH G 4 .  ? -1.445  6.736   28.645  1.00 56.85 ? 461 HOH A O   1 
HETATM 1550 O O   . HOH G 4 .  ? 0.374   4.851   28.336  1.00 54.15 ? 462 HOH A O   1 
HETATM 1551 O O   . HOH G 4 .  ? 16.666  2.704   9.436   1.00 61.06 ? 463 HOH A O   1 
HETATM 1552 O O   . HOH G 4 .  ? -9.769  -3.376  20.347  1.00 58.62 ? 464 HOH A O   1 
HETATM 1553 O O   . HOH G 4 .  ? -12.235 -0.512  19.032  1.00 42.50 ? 465 HOH A O   1 
HETATM 1554 O O   . HOH G 4 .  ? -10.250 0.723   17.933  1.00 53.30 ? 466 HOH A O   1 
HETATM 1555 O O   . HOH G 4 .  ? -15.117 -2.960  17.613  1.00 58.42 ? 467 HOH A O   1 
HETATM 1556 O O   . HOH G 4 .  ? -14.623 -3.065  15.480  1.00 55.31 ? 468 HOH A O   1 
HETATM 1557 O O   . HOH H 4 .  ? 1.866   -11.704 4.642   1.00 53.49 ? 502 HOH B O   1 
HETATM 1558 O O   . HOH H 4 .  ? 0.561   -5.867  16.431  1.00 53.73 ? 503 HOH B O   1 
HETATM 1559 O O   . HOH H 4 .  ? -2.377  -2.350  -3.990  1.00 47.85 ? 504 HOH B O   1 
HETATM 1560 O O   . HOH H 4 .  ? -3.328  3.285   3.367   1.00 39.65 ? 505 HOH B O   1 
HETATM 1561 O O   . HOH H 4 .  ? -11.001 -2.193  0.826   1.00 34.78 ? 506 HOH B O   1 
HETATM 1562 O O   . HOH H 4 .  ? 8.705   -15.028 -10.112 1.00 49.40 ? 507 HOH B O   1 
HETATM 1563 O O   . HOH H 4 .  ? -6.389  12.601  -9.196  1.00 31.84 ? 508 HOH B O   1 
HETATM 1564 O O   . HOH H 4 .  ? -12.410 11.307  -2.503  0.50 75.04 ? 509 HOH B O   1 
HETATM 1565 O O   . HOH H 4 .  ? -9.931  -11.128 -19.956 1.00 50.89 ? 510 HOH B O   1 
HETATM 1566 O O   . HOH H 4 .  ? -13.871 12.358  -6.222  1.00 54.64 ? 511 HOH B O   1 
HETATM 1567 O O   . HOH H 4 .  ? -10.794 9.180   -4.114  1.00 62.58 ? 512 HOH B O   1 
HETATM 1568 O O   . HOH H 4 .  ? -17.117 2.410   5.885   1.00 58.55 ? 513 HOH B O   1 
HETATM 1569 O O   . HOH H 4 .  ? -8.656  3.661   -28.300 1.00 54.40 ? 514 HOH B O   1 
HETATM 1570 O O   . HOH H 4 .  ? 1.498   10.757  1.643   1.00 49.10 ? 515 HOH B O   1 
HETATM 1571 O O   . HOH H 4 .  ? -15.620 -6.328  5.638   1.00 63.94 ? 516 HOH B O   1 
HETATM 1572 O O   . HOH H 4 .  ? -15.872 7.963   -15.147 1.00 53.87 ? 517 HOH B O   1 
HETATM 1573 O O   . HOH H 4 .  ? -6.402  -5.362  4.802   1.00 38.66 ? 518 HOH B O   1 
HETATM 1574 O O   . HOH H 4 .  ? 5.021   -4.962  -0.270  1.00 59.46 ? 519 HOH B O   1 
HETATM 1575 O O   . HOH H 4 .  ? 15.200  -17.726 -12.343 1.00 46.98 ? 520 HOH B O   1 
HETATM 1576 O O   . HOH H 4 .  ? -10.233 -9.057  14.505  1.00 59.67 ? 521 HOH B O   1 
HETATM 1577 O O   . HOH H 4 .  ? 9.909   -14.825 -17.234 1.00 53.32 ? 522 HOH B O   1 
HETATM 1578 O O   . HOH H 4 .  ? -5.904  4.218   -4.953  1.00 59.21 ? 523 HOH B O   1 
HETATM 1579 O O   . HOH H 4 .  ? -12.241 -7.349  -9.041  1.00 32.05 ? 524 HOH B O   1 
HETATM 1580 O O   . HOH H 4 .  ? 10.556  -17.981 -22.531 1.00 55.76 ? 525 HOH B O   1 
HETATM 1581 O O   . HOH H 4 .  ? 12.541  -13.391 -22.135 1.00 58.18 ? 526 HOH B O   1 
HETATM 1582 O O   . HOH H 4 .  ? 4.755   -1.770  -23.762 1.00 63.14 ? 527 HOH B O   1 
HETATM 1583 O O   . HOH H 4 .  ? 13.309  -14.728 -17.641 1.00 57.19 ? 528 HOH B O   1 
HETATM 1584 O O   . HOH H 4 .  ? 5.220   -19.169 -17.465 1.00 51.98 ? 529 HOH B O   1 
HETATM 1585 O O   . HOH H 4 .  ? -8.686  -10.441 -22.331 1.00 59.70 ? 530 HOH B O   1 
HETATM 1586 O O   . HOH H 4 .  ? 3.319   0.713   -23.755 1.00 68.16 ? 531 HOH B O   1 
HETATM 1587 O O   . HOH H 4 .  ? -0.676  14.183  -13.898 1.00 58.91 ? 532 HOH B O   1 
HETATM 1588 O O   . HOH H 4 .  ? -7.773  -11.327 9.266   1.00 65.76 ? 533 HOH B O   1 
HETATM 1589 O O   . HOH H 4 .  ? -9.534  -11.645 11.057  1.00 72.63 ? 534 HOH B O   1 
HETATM 1590 O O   . HOH H 4 .  ? 6.836   9.790   3.778   1.00 64.87 ? 535 HOH B O   1 
HETATM 1591 O O   . HOH H 4 .  ? 9.026   11.719  4.012   1.00 58.36 ? 536 HOH B O   1 
HETATM 1592 O O   . HOH H 4 .  ? -2.427  11.651  -0.222  1.00 48.53 ? 537 HOH B O   1 
# 
